data_4G4W
# 
_entry.id   4G4W 
# 
_audit_conform.dict_name       mmcif_pdbx.dic 
_audit_conform.dict_version    5.388 
_audit_conform.dict_location   http://mmcif.pdb.org/dictionaries/ascii/mmcif_pdbx.dic 
# 
loop_
_database_2.database_id 
_database_2.database_code 
_database_2.pdbx_database_accession 
_database_2.pdbx_DOI 
PDB   4G4W         pdb_00004g4w 10.2210/pdb4g4w/pdb 
RCSB  RCSB073741   ?            ?                   
WWPDB D_1000073741 ?            ?                   
# 
loop_
_pdbx_audit_revision_history.ordinal 
_pdbx_audit_revision_history.data_content_type 
_pdbx_audit_revision_history.major_revision 
_pdbx_audit_revision_history.minor_revision 
_pdbx_audit_revision_history.revision_date 
1 'Structure model' 1 0 2013-07-24 
2 'Structure model' 1 1 2017-11-15 
3 'Structure model' 1 2 2024-03-20 
# 
_pdbx_audit_revision_details.ordinal             1 
_pdbx_audit_revision_details.revision_ordinal    1 
_pdbx_audit_revision_details.data_content_type   'Structure model' 
_pdbx_audit_revision_details.provider            repository 
_pdbx_audit_revision_details.type                'Initial release' 
_pdbx_audit_revision_details.description         ? 
_pdbx_audit_revision_details.details             ? 
# 
loop_
_pdbx_audit_revision_group.ordinal 
_pdbx_audit_revision_group.revision_ordinal 
_pdbx_audit_revision_group.data_content_type 
_pdbx_audit_revision_group.group 
1 2 'Structure model' 'Refinement description' 
2 3 'Structure model' 'Data collection'        
3 3 'Structure model' 'Database references'    
4 3 'Structure model' 'Derived calculations'   
# 
loop_
_pdbx_audit_revision_category.ordinal 
_pdbx_audit_revision_category.revision_ordinal 
_pdbx_audit_revision_category.data_content_type 
_pdbx_audit_revision_category.category 
1 2 'Structure model' software           
2 3 'Structure model' chem_comp_atom     
3 3 'Structure model' chem_comp_bond     
4 3 'Structure model' database_2         
5 3 'Structure model' struct_ref_seq_dif 
6 3 'Structure model' struct_site        
# 
loop_
_pdbx_audit_revision_item.ordinal 
_pdbx_audit_revision_item.revision_ordinal 
_pdbx_audit_revision_item.data_content_type 
_pdbx_audit_revision_item.item 
1 2 'Structure model' '_software.classification'            
2 2 'Structure model' '_software.name'                      
3 3 'Structure model' '_database_2.pdbx_DOI'                
4 3 'Structure model' '_database_2.pdbx_database_accession' 
5 3 'Structure model' '_struct_ref_seq_dif.details'         
6 3 'Structure model' '_struct_site.pdbx_auth_asym_id'      
7 3 'Structure model' '_struct_site.pdbx_auth_comp_id'      
8 3 'Structure model' '_struct_site.pdbx_auth_seq_id'       
# 
_pdbx_database_status.entry_id                        4G4W 
_pdbx_database_status.status_code                     REL 
_pdbx_database_status.methods_development_category    ? 
_pdbx_database_status.deposit_site                    RCSB 
_pdbx_database_status.process_site                    PDBJ 
_pdbx_database_status.recvd_initial_deposition_date   2012-07-16 
_pdbx_database_status.status_code_sf                  REL 
_pdbx_database_status.status_code_mr                  ? 
_pdbx_database_status.SG_entry                        ? 
_pdbx_database_status.status_code_cs                  ? 
_pdbx_database_status.pdb_format_compatible           Y 
_pdbx_database_status.status_code_nmr_data            ? 
# 
loop_
_pdbx_database_related.db_name 
_pdbx_database_related.db_id 
_pdbx_database_related.details 
_pdbx_database_related.content_type 
PDB 4G4V . unspecified 
PDB 4G4X . unspecified 
PDB 4G4Y . unspecified 
PDB 4G4Z . unspecified 
PDB 4G88 . unspecified 
# 
loop_
_audit_author.name 
_audit_author.pdbx_ordinal 
'Lee, W.C.'  1 
'Song, J.H.' 2 
'Park, J.S.' 3 
'Kim, H.Y.'  4 
# 
_citation.id                        primary 
_citation.title                     
;Enantiomer-dependent amino acid binding affinity of OmpA-like domains from Acinetobacter baumannii peptidoglycan-associated lipoprotein and OmpA
;
_citation.journal_abbrev            'to be published' 
_citation.journal_volume            ? 
_citation.page_first                ? 
_citation.page_last                 ? 
_citation.year                      ? 
_citation.journal_id_ASTM           ? 
_citation.country                   ? 
_citation.journal_id_ISSN           ? 
_citation.journal_id_CSD            0353 
_citation.book_publisher            ? 
_citation.pdbx_database_id_PubMed   ? 
_citation.pdbx_database_id_DOI      ? 
# 
loop_
_citation_author.citation_id 
_citation_author.name 
_citation_author.ordinal 
_citation_author.identifier_ORCID 
primary 'Lee, W.C.'  1 ? 
primary 'Park, J.S.' 2 ? 
primary 'Song, J.H.' 3 ? 
primary 'Kim, S.I.'  4 ? 
primary 'Lee, J.C.'  5 ? 
primary 'Cheong, J.' 6 ? 
primary 'Kim, H.Y.'  7 ? 
# 
loop_
_entity.id 
_entity.type 
_entity.src_method 
_entity.pdbx_description 
_entity.formula_weight 
_entity.pdbx_number_of_molecules 
_entity.pdbx_ec 
_entity.pdbx_mutation 
_entity.pdbx_fragment 
_entity.details 
1 polymer     man 'Peptidoglycan-associated lipoprotein' 12814.040 1  ? ? 'UNP residues 75-184' ? 
2 non-polymer syn ALANINE                                89.093    1  ? ? ?                     ? 
3 non-polymer syn 'SULFATE ION'                          96.063    2  ? ? ?                     ? 
4 non-polymer syn GLYCEROL                               92.094    1  ? ? ?                     ? 
5 water       nat water                                  18.015    78 ? ? ?                     ? 
# 
_entity_poly.entity_id                      1 
_entity_poly.type                           'polypeptide(L)' 
_entity_poly.nstd_linkage                   no 
_entity_poly.nstd_monomer                   no 
_entity_poly.pdbx_seq_one_letter_code       
;GSHMALAKRVVHFDYDSSDLSTEDYQTLQAHAQFLMANANSKVALTGHTDERGTREYNMALGERRAKAVQNYLITSGVNP
QQLEAVSYGKEAPVNPGHDESAWKENRRVEINYE
;
_entity_poly.pdbx_seq_one_letter_code_can   
;GSHMALAKRVVHFDYDSSDLSTEDYQTLQAHAQFLMANANSKVALTGHTDERGTREYNMALGERRAKAVQNYLITSGVNP
QQLEAVSYGKEAPVNPGHDESAWKENRRVEINYE
;
_entity_poly.pdbx_strand_id                 A 
_entity_poly.pdbx_target_identifier         ? 
# 
loop_
_pdbx_entity_nonpoly.entity_id 
_pdbx_entity_nonpoly.name 
_pdbx_entity_nonpoly.comp_id 
2 ALANINE       ALA 
3 'SULFATE ION' SO4 
4 GLYCEROL      GOL 
5 water         HOH 
# 
loop_
_entity_poly_seq.entity_id 
_entity_poly_seq.num 
_entity_poly_seq.mon_id 
_entity_poly_seq.hetero 
1 1   GLY n 
1 2   SER n 
1 3   HIS n 
1 4   MET n 
1 5   ALA n 
1 6   LEU n 
1 7   ALA n 
1 8   LYS n 
1 9   ARG n 
1 10  VAL n 
1 11  VAL n 
1 12  HIS n 
1 13  PHE n 
1 14  ASP n 
1 15  TYR n 
1 16  ASP n 
1 17  SER n 
1 18  SER n 
1 19  ASP n 
1 20  LEU n 
1 21  SER n 
1 22  THR n 
1 23  GLU n 
1 24  ASP n 
1 25  TYR n 
1 26  GLN n 
1 27  THR n 
1 28  LEU n 
1 29  GLN n 
1 30  ALA n 
1 31  HIS n 
1 32  ALA n 
1 33  GLN n 
1 34  PHE n 
1 35  LEU n 
1 36  MET n 
1 37  ALA n 
1 38  ASN n 
1 39  ALA n 
1 40  ASN n 
1 41  SER n 
1 42  LYS n 
1 43  VAL n 
1 44  ALA n 
1 45  LEU n 
1 46  THR n 
1 47  GLY n 
1 48  HIS n 
1 49  THR n 
1 50  ASP n 
1 51  GLU n 
1 52  ARG n 
1 53  GLY n 
1 54  THR n 
1 55  ARG n 
1 56  GLU n 
1 57  TYR n 
1 58  ASN n 
1 59  MET n 
1 60  ALA n 
1 61  LEU n 
1 62  GLY n 
1 63  GLU n 
1 64  ARG n 
1 65  ARG n 
1 66  ALA n 
1 67  LYS n 
1 68  ALA n 
1 69  VAL n 
1 70  GLN n 
1 71  ASN n 
1 72  TYR n 
1 73  LEU n 
1 74  ILE n 
1 75  THR n 
1 76  SER n 
1 77  GLY n 
1 78  VAL n 
1 79  ASN n 
1 80  PRO n 
1 81  GLN n 
1 82  GLN n 
1 83  LEU n 
1 84  GLU n 
1 85  ALA n 
1 86  VAL n 
1 87  SER n 
1 88  TYR n 
1 89  GLY n 
1 90  LYS n 
1 91  GLU n 
1 92  ALA n 
1 93  PRO n 
1 94  VAL n 
1 95  ASN n 
1 96  PRO n 
1 97  GLY n 
1 98  HIS n 
1 99  ASP n 
1 100 GLU n 
1 101 SER n 
1 102 ALA n 
1 103 TRP n 
1 104 LYS n 
1 105 GLU n 
1 106 ASN n 
1 107 ARG n 
1 108 ARG n 
1 109 VAL n 
1 110 GLU n 
1 111 ILE n 
1 112 ASN n 
1 113 TYR n 
1 114 GLU n 
# 
_entity_src_gen.entity_id                          1 
_entity_src_gen.pdbx_src_id                        1 
_entity_src_gen.pdbx_alt_source_flag               sample 
_entity_src_gen.pdbx_seq_type                      ? 
_entity_src_gen.pdbx_beg_seq_num                   ? 
_entity_src_gen.pdbx_end_seq_num                   ? 
_entity_src_gen.gene_src_common_name               ? 
_entity_src_gen.gene_src_genus                     ? 
_entity_src_gen.pdbx_gene_src_gene                 'ABTW07_3009, pal' 
_entity_src_gen.gene_src_species                   ? 
_entity_src_gen.gene_src_strain                    TCDC-AB0715 
_entity_src_gen.gene_src_tissue                    ? 
_entity_src_gen.gene_src_tissue_fraction           ? 
_entity_src_gen.gene_src_details                   ? 
_entity_src_gen.pdbx_gene_src_fragment             ? 
_entity_src_gen.pdbx_gene_src_scientific_name      'Acinetobacter baumannii' 
_entity_src_gen.pdbx_gene_src_ncbi_taxonomy_id     980514 
_entity_src_gen.pdbx_gene_src_variant              ? 
_entity_src_gen.pdbx_gene_src_cell_line            ? 
_entity_src_gen.pdbx_gene_src_atcc                 ? 
_entity_src_gen.pdbx_gene_src_organ                ? 
_entity_src_gen.pdbx_gene_src_organelle            ? 
_entity_src_gen.pdbx_gene_src_cell                 ? 
_entity_src_gen.pdbx_gene_src_cellular_location    ? 
_entity_src_gen.host_org_common_name               ? 
_entity_src_gen.pdbx_host_org_scientific_name      'Escherichia coli' 
_entity_src_gen.pdbx_host_org_ncbi_taxonomy_id     562 
_entity_src_gen.host_org_genus                     ? 
_entity_src_gen.pdbx_host_org_gene                 ? 
_entity_src_gen.pdbx_host_org_organ                ? 
_entity_src_gen.host_org_species                   ? 
_entity_src_gen.pdbx_host_org_tissue               ? 
_entity_src_gen.pdbx_host_org_tissue_fraction      ? 
_entity_src_gen.pdbx_host_org_strain               'BL21(DE3)' 
_entity_src_gen.pdbx_host_org_variant              ? 
_entity_src_gen.pdbx_host_org_cell_line            ? 
_entity_src_gen.pdbx_host_org_atcc                 ? 
_entity_src_gen.pdbx_host_org_culture_collection   ? 
_entity_src_gen.pdbx_host_org_cell                 ? 
_entity_src_gen.pdbx_host_org_organelle            ? 
_entity_src_gen.pdbx_host_org_cellular_location    ? 
_entity_src_gen.pdbx_host_org_vector_type          plasmid 
_entity_src_gen.pdbx_host_org_vector               ? 
_entity_src_gen.host_org_details                   ? 
_entity_src_gen.expression_system_id               ? 
_entity_src_gen.plasmid_name                       pET28a 
_entity_src_gen.plasmid_details                    ? 
_entity_src_gen.pdbx_description                   ? 
# 
loop_
_chem_comp.id 
_chem_comp.type 
_chem_comp.mon_nstd_flag 
_chem_comp.name 
_chem_comp.pdbx_synonyms 
_chem_comp.formula 
_chem_comp.formula_weight 
ALA 'L-peptide linking' y ALANINE         ?                               'C3 H7 N O2'     89.093  
ARG 'L-peptide linking' y ARGININE        ?                               'C6 H15 N4 O2 1' 175.209 
ASN 'L-peptide linking' y ASPARAGINE      ?                               'C4 H8 N2 O3'    132.118 
ASP 'L-peptide linking' y 'ASPARTIC ACID' ?                               'C4 H7 N O4'     133.103 
GLN 'L-peptide linking' y GLUTAMINE       ?                               'C5 H10 N2 O3'   146.144 
GLU 'L-peptide linking' y 'GLUTAMIC ACID' ?                               'C5 H9 N O4'     147.129 
GLY 'peptide linking'   y GLYCINE         ?                               'C2 H5 N O2'     75.067  
GOL non-polymer         . GLYCEROL        'GLYCERIN; PROPANE-1,2,3-TRIOL' 'C3 H8 O3'       92.094  
HIS 'L-peptide linking' y HISTIDINE       ?                               'C6 H10 N3 O2 1' 156.162 
HOH non-polymer         . WATER           ?                               'H2 O'           18.015  
ILE 'L-peptide linking' y ISOLEUCINE      ?                               'C6 H13 N O2'    131.173 
LEU 'L-peptide linking' y LEUCINE         ?                               'C6 H13 N O2'    131.173 
LYS 'L-peptide linking' y LYSINE          ?                               'C6 H15 N2 O2 1' 147.195 
MET 'L-peptide linking' y METHIONINE      ?                               'C5 H11 N O2 S'  149.211 
PHE 'L-peptide linking' y PHENYLALANINE   ?                               'C9 H11 N O2'    165.189 
PRO 'L-peptide linking' y PROLINE         ?                               'C5 H9 N O2'     115.130 
SER 'L-peptide linking' y SERINE          ?                               'C3 H7 N O3'     105.093 
SO4 non-polymer         . 'SULFATE ION'   ?                               'O4 S -2'        96.063  
THR 'L-peptide linking' y THREONINE       ?                               'C4 H9 N O3'     119.119 
TRP 'L-peptide linking' y TRYPTOPHAN      ?                               'C11 H12 N2 O2'  204.225 
TYR 'L-peptide linking' y TYROSINE        ?                               'C9 H11 N O3'    181.189 
VAL 'L-peptide linking' y VALINE          ?                               'C5 H11 N O2'    117.146 
# 
loop_
_pdbx_poly_seq_scheme.asym_id 
_pdbx_poly_seq_scheme.entity_id 
_pdbx_poly_seq_scheme.seq_id 
_pdbx_poly_seq_scheme.mon_id 
_pdbx_poly_seq_scheme.ndb_seq_num 
_pdbx_poly_seq_scheme.pdb_seq_num 
_pdbx_poly_seq_scheme.auth_seq_num 
_pdbx_poly_seq_scheme.pdb_mon_id 
_pdbx_poly_seq_scheme.auth_mon_id 
_pdbx_poly_seq_scheme.pdb_strand_id 
_pdbx_poly_seq_scheme.pdb_ins_code 
_pdbx_poly_seq_scheme.hetero 
A 1 1   GLY 1   71  ?   ?   ?   A . n 
A 1 2   SER 2   72  ?   ?   ?   A . n 
A 1 3   HIS 3   73  ?   ?   ?   A . n 
A 1 4   MET 4   74  ?   ?   ?   A . n 
A 1 5   ALA 5   75  ?   ?   ?   A . n 
A 1 6   LEU 6   76  ?   ?   ?   A . n 
A 1 7   ALA 7   77  77  ALA ALA A . n 
A 1 8   LYS 8   78  78  LYS LYS A . n 
A 1 9   ARG 9   79  79  ARG ARG A . n 
A 1 10  VAL 10  80  80  VAL VAL A . n 
A 1 11  VAL 11  81  81  VAL VAL A . n 
A 1 12  HIS 12  82  82  HIS HIS A . n 
A 1 13  PHE 13  83  83  PHE PHE A . n 
A 1 14  ASP 14  84  84  ASP ASP A . n 
A 1 15  TYR 15  85  85  TYR TYR A . n 
A 1 16  ASP 16  86  86  ASP ASP A . n 
A 1 17  SER 17  87  87  SER SER A . n 
A 1 18  SER 18  88  88  SER SER A . n 
A 1 19  ASP 19  89  89  ASP ASP A . n 
A 1 20  LEU 20  90  90  LEU LEU A . n 
A 1 21  SER 21  91  91  SER SER A . n 
A 1 22  THR 22  92  92  THR THR A . n 
A 1 23  GLU 23  93  93  GLU GLU A . n 
A 1 24  ASP 24  94  94  ASP ASP A . n 
A 1 25  TYR 25  95  95  TYR TYR A . n 
A 1 26  GLN 26  96  96  GLN GLN A . n 
A 1 27  THR 27  97  97  THR THR A . n 
A 1 28  LEU 28  98  98  LEU LEU A . n 
A 1 29  GLN 29  99  99  GLN GLN A . n 
A 1 30  ALA 30  100 100 ALA ALA A . n 
A 1 31  HIS 31  101 101 HIS HIS A . n 
A 1 32  ALA 32  102 102 ALA ALA A . n 
A 1 33  GLN 33  103 103 GLN GLN A . n 
A 1 34  PHE 34  104 104 PHE PHE A . n 
A 1 35  LEU 35  105 105 LEU LEU A . n 
A 1 36  MET 36  106 106 MET MET A . n 
A 1 37  ALA 37  107 107 ALA ALA A . n 
A 1 38  ASN 38  108 108 ASN ASN A . n 
A 1 39  ALA 39  109 109 ALA ALA A . n 
A 1 40  ASN 40  110 110 ASN ASN A . n 
A 1 41  SER 41  111 111 SER SER A . n 
A 1 42  LYS 42  112 112 LYS LYS A . n 
A 1 43  VAL 43  113 113 VAL VAL A . n 
A 1 44  ALA 44  114 114 ALA ALA A . n 
A 1 45  LEU 45  115 115 LEU LEU A . n 
A 1 46  THR 46  116 116 THR THR A . n 
A 1 47  GLY 47  117 117 GLY GLY A . n 
A 1 48  HIS 48  118 118 HIS HIS A . n 
A 1 49  THR 49  119 119 THR THR A . n 
A 1 50  ASP 50  120 120 ASP ASP A . n 
A 1 51  GLU 51  121 121 GLU GLU A . n 
A 1 52  ARG 52  122 122 ARG ARG A . n 
A 1 53  GLY 53  123 123 GLY GLY A . n 
A 1 54  THR 54  124 124 THR THR A . n 
A 1 55  ARG 55  125 125 ARG ARG A . n 
A 1 56  GLU 56  126 126 GLU GLU A . n 
A 1 57  TYR 57  127 127 TYR TYR A . n 
A 1 58  ASN 58  128 128 ASN ASN A . n 
A 1 59  MET 59  129 129 MET MET A . n 
A 1 60  ALA 60  130 130 ALA ALA A . n 
A 1 61  LEU 61  131 131 LEU LEU A . n 
A 1 62  GLY 62  132 132 GLY GLY A . n 
A 1 63  GLU 63  133 133 GLU GLU A . n 
A 1 64  ARG 64  134 134 ARG ARG A . n 
A 1 65  ARG 65  135 135 ARG ARG A . n 
A 1 66  ALA 66  136 136 ALA ALA A . n 
A 1 67  LYS 67  137 137 LYS LYS A . n 
A 1 68  ALA 68  138 138 ALA ALA A . n 
A 1 69  VAL 69  139 139 VAL VAL A . n 
A 1 70  GLN 70  140 140 GLN GLN A . n 
A 1 71  ASN 71  141 141 ASN ASN A . n 
A 1 72  TYR 72  142 142 TYR TYR A . n 
A 1 73  LEU 73  143 143 LEU LEU A . n 
A 1 74  ILE 74  144 144 ILE ILE A . n 
A 1 75  THR 75  145 145 THR THR A . n 
A 1 76  SER 76  146 146 SER SER A . n 
A 1 77  GLY 77  147 147 GLY GLY A . n 
A 1 78  VAL 78  148 148 VAL VAL A . n 
A 1 79  ASN 79  149 149 ASN ASN A . n 
A 1 80  PRO 80  150 150 PRO PRO A . n 
A 1 81  GLN 81  151 151 GLN GLN A . n 
A 1 82  GLN 82  152 152 GLN GLN A . n 
A 1 83  LEU 83  153 153 LEU LEU A . n 
A 1 84  GLU 84  154 154 GLU GLU A . n 
A 1 85  ALA 85  155 155 ALA ALA A . n 
A 1 86  VAL 86  156 156 VAL VAL A . n 
A 1 87  SER 87  157 157 SER SER A . n 
A 1 88  TYR 88  158 158 TYR TYR A . n 
A 1 89  GLY 89  159 159 GLY GLY A . n 
A 1 90  LYS 90  160 160 LYS LYS A . n 
A 1 91  GLU 91  161 161 GLU GLU A . n 
A 1 92  ALA 92  162 162 ALA ALA A . n 
A 1 93  PRO 93  163 163 PRO PRO A . n 
A 1 94  VAL 94  164 164 VAL VAL A . n 
A 1 95  ASN 95  165 165 ASN ASN A . n 
A 1 96  PRO 96  166 166 PRO PRO A . n 
A 1 97  GLY 97  167 167 GLY GLY A . n 
A 1 98  HIS 98  168 168 HIS HIS A . n 
A 1 99  ASP 99  169 169 ASP ASP A . n 
A 1 100 GLU 100 170 170 GLU GLU A . n 
A 1 101 SER 101 171 171 SER SER A . n 
A 1 102 ALA 102 172 172 ALA ALA A . n 
A 1 103 TRP 103 173 173 TRP TRP A . n 
A 1 104 LYS 104 174 174 LYS LYS A . n 
A 1 105 GLU 105 175 175 GLU GLU A . n 
A 1 106 ASN 106 176 176 ASN ASN A . n 
A 1 107 ARG 107 177 177 ARG ARG A . n 
A 1 108 ARG 108 178 178 ARG ARG A . n 
A 1 109 VAL 109 179 179 VAL VAL A . n 
A 1 110 GLU 110 180 180 GLU GLU A . n 
A 1 111 ILE 111 181 181 ILE ILE A . n 
A 1 112 ASN 112 182 182 ASN ASN A . n 
A 1 113 TYR 113 183 183 TYR TYR A . n 
A 1 114 GLU 114 184 184 GLU GLU A . n 
# 
loop_
_pdbx_nonpoly_scheme.asym_id 
_pdbx_nonpoly_scheme.entity_id 
_pdbx_nonpoly_scheme.mon_id 
_pdbx_nonpoly_scheme.ndb_seq_num 
_pdbx_nonpoly_scheme.pdb_seq_num 
_pdbx_nonpoly_scheme.auth_seq_num 
_pdbx_nonpoly_scheme.pdb_mon_id 
_pdbx_nonpoly_scheme.auth_mon_id 
_pdbx_nonpoly_scheme.pdb_strand_id 
_pdbx_nonpoly_scheme.pdb_ins_code 
B 2 ALA 1  201 201 ALA ALA A . 
C 3 SO4 1  202 301 SO4 SO4 A . 
D 3 SO4 1  203 302 SO4 SO4 A . 
E 4 GOL 1  204 402 GOL GOL A . 
F 5 HOH 1  301 3   HOH HOH A . 
F 5 HOH 2  302 4   HOH HOH A . 
F 5 HOH 3  303 5   HOH HOH A . 
F 5 HOH 4  304 6   HOH HOH A . 
F 5 HOH 5  305 8   HOH HOH A . 
F 5 HOH 6  306 9   HOH HOH A . 
F 5 HOH 7  307 10  HOH HOH A . 
F 5 HOH 8  308 11  HOH HOH A . 
F 5 HOH 9  309 12  HOH HOH A . 
F 5 HOH 10 310 13  HOH HOH A . 
F 5 HOH 11 311 14  HOH HOH A . 
F 5 HOH 12 312 16  HOH HOH A . 
F 5 HOH 13 313 17  HOH HOH A . 
F 5 HOH 14 314 18  HOH HOH A . 
F 5 HOH 15 315 19  HOH HOH A . 
F 5 HOH 16 316 20  HOH HOH A . 
F 5 HOH 17 317 21  HOH HOH A . 
F 5 HOH 18 318 22  HOH HOH A . 
F 5 HOH 19 319 23  HOH HOH A . 
F 5 HOH 20 320 24  HOH HOH A . 
F 5 HOH 21 321 25  HOH HOH A . 
F 5 HOH 22 322 26  HOH HOH A . 
F 5 HOH 23 323 27  HOH HOH A . 
F 5 HOH 24 324 29  HOH HOH A . 
F 5 HOH 25 325 30  HOH HOH A . 
F 5 HOH 26 326 31  HOH HOH A . 
F 5 HOH 27 327 32  HOH HOH A . 
F 5 HOH 28 328 34  HOH HOH A . 
F 5 HOH 29 329 36  HOH HOH A . 
F 5 HOH 30 330 37  HOH HOH A . 
F 5 HOH 31 331 38  HOH HOH A . 
F 5 HOH 32 332 39  HOH HOH A . 
F 5 HOH 33 333 40  HOH HOH A . 
F 5 HOH 34 334 41  HOH HOH A . 
F 5 HOH 35 335 42  HOH HOH A . 
F 5 HOH 36 336 43  HOH HOH A . 
F 5 HOH 37 337 46  HOH HOH A . 
F 5 HOH 38 338 47  HOH HOH A . 
F 5 HOH 39 339 50  HOH HOH A . 
F 5 HOH 40 340 51  HOH HOH A . 
F 5 HOH 41 341 52  HOH HOH A . 
F 5 HOH 42 342 53  HOH HOH A . 
F 5 HOH 43 343 54  HOH HOH A . 
F 5 HOH 44 344 55  HOH HOH A . 
F 5 HOH 45 345 57  HOH HOH A . 
F 5 HOH 46 346 58  HOH HOH A . 
F 5 HOH 47 347 61  HOH HOH A . 
F 5 HOH 48 348 62  HOH HOH A . 
F 5 HOH 49 349 63  HOH HOH A . 
F 5 HOH 50 350 66  HOH HOH A . 
F 5 HOH 51 351 68  HOH HOH A . 
F 5 HOH 52 352 72  HOH HOH A . 
F 5 HOH 53 353 76  HOH HOH A . 
F 5 HOH 54 354 77  HOH HOH A . 
F 5 HOH 55 355 85  HOH HOH A . 
F 5 HOH 56 356 88  HOH HOH A . 
F 5 HOH 57 357 89  HOH HOH A . 
F 5 HOH 58 358 90  HOH HOH A . 
F 5 HOH 59 359 91  HOH HOH A . 
F 5 HOH 60 360 92  HOH HOH A . 
F 5 HOH 61 361 93  HOH HOH A . 
F 5 HOH 62 362 94  HOH HOH A . 
F 5 HOH 63 363 95  HOH HOH A . 
F 5 HOH 64 364 96  HOH HOH A . 
F 5 HOH 65 365 97  HOH HOH A . 
F 5 HOH 66 366 98  HOH HOH A . 
F 5 HOH 67 367 99  HOH HOH A . 
F 5 HOH 68 368 100 HOH HOH A . 
F 5 HOH 69 369 101 HOH HOH A . 
F 5 HOH 70 370 102 HOH HOH A . 
F 5 HOH 71 371 103 HOH HOH A . 
F 5 HOH 72 372 104 HOH HOH A . 
F 5 HOH 73 373 105 HOH HOH A . 
F 5 HOH 74 374 106 HOH HOH A . 
F 5 HOH 75 375 107 HOH HOH A . 
F 5 HOH 76 376 108 HOH HOH A . 
F 5 HOH 77 377 109 HOH HOH A . 
F 5 HOH 78 378 110 HOH HOH A . 
# 
loop_
_software.pdbx_ordinal 
_software.name 
_software.version 
_software.date 
_software.type 
_software.contact_author 
_software.contact_author_email 
_software.classification 
_software.location 
_software.language 
_software.citation_id 
1 SCALEPACK   .    ?                program 'Zbyszek Otwinowski' hkl@hkl-xray.com         'data scaling'    
http://www.hkl-xray.com/                    ?          ? 
2 MOLREP      .    ?                program 'Alexei Vaguine'     alexei@ysbl.york.ac.uk   phasing           
http://www.ccp4.ac.uk/dist/html/molrep.html Fortran_77 ? 
3 CNS         .    ?                package 'Axel T. Brunger'    axel.brunger@yale.edu    refinement        http://cns-online.org/ 
Fortran_77 ? 
4 PDB_EXTRACT 3.11 'April 22, 2011' package PDB                  deposit@deposit.rcsb.org 'data extraction' 
http://sw-tools.pdb.org/apps/PDB_EXTRACT/   C++        ? 
5 SERGUI      .    ?                ?       ?                    ?                        'data collection' ? ?          ? 
# 
_cell.length_a           54.140 
_cell.length_b           54.140 
_cell.length_c           114.030 
_cell.angle_alpha        90.000 
_cell.angle_beta         90.000 
_cell.angle_gamma        90.000 
_cell.entry_id           4G4W 
_cell.pdbx_unique_axis   ? 
_cell.Z_PDB              8 
_cell.length_a_esd       ? 
_cell.length_b_esd       ? 
_cell.length_c_esd       ? 
_cell.angle_alpha_esd    ? 
_cell.angle_beta_esd     ? 
_cell.angle_gamma_esd    ? 
# 
_symmetry.space_group_name_H-M             'P 43 21 2' 
_symmetry.entry_id                         4G4W 
_symmetry.Int_Tables_number                96 
_symmetry.pdbx_full_space_group_name_H-M   ? 
_symmetry.cell_setting                     ? 
_symmetry.space_group_name_Hall            ? 
# 
_exptl.crystals_number   1 
_exptl.entry_id          4G4W 
_exptl.method            'X-RAY DIFFRACTION' 
# 
_exptl_crystal.id                    1 
_exptl_crystal.pdbx_mosaicity        ? 
_exptl_crystal.pdbx_mosaicity_esd    ? 
_exptl_crystal.density_Matthews      3.26 
_exptl_crystal.density_diffrn        ? 
_exptl_crystal.density_meas          ? 
_exptl_crystal.density_meas_temp     ? 
_exptl_crystal.density_percent_sol   62.27 
_exptl_crystal.size_max              ? 
_exptl_crystal.size_mid              ? 
_exptl_crystal.size_min              ? 
_exptl_crystal.size_rad              ? 
_exptl_crystal.description           ? 
_exptl_crystal.F_000                 ? 
_exptl_crystal.preparation           ? 
# 
_exptl_crystal_grow.crystal_id      1 
_exptl_crystal_grow.method          'VAPOR DIFFUSION' 
_exptl_crystal_grow.pH              4.2 
_exptl_crystal_grow.temp            293 
_exptl_crystal_grow.pdbx_details    '0.1M PHOSPHATE CITRATE, 1.4M NaH2PO4, 0.4M K2HPO4, pH 4.2, vapor diffusion, temperature 293K' 
_exptl_crystal_grow.temp_details    ? 
_exptl_crystal_grow.pdbx_pH_range   . 
# 
_diffrn.id                     1 
_diffrn.ambient_temp           100 
_diffrn.ambient_temp_details   ? 
_diffrn.crystal_id             1 
# 
_diffrn_detector.diffrn_id              1 
_diffrn_detector.detector               CCD 
_diffrn_detector.type                   'ADSC QUANTUM 270' 
_diffrn_detector.pdbx_collection_date   2011-07-03 
_diffrn_detector.details                ? 
# 
_diffrn_radiation.diffrn_id                        1 
_diffrn_radiation.pdbx_diffrn_protocol             'SINGLE WAVELENGTH' 
_diffrn_radiation.monochromator                    ? 
_diffrn_radiation.wavelength_id                    1 
_diffrn_radiation.pdbx_monochromatic_or_laue_m_l   M 
_diffrn_radiation.pdbx_scattering_type             x-ray 
# 
_diffrn_radiation_wavelength.id           1 
_diffrn_radiation_wavelength.wavelength   1.0 
_diffrn_radiation_wavelength.wt           1.0 
# 
_diffrn_source.diffrn_id                   1 
_diffrn_source.source                      SYNCHROTRON 
_diffrn_source.type                        'PHOTON FACTORY BEAMLINE BL-1A' 
_diffrn_source.pdbx_wavelength_list        1.0 
_diffrn_source.pdbx_wavelength             ? 
_diffrn_source.pdbx_synchrotron_site       'Photon Factory' 
_diffrn_source.pdbx_synchrotron_beamline   BL-1A 
# 
_reflns.entry_id                     4G4W 
_reflns.d_resolution_high            1.900 
_reflns.d_resolution_low             50.000 
_reflns.number_obs                   13980 
_reflns.pdbx_Rmerge_I_obs            0.083 
_reflns.pdbx_netI_over_sigmaI        15.900 
_reflns.pdbx_chi_squared             2.280 
_reflns.pdbx_redundancy              6.300 
_reflns.percent_possible_obs         98.700 
_reflns.observed_criterion_sigma_F   ? 
_reflns.observed_criterion_sigma_I   ? 
_reflns.number_all                   ? 
_reflns.pdbx_Rsym_value              ? 
_reflns.B_iso_Wilson_estimate        ? 
_reflns.R_free_details               ? 
_reflns.limit_h_max                  ? 
_reflns.limit_h_min                  ? 
_reflns.limit_k_max                  ? 
_reflns.limit_k_min                  ? 
_reflns.limit_l_max                  ? 
_reflns.limit_l_min                  ? 
_reflns.observed_criterion_F_max     ? 
_reflns.observed_criterion_F_min     ? 
_reflns.pdbx_scaling_rejects         ? 
_reflns.pdbx_ordinal                 1 
_reflns.pdbx_diffrn_id               1 
# 
loop_
_reflns_shell.d_res_high 
_reflns_shell.d_res_low 
_reflns_shell.number_measured_obs 
_reflns_shell.number_measured_all 
_reflns_shell.number_unique_obs 
_reflns_shell.pdbx_rejects 
_reflns_shell.Rmerge_I_obs 
_reflns_shell.meanI_over_sigI_obs 
_reflns_shell.pdbx_Rsym_value 
_reflns_shell.pdbx_chi_squared 
_reflns_shell.pdbx_redundancy 
_reflns_shell.percent_possible_obs 
_reflns_shell.pdbx_netI_over_sigmaI_obs 
_reflns_shell.number_possible 
_reflns_shell.number_unique_all 
_reflns_shell.Rmerge_F_all 
_reflns_shell.Rmerge_F_obs 
_reflns_shell.Rmerge_I_all 
_reflns_shell.meanI_over_sigI_all 
_reflns_shell.percent_possible_all 
_reflns_shell.pdbx_Rrim_I_all 
_reflns_shell.pdbx_Rpim_I_all 
_reflns_shell.pdbx_ordinal 
_reflns_shell.pdbx_diffrn_id 
1.900 1.970  ? ? ? ? 0.497 ? ? 1.104 5.500 ? ? ? 1351 ? ? ? ? 98.100 ? ? 1  1 
1.970 2.050  ? ? ? ? 0.401 ? ? 1.191 5.800 ? ? ? 1350 ? ? ? ? 98.300 ? ? 2  1 
2.050 2.140  ? ? ? ? 0.294 ? ? 1.421 6.000 ? ? ? 1361 ? ? ? ? 98.700 ? ? 3  1 
2.140 2.250  ? ? ? ? 0.215 ? ? 1.726 6.300 ? ? ? 1385 ? ? ? ? 98.500 ? ? 4  1 
2.250 2.390  ? ? ? ? 0.174 ? ? 1.864 6.400 ? ? ? 1370 ? ? ? ? 99.000 ? ? 5  1 
2.390 2.580  ? ? ? ? 0.134 ? ? 2.152 6.600 ? ? ? 1387 ? ? ? ? 99.100 ? ? 6  1 
2.580 2.840  ? ? ? ? 0.107 ? ? 2.438 6.800 ? ? ? 1386 ? ? ? ? 99.200 ? ? 7  1 
2.840 3.250  ? ? ? ? 0.078 ? ? 3.132 6.900 ? ? ? 1412 ? ? ? ? 99.300 ? ? 8  1 
3.250 4.090  ? ? ? ? 0.055 ? ? 3.584 6.900 ? ? ? 1440 ? ? ? ? 99.200 ? ? 9  1 
4.090 50.000 ? ? ? ? 0.044 ? ? 3.382 6.200 ? ? ? 1538 ? ? ? ? 97.200 ? ? 10 1 
# 
_refine.entry_id                                 4G4W 
_refine.ls_d_res_high                            1.9000 
_refine.ls_d_res_low                             50.0000 
_refine.pdbx_ls_sigma_F                          0.000 
_refine.pdbx_data_cutoff_high_absF               ? 
_refine.pdbx_data_cutoff_low_absF                ? 
_refine.ls_percent_reflns_obs                    98.9000 
_refine.ls_number_reflns_obs                     13902 
_refine.ls_number_reflns_all                     ? 
_refine.pdbx_ls_cross_valid_method               ? 
_refine.pdbx_R_Free_selection_details            ? 
_refine.details                                  ? 
_refine.ls_R_factor_all                          ? 
_refine.ls_R_factor_obs                          ? 
_refine.ls_R_factor_R_work                       0.2083 
_refine.ls_wR_factor_R_work                      ? 
_refine.ls_R_factor_R_free                       0.2290 
_refine.ls_wR_factor_R_free                      ? 
_refine.ls_percent_reflns_R_free                 5.0000 
_refine.ls_number_reflns_R_free                  699 
_refine.ls_R_factor_R_free_error                 ? 
_refine.B_iso_mean                               27.7602 
_refine.solvent_model_param_bsol                 41.9541 
_refine.solvent_model_param_ksol                 ? 
_refine.pdbx_isotropic_thermal_model             ? 
_refine.aniso_B[1][1]                            4.5790 
_refine.aniso_B[2][2]                            4.5790 
_refine.aniso_B[3][3]                            -9.1590 
_refine.aniso_B[1][2]                            0.0000 
_refine.aniso_B[1][3]                            0.0000 
_refine.aniso_B[2][3]                            0.0000 
_refine.correlation_coeff_Fo_to_Fc               ? 
_refine.correlation_coeff_Fo_to_Fc_free          ? 
_refine.overall_SU_R_Cruickshank_DPI             ? 
_refine.overall_SU_R_free                        ? 
_refine.pdbx_overall_ESU_R                       ? 
_refine.pdbx_overall_ESU_R_Free                  ? 
_refine.overall_SU_ML                            ? 
_refine.overall_SU_B                             ? 
_refine.solvent_model_details                    ? 
_refine.pdbx_solvent_vdw_probe_radii             ? 
_refine.pdbx_solvent_ion_probe_radii             ? 
_refine.pdbx_solvent_shrinkage_radii             ? 
_refine.ls_number_parameters                     ? 
_refine.ls_number_restraints                     ? 
_refine.pdbx_starting_model                      ? 
_refine.pdbx_method_to_determine_struct          'MOLECULAR REPLACEMENT' 
_refine.pdbx_stereochemistry_target_values       ? 
_refine.pdbx_stereochem_target_val_spec_case     ? 
_refine.overall_FOM_work_R_set                   ? 
_refine.B_iso_max                                63.110 
_refine.B_iso_min                                11.000 
_refine.pdbx_overall_phase_error                 ? 
_refine.occupancy_max                            1.000 
_refine.occupancy_min                            1.000 
_refine.pdbx_ls_sigma_I                          ? 
_refine.ls_redundancy_reflns_obs                 ? 
_refine.ls_R_factor_R_free_error_details         ? 
_refine.pdbx_data_cutoff_high_rms_absF           ? 
_refine.overall_FOM_free_R_set                   ? 
_refine.pdbx_diffrn_id                           1 
_refine.pdbx_refine_id                           'X-RAY DIFFRACTION' 
_refine.pdbx_TLS_residual_ADP_flag               ? 
_refine.pdbx_overall_SU_R_free_Cruickshank_DPI   ? 
_refine.pdbx_overall_SU_R_Blow_DPI               ? 
_refine.pdbx_overall_SU_R_free_Blow_DPI          ? 
# 
_refine_hist.pdbx_refine_id                   'X-RAY DIFFRACTION' 
_refine_hist.cycle_id                         LAST 
_refine_hist.pdbx_number_atoms_protein        859 
_refine_hist.pdbx_number_atoms_nucleic_acid   0 
_refine_hist.pdbx_number_atoms_ligand         22 
_refine_hist.number_atoms_solvent             78 
_refine_hist.number_atoms_total               959 
_refine_hist.d_res_high                       1.9000 
_refine_hist.d_res_low                        50.0000 
# 
loop_
_refine_ls_restr.type 
_refine_ls_restr.number 
_refine_ls_restr.dev_ideal 
_refine_ls_restr.dev_ideal_target 
_refine_ls_restr.weight 
_refine_ls_restr.pdbx_restraint_function 
_refine_ls_restr.pdbx_refine_id 
c_bond_d     ? 0.005 ?     ? ? 'X-RAY DIFFRACTION' 
c_angle_d    ? 1.180 ?     ? ? 'X-RAY DIFFRACTION' 
c_mcbond_it  ? 1.319 1.500 ? ? 'X-RAY DIFFRACTION' 
c_scbond_it  ? 2.411 2.000 ? ? 'X-RAY DIFFRACTION' 
c_mcangle_it ? 2.027 2.000 ? ? 'X-RAY DIFFRACTION' 
c_scangle_it ? 3.748 2.500 ? ? 'X-RAY DIFFRACTION' 
# 
loop_
_refine_ls_shell.d_res_high 
_refine_ls_shell.d_res_low 
_refine_ls_shell.pdbx_total_number_of_bins_used 
_refine_ls_shell.percent_reflns_obs 
_refine_ls_shell.number_reflns_R_work 
_refine_ls_shell.R_factor_all 
_refine_ls_shell.R_factor_R_work 
_refine_ls_shell.R_factor_R_free 
_refine_ls_shell.percent_reflns_R_free 
_refine_ls_shell.number_reflns_R_free 
_refine_ls_shell.R_factor_R_free_error 
_refine_ls_shell.number_reflns_all 
_refine_ls_shell.number_reflns_obs 
_refine_ls_shell.pdbx_refine_id 
_refine_ls_shell.redundancy_reflns_obs 
1.9000 1.9700  10 98.3000 1292 . 0.2774 0.2796 . 65 . 1357 . 'X-RAY DIFFRACTION' . 
1.9700 2.0500  10 98.5000 1264 . 0.2424 0.2492 . 70 . 1334 . 'X-RAY DIFFRACTION' . 
2.0500 2.1400  10 98.8000 1294 . 0.2191 0.2576 . 70 . 1364 . 'X-RAY DIFFRACTION' . 
2.1400 2.2500  10 98.7000 1306 . 0.1909 0.1818 . 63 . 1369 . 'X-RAY DIFFRACTION' . 
2.2500 2.3900  10 99.1000 1295 . 0.2110 0.2554 . 55 . 1350 . 'X-RAY DIFFRACTION' . 
2.3900 2.5800  10 99.4000 1329 . 0.1922 0.1852 . 72 . 1401 . 'X-RAY DIFFRACTION' . 
2.5800 2.8400  10 99.4000 1301 . 0.2185 0.2516 . 74 . 1375 . 'X-RAY DIFFRACTION' . 
2.8400 3.2500  10 99.5000 1319 . 0.2092 0.2676 . 82 . 1401 . 'X-RAY DIFFRACTION' . 
3.2500 4.0900  10 99.7000 1363 . 0.1869 0.1997 . 70 . 1433 . 'X-RAY DIFFRACTION' . 
4.0900 50.0000 10 98.0000 1440 . 0.2115 0.2241 . 78 . 1518 . 'X-RAY DIFFRACTION' . 
# 
loop_
_pdbx_xplor_file.pdbx_refine_id 
_pdbx_xplor_file.serial_no 
_pdbx_xplor_file.param_file 
_pdbx_xplor_file.topol_file 
'X-RAY DIFFRACTION' 1 protein_rep.param  protein.top      
'X-RAY DIFFRACTION' 2 dna-rna_rep.param  dna-rna.top      
'X-RAY DIFFRACTION' 3 water_rep.param    water.top        
'X-RAY DIFFRACTION' 4 ion.param          ion.top          
'X-RAY DIFFRACTION' 5 carbohydrate.param carbohydrate.top 
'X-RAY DIFFRACTION' 6 SO4.param          SO4.top          
'X-RAY DIFFRACTION' 7 GOL.param          GOL.top          
# 
_struct.entry_id                  4G4W 
_struct.title                     'Crystal structure of peptidoglycan-associated lipoprotein from Acinetobacter baumannii' 
_struct.pdbx_model_details        ? 
_struct.pdbx_CASP_flag            ? 
_struct.pdbx_model_type_details   ? 
# 
_struct_keywords.entry_id        4G4W 
_struct_keywords.text            'OmpA-like domain, MEMBRANE PROTEIN, PEPTIDE BINDING PROTEIN' 
_struct_keywords.pdbx_keywords   'PEPTIDE BINDING PROTEIN' 
# 
loop_
_struct_asym.id 
_struct_asym.pdbx_blank_PDB_chainid_flag 
_struct_asym.pdbx_modified 
_struct_asym.entity_id 
_struct_asym.details 
A N N 1 ? 
B N N 2 ? 
C N N 3 ? 
D N N 3 ? 
E N N 4 ? 
F N N 5 ? 
# 
_struct_ref.id                         1 
_struct_ref.db_name                    UNP 
_struct_ref.db_code                    F0QP95_ACIBD 
_struct_ref.pdbx_db_accession          F0QP95 
_struct_ref.entity_id                  1 
_struct_ref.pdbx_seq_one_letter_code   
;ALAKRVVHFDYDSSDLSTEDYQTLQAHAQFLMANANSKVALTGHTDERGTREYNMALGERRAKAVQNYLITSGVNPQQLE
AVSYGKEAPVNPGHDESAWKENRRVEINYE
;
_struct_ref.pdbx_align_begin           75 
_struct_ref.pdbx_db_isoform            ? 
# 
_struct_ref_seq.align_id                      1 
_struct_ref_seq.ref_id                        1 
_struct_ref_seq.pdbx_PDB_id_code              4G4W 
_struct_ref_seq.pdbx_strand_id                A 
_struct_ref_seq.seq_align_beg                 5 
_struct_ref_seq.pdbx_seq_align_beg_ins_code   ? 
_struct_ref_seq.seq_align_end                 114 
_struct_ref_seq.pdbx_seq_align_end_ins_code   ? 
_struct_ref_seq.pdbx_db_accession             F0QP95 
_struct_ref_seq.db_align_beg                  75 
_struct_ref_seq.pdbx_db_align_beg_ins_code    ? 
_struct_ref_seq.db_align_end                  184 
_struct_ref_seq.pdbx_db_align_end_ins_code    ? 
_struct_ref_seq.pdbx_auth_seq_align_beg       75 
_struct_ref_seq.pdbx_auth_seq_align_end       184 
# 
loop_
_struct_ref_seq_dif.align_id 
_struct_ref_seq_dif.pdbx_pdb_id_code 
_struct_ref_seq_dif.mon_id 
_struct_ref_seq_dif.pdbx_pdb_strand_id 
_struct_ref_seq_dif.seq_num 
_struct_ref_seq_dif.pdbx_pdb_ins_code 
_struct_ref_seq_dif.pdbx_seq_db_name 
_struct_ref_seq_dif.pdbx_seq_db_accession_code 
_struct_ref_seq_dif.db_mon_id 
_struct_ref_seq_dif.pdbx_seq_db_seq_num 
_struct_ref_seq_dif.details 
_struct_ref_seq_dif.pdbx_auth_seq_num 
_struct_ref_seq_dif.pdbx_ordinal 
1 4G4W GLY A 1 ? UNP F0QP95 ? ? 'expression tag' 71 1 
1 4G4W SER A 2 ? UNP F0QP95 ? ? 'expression tag' 72 2 
1 4G4W HIS A 3 ? UNP F0QP95 ? ? 'expression tag' 73 3 
1 4G4W MET A 4 ? UNP F0QP95 ? ? 'expression tag' 74 4 
# 
_pdbx_struct_assembly.id                   1 
_pdbx_struct_assembly.details              author_and_software_defined_assembly 
_pdbx_struct_assembly.method_details       PISA 
_pdbx_struct_assembly.oligomeric_details   monomeric 
_pdbx_struct_assembly.oligomeric_count     1 
# 
_pdbx_struct_assembly_gen.assembly_id       1 
_pdbx_struct_assembly_gen.oper_expression   1 
_pdbx_struct_assembly_gen.asym_id_list      A,B,C,D,E,F 
# 
_pdbx_struct_oper_list.id                   1 
_pdbx_struct_oper_list.type                 'identity operation' 
_pdbx_struct_oper_list.name                 1_555 
_pdbx_struct_oper_list.symmetry_operation   x,y,z 
_pdbx_struct_oper_list.matrix[1][1]         1.0000000000 
_pdbx_struct_oper_list.matrix[1][2]         0.0000000000 
_pdbx_struct_oper_list.matrix[1][3]         0.0000000000 
_pdbx_struct_oper_list.vector[1]            0.0000000000 
_pdbx_struct_oper_list.matrix[2][1]         0.0000000000 
_pdbx_struct_oper_list.matrix[2][2]         1.0000000000 
_pdbx_struct_oper_list.matrix[2][3]         0.0000000000 
_pdbx_struct_oper_list.vector[2]            0.0000000000 
_pdbx_struct_oper_list.matrix[3][1]         0.0000000000 
_pdbx_struct_oper_list.matrix[3][2]         0.0000000000 
_pdbx_struct_oper_list.matrix[3][3]         1.0000000000 
_pdbx_struct_oper_list.vector[3]            0.0000000000 
# 
_struct_biol.id        1 
_struct_biol.details   ? 
# 
loop_
_struct_conf.conf_type_id 
_struct_conf.id 
_struct_conf.pdbx_PDB_helix_id 
_struct_conf.beg_label_comp_id 
_struct_conf.beg_label_asym_id 
_struct_conf.beg_label_seq_id 
_struct_conf.pdbx_beg_PDB_ins_code 
_struct_conf.end_label_comp_id 
_struct_conf.end_label_asym_id 
_struct_conf.end_label_seq_id 
_struct_conf.pdbx_end_PDB_ins_code 
_struct_conf.beg_auth_comp_id 
_struct_conf.beg_auth_asym_id 
_struct_conf.beg_auth_seq_id 
_struct_conf.end_auth_comp_id 
_struct_conf.end_auth_asym_id 
_struct_conf.end_auth_seq_id 
_struct_conf.pdbx_PDB_helix_class 
_struct_conf.details 
_struct_conf.pdbx_PDB_helix_length 
HELX_P HELX_P1 1 SER A 21 ? ASN A 38  ? SER A 91  ASN A 108 1 ? 18 
HELX_P HELX_P2 2 THR A 54 ? SER A 76  ? THR A 124 SER A 146 1 ? 23 
HELX_P HELX_P3 3 ASN A 79 ? GLN A 81  ? ASN A 149 GLN A 151 5 ? 3  
HELX_P HELX_P4 4 ASP A 99 ? ARG A 107 ? ASP A 169 ARG A 177 1 ? 9  
# 
_struct_conf_type.id          HELX_P 
_struct_conf_type.criteria    ? 
_struct_conf_type.reference   ? 
# 
_struct_sheet.id               A 
_struct_sheet.type             ? 
_struct_sheet.number_strands   4 
_struct_sheet.details          ? 
# 
loop_
_struct_sheet_order.sheet_id 
_struct_sheet_order.range_id_1 
_struct_sheet_order.range_id_2 
_struct_sheet_order.offset 
_struct_sheet_order.sense 
A 1 2 ? anti-parallel 
A 2 3 ? anti-parallel 
A 3 4 ? parallel      
# 
loop_
_struct_sheet_range.sheet_id 
_struct_sheet_range.id 
_struct_sheet_range.beg_label_comp_id 
_struct_sheet_range.beg_label_asym_id 
_struct_sheet_range.beg_label_seq_id 
_struct_sheet_range.pdbx_beg_PDB_ins_code 
_struct_sheet_range.end_label_comp_id 
_struct_sheet_range.end_label_asym_id 
_struct_sheet_range.end_label_seq_id 
_struct_sheet_range.pdbx_end_PDB_ins_code 
_struct_sheet_range.beg_auth_comp_id 
_struct_sheet_range.beg_auth_asym_id 
_struct_sheet_range.beg_auth_seq_id 
_struct_sheet_range.end_auth_comp_id 
_struct_sheet_range.end_auth_asym_id 
_struct_sheet_range.end_auth_seq_id 
A 1 VAL A 10  ? HIS A 12  ? VAL A 80  HIS A 82  
A 2 ARG A 108 ? TYR A 113 ? ARG A 178 TYR A 183 
A 3 VAL A 43  ? HIS A 48  ? VAL A 113 HIS A 118 
A 4 LEU A 83  ? GLY A 89  ? LEU A 153 GLY A 159 
# 
loop_
_pdbx_struct_sheet_hbond.sheet_id 
_pdbx_struct_sheet_hbond.range_id_1 
_pdbx_struct_sheet_hbond.range_id_2 
_pdbx_struct_sheet_hbond.range_1_label_atom_id 
_pdbx_struct_sheet_hbond.range_1_label_comp_id 
_pdbx_struct_sheet_hbond.range_1_label_asym_id 
_pdbx_struct_sheet_hbond.range_1_label_seq_id 
_pdbx_struct_sheet_hbond.range_1_PDB_ins_code 
_pdbx_struct_sheet_hbond.range_1_auth_atom_id 
_pdbx_struct_sheet_hbond.range_1_auth_comp_id 
_pdbx_struct_sheet_hbond.range_1_auth_asym_id 
_pdbx_struct_sheet_hbond.range_1_auth_seq_id 
_pdbx_struct_sheet_hbond.range_2_label_atom_id 
_pdbx_struct_sheet_hbond.range_2_label_comp_id 
_pdbx_struct_sheet_hbond.range_2_label_asym_id 
_pdbx_struct_sheet_hbond.range_2_label_seq_id 
_pdbx_struct_sheet_hbond.range_2_PDB_ins_code 
_pdbx_struct_sheet_hbond.range_2_auth_atom_id 
_pdbx_struct_sheet_hbond.range_2_auth_comp_id 
_pdbx_struct_sheet_hbond.range_2_auth_asym_id 
_pdbx_struct_sheet_hbond.range_2_auth_seq_id 
A 1 2 N VAL A 11  ? N VAL A 81  O VAL A 109 ? O VAL A 179 
A 2 3 O ASN A 112 ? O ASN A 182 N ALA A 44  ? N ALA A 114 
A 3 4 N LEU A 45  ? N LEU A 115 O GLU A 84  ? O GLU A 154 
# 
loop_
_struct_site.id 
_struct_site.pdbx_evidence_code 
_struct_site.pdbx_auth_asym_id 
_struct_site.pdbx_auth_comp_id 
_struct_site.pdbx_auth_seq_id 
_struct_site.pdbx_auth_ins_code 
_struct_site.pdbx_num_residues 
_struct_site.details 
AC1 Software A ALA 201 ? 10 'BINDING SITE FOR RESIDUE ALA A 201' 
AC2 Software A SO4 202 ? 7  'BINDING SITE FOR RESIDUE SO4 A 202' 
AC3 Software A SO4 203 ? 3  'BINDING SITE FOR RESIDUE SO4 A 203' 
AC4 Software A GOL 204 ? 4  'BINDING SITE FOR RESIDUE GOL A 204' 
# 
loop_
_struct_site_gen.id 
_struct_site_gen.site_id 
_struct_site_gen.pdbx_num_res 
_struct_site_gen.label_comp_id 
_struct_site_gen.label_asym_id 
_struct_site_gen.label_seq_id 
_struct_site_gen.pdbx_auth_ins_code 
_struct_site_gen.auth_comp_id 
_struct_site_gen.auth_asym_id 
_struct_site_gen.auth_seq_id 
_struct_site_gen.label_atom_id 
_struct_site_gen.label_alt_id 
_struct_site_gen.symmetry 
_struct_site_gen.details 
1  AC1 10 TYR A 15  ? TYR A 85  . ? 1_555 ? 
2  AC1 10 ASP A 16  ? ASP A 86  . ? 1_555 ? 
3  AC1 10 THR A 49  ? THR A 119 . ? 1_555 ? 
4  AC1 10 ASP A 50  ? ASP A 120 . ? 1_555 ? 
5  AC1 10 ARG A 52  ? ARG A 122 . ? 1_555 ? 
6  AC1 10 TYR A 57  ? TYR A 127 . ? 1_555 ? 
7  AC1 10 ASN A 58  ? ASN A 128 . ? 1_555 ? 
8  AC1 10 LEU A 61  ? LEU A 131 . ? 1_555 ? 
9  AC1 10 ARG A 65  ? ARG A 135 . ? 1_555 ? 
10 AC1 10 ARG A 107 ? ARG A 177 . ? 1_555 ? 
11 AC2 7  ARG A 52  ? ARG A 122 . ? 5_454 ? 
12 AC2 7  LYS A 67  ? LYS A 137 . ? 1_555 ? 
13 AC2 7  GLN A 70  ? GLN A 140 . ? 1_555 ? 
14 AC2 7  GLU A 100 ? GLU A 170 . ? 5_454 ? 
15 AC2 7  ARG A 107 ? ARG A 177 . ? 5_454 ? 
16 AC2 7  HOH F .   ? HOH A 309 . ? 5_454 ? 
17 AC2 7  HOH F .   ? HOH A 364 . ? 1_555 ? 
18 AC3 3  HIS A 12  ? HIS A 82  . ? 1_555 ? 
19 AC3 3  ASP A 24  ? ASP A 94  . ? 1_555 ? 
20 AC3 3  HOH F .   ? HOH A 345 . ? 1_555 ? 
21 AC4 4  THR A 54  ? THR A 124 . ? 1_555 ? 
22 AC4 4  ARG A 55  ? ARG A 125 . ? 1_555 ? 
23 AC4 4  GLU A 56  ? GLU A 126 . ? 1_555 ? 
24 AC4 4  HOH F .   ? HOH A 334 . ? 1_555 ? 
# 
_phasing.method   MR 
# 
loop_
_pdbx_unobs_or_zero_occ_residues.id 
_pdbx_unobs_or_zero_occ_residues.PDB_model_num 
_pdbx_unobs_or_zero_occ_residues.polymer_flag 
_pdbx_unobs_or_zero_occ_residues.occupancy_flag 
_pdbx_unobs_or_zero_occ_residues.auth_asym_id 
_pdbx_unobs_or_zero_occ_residues.auth_comp_id 
_pdbx_unobs_or_zero_occ_residues.auth_seq_id 
_pdbx_unobs_or_zero_occ_residues.PDB_ins_code 
_pdbx_unobs_or_zero_occ_residues.label_asym_id 
_pdbx_unobs_or_zero_occ_residues.label_comp_id 
_pdbx_unobs_or_zero_occ_residues.label_seq_id 
1 1 Y 1 A GLY 71 ? A GLY 1 
2 1 Y 1 A SER 72 ? A SER 2 
3 1 Y 1 A HIS 73 ? A HIS 3 
4 1 Y 1 A MET 74 ? A MET 4 
5 1 Y 1 A ALA 75 ? A ALA 5 
6 1 Y 1 A LEU 76 ? A LEU 6 
# 
loop_
_chem_comp_atom.comp_id 
_chem_comp_atom.atom_id 
_chem_comp_atom.type_symbol 
_chem_comp_atom.pdbx_aromatic_flag 
_chem_comp_atom.pdbx_stereo_config 
_chem_comp_atom.pdbx_ordinal 
ALA N    N N N 1   
ALA CA   C N S 2   
ALA C    C N N 3   
ALA O    O N N 4   
ALA CB   C N N 5   
ALA OXT  O N N 6   
ALA H    H N N 7   
ALA H2   H N N 8   
ALA HA   H N N 9   
ALA HB1  H N N 10  
ALA HB2  H N N 11  
ALA HB3  H N N 12  
ALA HXT  H N N 13  
ARG N    N N N 14  
ARG CA   C N S 15  
ARG C    C N N 16  
ARG O    O N N 17  
ARG CB   C N N 18  
ARG CG   C N N 19  
ARG CD   C N N 20  
ARG NE   N N N 21  
ARG CZ   C N N 22  
ARG NH1  N N N 23  
ARG NH2  N N N 24  
ARG OXT  O N N 25  
ARG H    H N N 26  
ARG H2   H N N 27  
ARG HA   H N N 28  
ARG HB2  H N N 29  
ARG HB3  H N N 30  
ARG HG2  H N N 31  
ARG HG3  H N N 32  
ARG HD2  H N N 33  
ARG HD3  H N N 34  
ARG HE   H N N 35  
ARG HH11 H N N 36  
ARG HH12 H N N 37  
ARG HH21 H N N 38  
ARG HH22 H N N 39  
ARG HXT  H N N 40  
ASN N    N N N 41  
ASN CA   C N S 42  
ASN C    C N N 43  
ASN O    O N N 44  
ASN CB   C N N 45  
ASN CG   C N N 46  
ASN OD1  O N N 47  
ASN ND2  N N N 48  
ASN OXT  O N N 49  
ASN H    H N N 50  
ASN H2   H N N 51  
ASN HA   H N N 52  
ASN HB2  H N N 53  
ASN HB3  H N N 54  
ASN HD21 H N N 55  
ASN HD22 H N N 56  
ASN HXT  H N N 57  
ASP N    N N N 58  
ASP CA   C N S 59  
ASP C    C N N 60  
ASP O    O N N 61  
ASP CB   C N N 62  
ASP CG   C N N 63  
ASP OD1  O N N 64  
ASP OD2  O N N 65  
ASP OXT  O N N 66  
ASP H    H N N 67  
ASP H2   H N N 68  
ASP HA   H N N 69  
ASP HB2  H N N 70  
ASP HB3  H N N 71  
ASP HD2  H N N 72  
ASP HXT  H N N 73  
GLN N    N N N 74  
GLN CA   C N S 75  
GLN C    C N N 76  
GLN O    O N N 77  
GLN CB   C N N 78  
GLN CG   C N N 79  
GLN CD   C N N 80  
GLN OE1  O N N 81  
GLN NE2  N N N 82  
GLN OXT  O N N 83  
GLN H    H N N 84  
GLN H2   H N N 85  
GLN HA   H N N 86  
GLN HB2  H N N 87  
GLN HB3  H N N 88  
GLN HG2  H N N 89  
GLN HG3  H N N 90  
GLN HE21 H N N 91  
GLN HE22 H N N 92  
GLN HXT  H N N 93  
GLU N    N N N 94  
GLU CA   C N S 95  
GLU C    C N N 96  
GLU O    O N N 97  
GLU CB   C N N 98  
GLU CG   C N N 99  
GLU CD   C N N 100 
GLU OE1  O N N 101 
GLU OE2  O N N 102 
GLU OXT  O N N 103 
GLU H    H N N 104 
GLU H2   H N N 105 
GLU HA   H N N 106 
GLU HB2  H N N 107 
GLU HB3  H N N 108 
GLU HG2  H N N 109 
GLU HG3  H N N 110 
GLU HE2  H N N 111 
GLU HXT  H N N 112 
GLY N    N N N 113 
GLY CA   C N N 114 
GLY C    C N N 115 
GLY O    O N N 116 
GLY OXT  O N N 117 
GLY H    H N N 118 
GLY H2   H N N 119 
GLY HA2  H N N 120 
GLY HA3  H N N 121 
GLY HXT  H N N 122 
GOL C1   C N N 123 
GOL O1   O N N 124 
GOL C2   C N N 125 
GOL O2   O N N 126 
GOL C3   C N N 127 
GOL O3   O N N 128 
GOL H11  H N N 129 
GOL H12  H N N 130 
GOL HO1  H N N 131 
GOL H2   H N N 132 
GOL HO2  H N N 133 
GOL H31  H N N 134 
GOL H32  H N N 135 
GOL HO3  H N N 136 
HIS N    N N N 137 
HIS CA   C N S 138 
HIS C    C N N 139 
HIS O    O N N 140 
HIS CB   C N N 141 
HIS CG   C Y N 142 
HIS ND1  N Y N 143 
HIS CD2  C Y N 144 
HIS CE1  C Y N 145 
HIS NE2  N Y N 146 
HIS OXT  O N N 147 
HIS H    H N N 148 
HIS H2   H N N 149 
HIS HA   H N N 150 
HIS HB2  H N N 151 
HIS HB3  H N N 152 
HIS HD1  H N N 153 
HIS HD2  H N N 154 
HIS HE1  H N N 155 
HIS HE2  H N N 156 
HIS HXT  H N N 157 
HOH O    O N N 158 
HOH H1   H N N 159 
HOH H2   H N N 160 
ILE N    N N N 161 
ILE CA   C N S 162 
ILE C    C N N 163 
ILE O    O N N 164 
ILE CB   C N S 165 
ILE CG1  C N N 166 
ILE CG2  C N N 167 
ILE CD1  C N N 168 
ILE OXT  O N N 169 
ILE H    H N N 170 
ILE H2   H N N 171 
ILE HA   H N N 172 
ILE HB   H N N 173 
ILE HG12 H N N 174 
ILE HG13 H N N 175 
ILE HG21 H N N 176 
ILE HG22 H N N 177 
ILE HG23 H N N 178 
ILE HD11 H N N 179 
ILE HD12 H N N 180 
ILE HD13 H N N 181 
ILE HXT  H N N 182 
LEU N    N N N 183 
LEU CA   C N S 184 
LEU C    C N N 185 
LEU O    O N N 186 
LEU CB   C N N 187 
LEU CG   C N N 188 
LEU CD1  C N N 189 
LEU CD2  C N N 190 
LEU OXT  O N N 191 
LEU H    H N N 192 
LEU H2   H N N 193 
LEU HA   H N N 194 
LEU HB2  H N N 195 
LEU HB3  H N N 196 
LEU HG   H N N 197 
LEU HD11 H N N 198 
LEU HD12 H N N 199 
LEU HD13 H N N 200 
LEU HD21 H N N 201 
LEU HD22 H N N 202 
LEU HD23 H N N 203 
LEU HXT  H N N 204 
LYS N    N N N 205 
LYS CA   C N S 206 
LYS C    C N N 207 
LYS O    O N N 208 
LYS CB   C N N 209 
LYS CG   C N N 210 
LYS CD   C N N 211 
LYS CE   C N N 212 
LYS NZ   N N N 213 
LYS OXT  O N N 214 
LYS H    H N N 215 
LYS H2   H N N 216 
LYS HA   H N N 217 
LYS HB2  H N N 218 
LYS HB3  H N N 219 
LYS HG2  H N N 220 
LYS HG3  H N N 221 
LYS HD2  H N N 222 
LYS HD3  H N N 223 
LYS HE2  H N N 224 
LYS HE3  H N N 225 
LYS HZ1  H N N 226 
LYS HZ2  H N N 227 
LYS HZ3  H N N 228 
LYS HXT  H N N 229 
MET N    N N N 230 
MET CA   C N S 231 
MET C    C N N 232 
MET O    O N N 233 
MET CB   C N N 234 
MET CG   C N N 235 
MET SD   S N N 236 
MET CE   C N N 237 
MET OXT  O N N 238 
MET H    H N N 239 
MET H2   H N N 240 
MET HA   H N N 241 
MET HB2  H N N 242 
MET HB3  H N N 243 
MET HG2  H N N 244 
MET HG3  H N N 245 
MET HE1  H N N 246 
MET HE2  H N N 247 
MET HE3  H N N 248 
MET HXT  H N N 249 
PHE N    N N N 250 
PHE CA   C N S 251 
PHE C    C N N 252 
PHE O    O N N 253 
PHE CB   C N N 254 
PHE CG   C Y N 255 
PHE CD1  C Y N 256 
PHE CD2  C Y N 257 
PHE CE1  C Y N 258 
PHE CE2  C Y N 259 
PHE CZ   C Y N 260 
PHE OXT  O N N 261 
PHE H    H N N 262 
PHE H2   H N N 263 
PHE HA   H N N 264 
PHE HB2  H N N 265 
PHE HB3  H N N 266 
PHE HD1  H N N 267 
PHE HD2  H N N 268 
PHE HE1  H N N 269 
PHE HE2  H N N 270 
PHE HZ   H N N 271 
PHE HXT  H N N 272 
PRO N    N N N 273 
PRO CA   C N S 274 
PRO C    C N N 275 
PRO O    O N N 276 
PRO CB   C N N 277 
PRO CG   C N N 278 
PRO CD   C N N 279 
PRO OXT  O N N 280 
PRO H    H N N 281 
PRO HA   H N N 282 
PRO HB2  H N N 283 
PRO HB3  H N N 284 
PRO HG2  H N N 285 
PRO HG3  H N N 286 
PRO HD2  H N N 287 
PRO HD3  H N N 288 
PRO HXT  H N N 289 
SER N    N N N 290 
SER CA   C N S 291 
SER C    C N N 292 
SER O    O N N 293 
SER CB   C N N 294 
SER OG   O N N 295 
SER OXT  O N N 296 
SER H    H N N 297 
SER H2   H N N 298 
SER HA   H N N 299 
SER HB2  H N N 300 
SER HB3  H N N 301 
SER HG   H N N 302 
SER HXT  H N N 303 
SO4 S    S N N 304 
SO4 O1   O N N 305 
SO4 O2   O N N 306 
SO4 O3   O N N 307 
SO4 O4   O N N 308 
THR N    N N N 309 
THR CA   C N S 310 
THR C    C N N 311 
THR O    O N N 312 
THR CB   C N R 313 
THR OG1  O N N 314 
THR CG2  C N N 315 
THR OXT  O N N 316 
THR H    H N N 317 
THR H2   H N N 318 
THR HA   H N N 319 
THR HB   H N N 320 
THR HG1  H N N 321 
THR HG21 H N N 322 
THR HG22 H N N 323 
THR HG23 H N N 324 
THR HXT  H N N 325 
TRP N    N N N 326 
TRP CA   C N S 327 
TRP C    C N N 328 
TRP O    O N N 329 
TRP CB   C N N 330 
TRP CG   C Y N 331 
TRP CD1  C Y N 332 
TRP CD2  C Y N 333 
TRP NE1  N Y N 334 
TRP CE2  C Y N 335 
TRP CE3  C Y N 336 
TRP CZ2  C Y N 337 
TRP CZ3  C Y N 338 
TRP CH2  C Y N 339 
TRP OXT  O N N 340 
TRP H    H N N 341 
TRP H2   H N N 342 
TRP HA   H N N 343 
TRP HB2  H N N 344 
TRP HB3  H N N 345 
TRP HD1  H N N 346 
TRP HE1  H N N 347 
TRP HE3  H N N 348 
TRP HZ2  H N N 349 
TRP HZ3  H N N 350 
TRP HH2  H N N 351 
TRP HXT  H N N 352 
TYR N    N N N 353 
TYR CA   C N S 354 
TYR C    C N N 355 
TYR O    O N N 356 
TYR CB   C N N 357 
TYR CG   C Y N 358 
TYR CD1  C Y N 359 
TYR CD2  C Y N 360 
TYR CE1  C Y N 361 
TYR CE2  C Y N 362 
TYR CZ   C Y N 363 
TYR OH   O N N 364 
TYR OXT  O N N 365 
TYR H    H N N 366 
TYR H2   H N N 367 
TYR HA   H N N 368 
TYR HB2  H N N 369 
TYR HB3  H N N 370 
TYR HD1  H N N 371 
TYR HD2  H N N 372 
TYR HE1  H N N 373 
TYR HE2  H N N 374 
TYR HH   H N N 375 
TYR HXT  H N N 376 
VAL N    N N N 377 
VAL CA   C N S 378 
VAL C    C N N 379 
VAL O    O N N 380 
VAL CB   C N N 381 
VAL CG1  C N N 382 
VAL CG2  C N N 383 
VAL OXT  O N N 384 
VAL H    H N N 385 
VAL H2   H N N 386 
VAL HA   H N N 387 
VAL HB   H N N 388 
VAL HG11 H N N 389 
VAL HG12 H N N 390 
VAL HG13 H N N 391 
VAL HG21 H N N 392 
VAL HG22 H N N 393 
VAL HG23 H N N 394 
VAL HXT  H N N 395 
# 
loop_
_chem_comp_bond.comp_id 
_chem_comp_bond.atom_id_1 
_chem_comp_bond.atom_id_2 
_chem_comp_bond.value_order 
_chem_comp_bond.pdbx_aromatic_flag 
_chem_comp_bond.pdbx_stereo_config 
_chem_comp_bond.pdbx_ordinal 
ALA N   CA   sing N N 1   
ALA N   H    sing N N 2   
ALA N   H2   sing N N 3   
ALA CA  C    sing N N 4   
ALA CA  CB   sing N N 5   
ALA CA  HA   sing N N 6   
ALA C   O    doub N N 7   
ALA C   OXT  sing N N 8   
ALA CB  HB1  sing N N 9   
ALA CB  HB2  sing N N 10  
ALA CB  HB3  sing N N 11  
ALA OXT HXT  sing N N 12  
ARG N   CA   sing N N 13  
ARG N   H    sing N N 14  
ARG N   H2   sing N N 15  
ARG CA  C    sing N N 16  
ARG CA  CB   sing N N 17  
ARG CA  HA   sing N N 18  
ARG C   O    doub N N 19  
ARG C   OXT  sing N N 20  
ARG CB  CG   sing N N 21  
ARG CB  HB2  sing N N 22  
ARG CB  HB3  sing N N 23  
ARG CG  CD   sing N N 24  
ARG CG  HG2  sing N N 25  
ARG CG  HG3  sing N N 26  
ARG CD  NE   sing N N 27  
ARG CD  HD2  sing N N 28  
ARG CD  HD3  sing N N 29  
ARG NE  CZ   sing N N 30  
ARG NE  HE   sing N N 31  
ARG CZ  NH1  sing N N 32  
ARG CZ  NH2  doub N N 33  
ARG NH1 HH11 sing N N 34  
ARG NH1 HH12 sing N N 35  
ARG NH2 HH21 sing N N 36  
ARG NH2 HH22 sing N N 37  
ARG OXT HXT  sing N N 38  
ASN N   CA   sing N N 39  
ASN N   H    sing N N 40  
ASN N   H2   sing N N 41  
ASN CA  C    sing N N 42  
ASN CA  CB   sing N N 43  
ASN CA  HA   sing N N 44  
ASN C   O    doub N N 45  
ASN C   OXT  sing N N 46  
ASN CB  CG   sing N N 47  
ASN CB  HB2  sing N N 48  
ASN CB  HB3  sing N N 49  
ASN CG  OD1  doub N N 50  
ASN CG  ND2  sing N N 51  
ASN ND2 HD21 sing N N 52  
ASN ND2 HD22 sing N N 53  
ASN OXT HXT  sing N N 54  
ASP N   CA   sing N N 55  
ASP N   H    sing N N 56  
ASP N   H2   sing N N 57  
ASP CA  C    sing N N 58  
ASP CA  CB   sing N N 59  
ASP CA  HA   sing N N 60  
ASP C   O    doub N N 61  
ASP C   OXT  sing N N 62  
ASP CB  CG   sing N N 63  
ASP CB  HB2  sing N N 64  
ASP CB  HB3  sing N N 65  
ASP CG  OD1  doub N N 66  
ASP CG  OD2  sing N N 67  
ASP OD2 HD2  sing N N 68  
ASP OXT HXT  sing N N 69  
GLN N   CA   sing N N 70  
GLN N   H    sing N N 71  
GLN N   H2   sing N N 72  
GLN CA  C    sing N N 73  
GLN CA  CB   sing N N 74  
GLN CA  HA   sing N N 75  
GLN C   O    doub N N 76  
GLN C   OXT  sing N N 77  
GLN CB  CG   sing N N 78  
GLN CB  HB2  sing N N 79  
GLN CB  HB3  sing N N 80  
GLN CG  CD   sing N N 81  
GLN CG  HG2  sing N N 82  
GLN CG  HG3  sing N N 83  
GLN CD  OE1  doub N N 84  
GLN CD  NE2  sing N N 85  
GLN NE2 HE21 sing N N 86  
GLN NE2 HE22 sing N N 87  
GLN OXT HXT  sing N N 88  
GLU N   CA   sing N N 89  
GLU N   H    sing N N 90  
GLU N   H2   sing N N 91  
GLU CA  C    sing N N 92  
GLU CA  CB   sing N N 93  
GLU CA  HA   sing N N 94  
GLU C   O    doub N N 95  
GLU C   OXT  sing N N 96  
GLU CB  CG   sing N N 97  
GLU CB  HB2  sing N N 98  
GLU CB  HB3  sing N N 99  
GLU CG  CD   sing N N 100 
GLU CG  HG2  sing N N 101 
GLU CG  HG3  sing N N 102 
GLU CD  OE1  doub N N 103 
GLU CD  OE2  sing N N 104 
GLU OE2 HE2  sing N N 105 
GLU OXT HXT  sing N N 106 
GLY N   CA   sing N N 107 
GLY N   H    sing N N 108 
GLY N   H2   sing N N 109 
GLY CA  C    sing N N 110 
GLY CA  HA2  sing N N 111 
GLY CA  HA3  sing N N 112 
GLY C   O    doub N N 113 
GLY C   OXT  sing N N 114 
GLY OXT HXT  sing N N 115 
GOL C1  O1   sing N N 116 
GOL C1  C2   sing N N 117 
GOL C1  H11  sing N N 118 
GOL C1  H12  sing N N 119 
GOL O1  HO1  sing N N 120 
GOL C2  O2   sing N N 121 
GOL C2  C3   sing N N 122 
GOL C2  H2   sing N N 123 
GOL O2  HO2  sing N N 124 
GOL C3  O3   sing N N 125 
GOL C3  H31  sing N N 126 
GOL C3  H32  sing N N 127 
GOL O3  HO3  sing N N 128 
HIS N   CA   sing N N 129 
HIS N   H    sing N N 130 
HIS N   H2   sing N N 131 
HIS CA  C    sing N N 132 
HIS CA  CB   sing N N 133 
HIS CA  HA   sing N N 134 
HIS C   O    doub N N 135 
HIS C   OXT  sing N N 136 
HIS CB  CG   sing N N 137 
HIS CB  HB2  sing N N 138 
HIS CB  HB3  sing N N 139 
HIS CG  ND1  sing Y N 140 
HIS CG  CD2  doub Y N 141 
HIS ND1 CE1  doub Y N 142 
HIS ND1 HD1  sing N N 143 
HIS CD2 NE2  sing Y N 144 
HIS CD2 HD2  sing N N 145 
HIS CE1 NE2  sing Y N 146 
HIS CE1 HE1  sing N N 147 
HIS NE2 HE2  sing N N 148 
HIS OXT HXT  sing N N 149 
HOH O   H1   sing N N 150 
HOH O   H2   sing N N 151 
ILE N   CA   sing N N 152 
ILE N   H    sing N N 153 
ILE N   H2   sing N N 154 
ILE CA  C    sing N N 155 
ILE CA  CB   sing N N 156 
ILE CA  HA   sing N N 157 
ILE C   O    doub N N 158 
ILE C   OXT  sing N N 159 
ILE CB  CG1  sing N N 160 
ILE CB  CG2  sing N N 161 
ILE CB  HB   sing N N 162 
ILE CG1 CD1  sing N N 163 
ILE CG1 HG12 sing N N 164 
ILE CG1 HG13 sing N N 165 
ILE CG2 HG21 sing N N 166 
ILE CG2 HG22 sing N N 167 
ILE CG2 HG23 sing N N 168 
ILE CD1 HD11 sing N N 169 
ILE CD1 HD12 sing N N 170 
ILE CD1 HD13 sing N N 171 
ILE OXT HXT  sing N N 172 
LEU N   CA   sing N N 173 
LEU N   H    sing N N 174 
LEU N   H2   sing N N 175 
LEU CA  C    sing N N 176 
LEU CA  CB   sing N N 177 
LEU CA  HA   sing N N 178 
LEU C   O    doub N N 179 
LEU C   OXT  sing N N 180 
LEU CB  CG   sing N N 181 
LEU CB  HB2  sing N N 182 
LEU CB  HB3  sing N N 183 
LEU CG  CD1  sing N N 184 
LEU CG  CD2  sing N N 185 
LEU CG  HG   sing N N 186 
LEU CD1 HD11 sing N N 187 
LEU CD1 HD12 sing N N 188 
LEU CD1 HD13 sing N N 189 
LEU CD2 HD21 sing N N 190 
LEU CD2 HD22 sing N N 191 
LEU CD2 HD23 sing N N 192 
LEU OXT HXT  sing N N 193 
LYS N   CA   sing N N 194 
LYS N   H    sing N N 195 
LYS N   H2   sing N N 196 
LYS CA  C    sing N N 197 
LYS CA  CB   sing N N 198 
LYS CA  HA   sing N N 199 
LYS C   O    doub N N 200 
LYS C   OXT  sing N N 201 
LYS CB  CG   sing N N 202 
LYS CB  HB2  sing N N 203 
LYS CB  HB3  sing N N 204 
LYS CG  CD   sing N N 205 
LYS CG  HG2  sing N N 206 
LYS CG  HG3  sing N N 207 
LYS CD  CE   sing N N 208 
LYS CD  HD2  sing N N 209 
LYS CD  HD3  sing N N 210 
LYS CE  NZ   sing N N 211 
LYS CE  HE2  sing N N 212 
LYS CE  HE3  sing N N 213 
LYS NZ  HZ1  sing N N 214 
LYS NZ  HZ2  sing N N 215 
LYS NZ  HZ3  sing N N 216 
LYS OXT HXT  sing N N 217 
MET N   CA   sing N N 218 
MET N   H    sing N N 219 
MET N   H2   sing N N 220 
MET CA  C    sing N N 221 
MET CA  CB   sing N N 222 
MET CA  HA   sing N N 223 
MET C   O    doub N N 224 
MET C   OXT  sing N N 225 
MET CB  CG   sing N N 226 
MET CB  HB2  sing N N 227 
MET CB  HB3  sing N N 228 
MET CG  SD   sing N N 229 
MET CG  HG2  sing N N 230 
MET CG  HG3  sing N N 231 
MET SD  CE   sing N N 232 
MET CE  HE1  sing N N 233 
MET CE  HE2  sing N N 234 
MET CE  HE3  sing N N 235 
MET OXT HXT  sing N N 236 
PHE N   CA   sing N N 237 
PHE N   H    sing N N 238 
PHE N   H2   sing N N 239 
PHE CA  C    sing N N 240 
PHE CA  CB   sing N N 241 
PHE CA  HA   sing N N 242 
PHE C   O    doub N N 243 
PHE C   OXT  sing N N 244 
PHE CB  CG   sing N N 245 
PHE CB  HB2  sing N N 246 
PHE CB  HB3  sing N N 247 
PHE CG  CD1  doub Y N 248 
PHE CG  CD2  sing Y N 249 
PHE CD1 CE1  sing Y N 250 
PHE CD1 HD1  sing N N 251 
PHE CD2 CE2  doub Y N 252 
PHE CD2 HD2  sing N N 253 
PHE CE1 CZ   doub Y N 254 
PHE CE1 HE1  sing N N 255 
PHE CE2 CZ   sing Y N 256 
PHE CE2 HE2  sing N N 257 
PHE CZ  HZ   sing N N 258 
PHE OXT HXT  sing N N 259 
PRO N   CA   sing N N 260 
PRO N   CD   sing N N 261 
PRO N   H    sing N N 262 
PRO CA  C    sing N N 263 
PRO CA  CB   sing N N 264 
PRO CA  HA   sing N N 265 
PRO C   O    doub N N 266 
PRO C   OXT  sing N N 267 
PRO CB  CG   sing N N 268 
PRO CB  HB2  sing N N 269 
PRO CB  HB3  sing N N 270 
PRO CG  CD   sing N N 271 
PRO CG  HG2  sing N N 272 
PRO CG  HG3  sing N N 273 
PRO CD  HD2  sing N N 274 
PRO CD  HD3  sing N N 275 
PRO OXT HXT  sing N N 276 
SER N   CA   sing N N 277 
SER N   H    sing N N 278 
SER N   H2   sing N N 279 
SER CA  C    sing N N 280 
SER CA  CB   sing N N 281 
SER CA  HA   sing N N 282 
SER C   O    doub N N 283 
SER C   OXT  sing N N 284 
SER CB  OG   sing N N 285 
SER CB  HB2  sing N N 286 
SER CB  HB3  sing N N 287 
SER OG  HG   sing N N 288 
SER OXT HXT  sing N N 289 
SO4 S   O1   doub N N 290 
SO4 S   O2   doub N N 291 
SO4 S   O3   sing N N 292 
SO4 S   O4   sing N N 293 
THR N   CA   sing N N 294 
THR N   H    sing N N 295 
THR N   H2   sing N N 296 
THR CA  C    sing N N 297 
THR CA  CB   sing N N 298 
THR CA  HA   sing N N 299 
THR C   O    doub N N 300 
THR C   OXT  sing N N 301 
THR CB  OG1  sing N N 302 
THR CB  CG2  sing N N 303 
THR CB  HB   sing N N 304 
THR OG1 HG1  sing N N 305 
THR CG2 HG21 sing N N 306 
THR CG2 HG22 sing N N 307 
THR CG2 HG23 sing N N 308 
THR OXT HXT  sing N N 309 
TRP N   CA   sing N N 310 
TRP N   H    sing N N 311 
TRP N   H2   sing N N 312 
TRP CA  C    sing N N 313 
TRP CA  CB   sing N N 314 
TRP CA  HA   sing N N 315 
TRP C   O    doub N N 316 
TRP C   OXT  sing N N 317 
TRP CB  CG   sing N N 318 
TRP CB  HB2  sing N N 319 
TRP CB  HB3  sing N N 320 
TRP CG  CD1  doub Y N 321 
TRP CG  CD2  sing Y N 322 
TRP CD1 NE1  sing Y N 323 
TRP CD1 HD1  sing N N 324 
TRP CD2 CE2  doub Y N 325 
TRP CD2 CE3  sing Y N 326 
TRP NE1 CE2  sing Y N 327 
TRP NE1 HE1  sing N N 328 
TRP CE2 CZ2  sing Y N 329 
TRP CE3 CZ3  doub Y N 330 
TRP CE3 HE3  sing N N 331 
TRP CZ2 CH2  doub Y N 332 
TRP CZ2 HZ2  sing N N 333 
TRP CZ3 CH2  sing Y N 334 
TRP CZ3 HZ3  sing N N 335 
TRP CH2 HH2  sing N N 336 
TRP OXT HXT  sing N N 337 
TYR N   CA   sing N N 338 
TYR N   H    sing N N 339 
TYR N   H2   sing N N 340 
TYR CA  C    sing N N 341 
TYR CA  CB   sing N N 342 
TYR CA  HA   sing N N 343 
TYR C   O    doub N N 344 
TYR C   OXT  sing N N 345 
TYR CB  CG   sing N N 346 
TYR CB  HB2  sing N N 347 
TYR CB  HB3  sing N N 348 
TYR CG  CD1  doub Y N 349 
TYR CG  CD2  sing Y N 350 
TYR CD1 CE1  sing Y N 351 
TYR CD1 HD1  sing N N 352 
TYR CD2 CE2  doub Y N 353 
TYR CD2 HD2  sing N N 354 
TYR CE1 CZ   doub Y N 355 
TYR CE1 HE1  sing N N 356 
TYR CE2 CZ   sing Y N 357 
TYR CE2 HE2  sing N N 358 
TYR CZ  OH   sing N N 359 
TYR OH  HH   sing N N 360 
TYR OXT HXT  sing N N 361 
VAL N   CA   sing N N 362 
VAL N   H    sing N N 363 
VAL N   H2   sing N N 364 
VAL CA  C    sing N N 365 
VAL CA  CB   sing N N 366 
VAL CA  HA   sing N N 367 
VAL C   O    doub N N 368 
VAL C   OXT  sing N N 369 
VAL CB  CG1  sing N N 370 
VAL CB  CG2  sing N N 371 
VAL CB  HB   sing N N 372 
VAL CG1 HG11 sing N N 373 
VAL CG1 HG12 sing N N 374 
VAL CG1 HG13 sing N N 375 
VAL CG2 HG21 sing N N 376 
VAL CG2 HG22 sing N N 377 
VAL CG2 HG23 sing N N 378 
VAL OXT HXT  sing N N 379 
# 
_atom_sites.entry_id                    4G4W 
_atom_sites.fract_transf_matrix[1][1]   0.01557142 
_atom_sites.fract_transf_matrix[1][2]   -0.00964393 
_atom_sites.fract_transf_matrix[1][3]   -0.00238820 
_atom_sites.fract_transf_matrix[2][1]   0.00777408 
_atom_sites.fract_transf_matrix[2][2]   0.01459171 
_atom_sites.fract_transf_matrix[2][3]   -0.00823550 
_atom_sites.fract_transf_matrix[3][1]   0.00293733 
_atom_sites.fract_transf_matrix[3][2]   0.00281914 
_atom_sites.fract_transf_matrix[3][3]   0.00776772 
_atom_sites.fract_transf_vector[1]      -0.389834 
_atom_sites.fract_transf_vector[2]      0.081766 
_atom_sites.fract_transf_vector[3]      -0.109335 
# 
loop_
_atom_type.symbol 
C 
N 
O 
S 
# 
loop_
_atom_site.group_PDB 
_atom_site.id 
_atom_site.type_symbol 
_atom_site.label_atom_id 
_atom_site.label_alt_id 
_atom_site.label_comp_id 
_atom_site.label_asym_id 
_atom_site.label_entity_id 
_atom_site.label_seq_id 
_atom_site.pdbx_PDB_ins_code 
_atom_site.Cartn_x 
_atom_site.Cartn_y 
_atom_site.Cartn_z 
_atom_site.occupancy 
_atom_site.B_iso_or_equiv 
_atom_site.pdbx_formal_charge 
_atom_site.auth_seq_id 
_atom_site.auth_comp_id 
_atom_site.auth_asym_id 
_atom_site.auth_atom_id 
_atom_site.pdbx_PDB_model_num 
ATOM   1   N N   . ALA A 1 7   ? -13.023 7.400   -1.345  1.00 47.67 ? 77  ALA A N   1 
ATOM   2   C CA  . ALA A 1 7   ? -12.957 5.979   -0.895  1.00 47.63 ? 77  ALA A CA  1 
ATOM   3   C C   . ALA A 1 7   ? -11.969 5.825   0.259   1.00 46.90 ? 77  ALA A C   1 
ATOM   4   O O   . ALA A 1 7   ? -11.360 6.801   0.700   1.00 48.04 ? 77  ALA A O   1 
ATOM   5   C CB  . ALA A 1 7   ? -12.543 5.084   -2.059  1.00 46.61 ? 77  ALA A CB  1 
ATOM   6   N N   . LYS A 1 8   ? -11.817 4.597   0.749   1.00 44.69 ? 78  LYS A N   1 
ATOM   7   C CA  . LYS A 1 8   ? -10.901 4.331   1.847   1.00 42.49 ? 78  LYS A CA  1 
ATOM   8   C C   . LYS A 1 8   ? -9.464  4.571   1.414   1.00 39.55 ? 78  LYS A C   1 
ATOM   9   O O   . LYS A 1 8   ? -9.172  4.661   0.221   1.00 39.45 ? 78  LYS A O   1 
ATOM   10  C CB  . LYS A 1 8   ? -11.086 2.901   2.359   1.00 44.94 ? 78  LYS A CB  1 
ATOM   11  C CG  . LYS A 1 8   ? -11.232 1.849   1.279   1.00 46.65 ? 78  LYS A CG  1 
ATOM   12  C CD  . LYS A 1 8   ? -11.646 0.520   1.895   1.00 49.23 ? 78  LYS A CD  1 
ATOM   13  C CE  . LYS A 1 8   ? -11.915 -0.532  0.833   1.00 51.28 ? 78  LYS A CE  1 
ATOM   14  N NZ  . LYS A 1 8   ? -12.364 -1.819  1.435   1.00 52.67 ? 78  LYS A NZ  1 
ATOM   15  N N   . ARG A 1 9   ? -8.563  4.681   2.383   1.00 36.30 ? 79  ARG A N   1 
ATOM   16  C CA  . ARG A 1 9   ? -7.169  4.950   2.067   1.00 34.40 ? 79  ARG A CA  1 
ATOM   17  C C   . ARG A 1 9   ? -6.216  3.835   2.483   1.00 31.55 ? 79  ARG A C   1 
ATOM   18  O O   . ARG A 1 9   ? -5.067  4.085   2.848   1.00 31.29 ? 79  ARG A O   1 
ATOM   19  C CB  . ARG A 1 9   ? -6.766  6.291   2.689   1.00 36.96 ? 79  ARG A CB  1 
ATOM   20  C CG  . ARG A 1 9   ? -7.650  7.436   2.187   1.00 40.54 ? 79  ARG A CG  1 
ATOM   21  C CD  . ARG A 1 9   ? -7.239  8.816   2.683   1.00 44.86 ? 79  ARG A CD  1 
ATOM   22  N NE  . ARG A 1 9   ? -8.170  9.829   2.182   1.00 49.38 ? 79  ARG A NE  1 
ATOM   23  C CZ  . ARG A 1 9   ? -8.048  11.141  2.371   1.00 51.15 ? 79  ARG A CZ  1 
ATOM   24  N NH1 . ARG A 1 9   ? -8.955  11.969  1.867   1.00 52.96 ? 79  ARG A NH1 1 
ATOM   25  N NH2 . ARG A 1 9   ? -7.026  11.631  3.058   1.00 52.68 ? 79  ARG A NH2 1 
ATOM   26  N N   . VAL A 1 10  ? -6.704  2.601   2.411   1.00 28.36 ? 80  VAL A N   1 
ATOM   27  C CA  . VAL A 1 10  ? -5.898  1.436   2.758   1.00 27.47 ? 80  VAL A CA  1 
ATOM   28  C C   . VAL A 1 10  ? -6.303  0.219   1.927   1.00 26.11 ? 80  VAL A C   1 
ATOM   29  O O   . VAL A 1 10  ? -7.493  -0.053  1.748   1.00 26.21 ? 80  VAL A O   1 
ATOM   30  C CB  . VAL A 1 10  ? -6.057  1.058   4.251   1.00 26.93 ? 80  VAL A CB  1 
ATOM   31  C CG1 . VAL A 1 10  ? -5.089  -0.066  4.611   1.00 26.74 ? 80  VAL A CG1 1 
ATOM   32  C CG2 . VAL A 1 10  ? -5.813  2.273   5.134   1.00 29.25 ? 80  VAL A CG2 1 
ATOM   33  N N   . VAL A 1 11  ? -5.313  -0.495  1.398   1.00 22.32 ? 81  VAL A N   1 
ATOM   34  C CA  . VAL A 1 11  ? -5.567  -1.716  0.637   1.00 22.40 ? 81  VAL A CA  1 
ATOM   35  C C   . VAL A 1 11  ? -4.764  -2.806  1.351   1.00 22.54 ? 81  VAL A C   1 
ATOM   36  O O   . VAL A 1 11  ? -3.713  -2.516  1.922   1.00 20.53 ? 81  VAL A O   1 
ATOM   37  C CB  . VAL A 1 11  ? -5.110  -1.591  -0.840  1.00 23.78 ? 81  VAL A CB  1 
ATOM   38  C CG1 . VAL A 1 11  ? -5.961  -0.540  -1.558  1.00 24.50 ? 81  VAL A CG1 1 
ATOM   39  C CG2 . VAL A 1 11  ? -3.646  -1.217  -0.909  1.00 23.49 ? 81  VAL A CG2 1 
ATOM   40  N N   . HIS A 1 12  ? -5.258  -4.042  1.336   1.00 22.14 ? 82  HIS A N   1 
ATOM   41  C CA  . HIS A 1 12  ? -4.583  -5.139  2.026   1.00 22.38 ? 82  HIS A CA  1 
ATOM   42  C C   . HIS A 1 12  ? -4.037  -6.230  1.117   1.00 22.27 ? 82  HIS A C   1 
ATOM   43  O O   . HIS A 1 12  ? -4.434  -6.342  -0.042  1.00 24.01 ? 82  HIS A O   1 
ATOM   44  C CB  . HIS A 1 12  ? -5.523  -5.768  3.058   1.00 23.75 ? 82  HIS A CB  1 
ATOM   45  C CG  . HIS A 1 12  ? -5.986  -4.811  4.111   1.00 25.24 ? 82  HIS A CG  1 
ATOM   46  N ND1 . HIS A 1 12  ? -6.986  -3.889  3.889   1.00 26.16 ? 82  HIS A ND1 1 
ATOM   47  C CD2 . HIS A 1 12  ? -5.561  -4.607  5.380   1.00 24.27 ? 82  HIS A CD2 1 
ATOM   48  C CE1 . HIS A 1 12  ? -7.158  -3.158  4.977   1.00 26.70 ? 82  HIS A CE1 1 
ATOM   49  N NE2 . HIS A 1 12  ? -6.305  -3.574  5.896   1.00 26.85 ? 82  HIS A NE2 1 
ATOM   50  N N   . PHE A 1 13  ? -3.128  -7.038  1.661   1.00 19.75 ? 83  PHE A N   1 
ATOM   51  C CA  . PHE A 1 13  ? -2.496  -8.113  0.903   1.00 19.66 ? 83  PHE A CA  1 
ATOM   52  C C   . PHE A 1 13  ? -2.488  -9.442  1.640   1.00 19.55 ? 83  PHE A C   1 
ATOM   53  O O   . PHE A 1 13  ? -2.677  -9.493  2.854   1.00 18.87 ? 83  PHE A O   1 
ATOM   54  C CB  . PHE A 1 13  ? -1.039  -7.755  0.574   1.00 18.18 ? 83  PHE A CB  1 
ATOM   55  C CG  . PHE A 1 13  ? -0.880  -6.470  -0.180  1.00 17.82 ? 83  PHE A CG  1 
ATOM   56  C CD1 . PHE A 1 13  ? -0.947  -5.247  0.481   1.00 17.59 ? 83  PHE A CD1 1 
ATOM   57  C CD2 . PHE A 1 13  ? -0.673  -6.482  -1.557  1.00 17.97 ? 83  PHE A CD2 1 
ATOM   58  C CE1 . PHE A 1 13  ? -0.808  -4.053  -0.220  1.00 18.13 ? 83  PHE A CE1 1 
ATOM   59  C CE2 . PHE A 1 13  ? -0.534  -5.291  -2.267  1.00 18.58 ? 83  PHE A CE2 1 
ATOM   60  C CZ  . PHE A 1 13  ? -0.602  -4.078  -1.596  1.00 14.66 ? 83  PHE A CZ  1 
ATOM   61  N N   . ASP A 1 14  ? -2.248  -10.514 0.888   1.00 20.58 ? 84  ASP A N   1 
ATOM   62  C CA  . ASP A 1 14  ? -2.176  -11.852 1.457   1.00 20.80 ? 84  ASP A CA  1 
ATOM   63  C C   . ASP A 1 14  ? -0.740  -12.158 1.859   1.00 20.19 ? 84  ASP A C   1 
ATOM   64  O O   . ASP A 1 14  ? 0.187   -11.427 1.510   1.00 19.46 ? 84  ASP A O   1 
ATOM   65  C CB  . ASP A 1 14  ? -2.621  -12.916 0.449   1.00 24.19 ? 84  ASP A CB  1 
ATOM   66  C CG  . ASP A 1 14  ? -4.049  -12.730 -0.011  1.00 27.51 ? 84  ASP A CG  1 
ATOM   67  O OD1 . ASP A 1 14  ? -4.902  -12.360 0.822   1.00 30.33 ? 84  ASP A OD1 1 
ATOM   68  O OD2 . ASP A 1 14  ? -4.316  -12.969 -1.208  1.00 31.59 ? 84  ASP A OD2 1 
ATOM   69  N N   . TYR A 1 15  ? -0.580  -13.256 2.586   1.00 19.16 ? 85  TYR A N   1 
ATOM   70  C CA  . TYR A 1 15  ? 0.712   -13.731 3.062   1.00 20.44 ? 85  TYR A CA  1 
ATOM   71  C C   . TYR A 1 15  ? 1.795   -13.739 1.982   1.00 20.92 ? 85  TYR A C   1 
ATOM   72  O O   . TYR A 1 15  ? 1.598   -14.286 0.896   1.00 18.53 ? 85  TYR A O   1 
ATOM   73  C CB  . TYR A 1 15  ? 0.519   -15.142 3.641   1.00 20.18 ? 85  TYR A CB  1 
ATOM   74  C CG  . TYR A 1 15  ? 1.774   -15.947 3.885   1.00 20.42 ? 85  TYR A CG  1 
ATOM   75  C CD1 . TYR A 1 15  ? 2.322   -16.749 2.881   1.00 21.18 ? 85  TYR A CD1 1 
ATOM   76  C CD2 . TYR A 1 15  ? 2.401   -15.932 5.132   1.00 19.36 ? 85  TYR A CD2 1 
ATOM   77  C CE1 . TYR A 1 15  ? 3.459   -17.517 3.112   1.00 20.44 ? 85  TYR A CE1 1 
ATOM   78  C CE2 . TYR A 1 15  ? 3.540   -16.695 5.373   1.00 19.90 ? 85  TYR A CE2 1 
ATOM   79  C CZ  . TYR A 1 15  ? 4.062   -17.486 4.360   1.00 20.38 ? 85  TYR A CZ  1 
ATOM   80  O OH  . TYR A 1 15  ? 5.181   -18.250 4.602   1.00 20.20 ? 85  TYR A OH  1 
ATOM   81  N N   . ASP A 1 16  ? 2.930   -13.112 2.286   1.00 20.57 ? 86  ASP A N   1 
ATOM   82  C CA  . ASP A 1 16  ? 4.075   -13.068 1.380   1.00 21.01 ? 86  ASP A CA  1 
ATOM   83  C C   . ASP A 1 16  ? 3.723   -12.663 -0.049  1.00 22.09 ? 86  ASP A C   1 
ATOM   84  O O   . ASP A 1 16  ? 4.385   -13.084 -0.997  1.00 21.59 ? 86  ASP A O   1 
ATOM   85  C CB  . ASP A 1 16  ? 4.748   -14.445 1.355   1.00 22.49 ? 86  ASP A CB  1 
ATOM   86  C CG  . ASP A 1 16  ? 6.060   -14.441 0.605   1.00 24.64 ? 86  ASP A CG  1 
ATOM   87  O OD1 . ASP A 1 16  ? 6.410   -15.485 0.013   1.00 24.16 ? 86  ASP A OD1 1 
ATOM   88  O OD2 . ASP A 1 16  ? 6.743   -13.398 0.614   1.00 26.44 ? 86  ASP A OD2 1 
ATOM   89  N N   . SER A 1 17  ? 2.701   -11.828 -0.206  1.00 21.71 ? 87  SER A N   1 
ATOM   90  C CA  . SER A 1 17  ? 2.276   -11.419 -1.536  1.00 21.15 ? 87  SER A CA  1 
ATOM   91  C C   . SER A 1 17  ? 2.098   -9.916  -1.705  1.00 22.24 ? 87  SER A C   1 
ATOM   92  O O   . SER A 1 17  ? 1.746   -9.208  -0.762  1.00 20.91 ? 87  SER A O   1 
ATOM   93  C CB  . SER A 1 17  ? 0.963   -12.125 -1.889  1.00 24.20 ? 87  SER A CB  1 
ATOM   94  O OG  . SER A 1 17  ? 0.434   -11.651 -3.114  1.00 24.42 ? 87  SER A OG  1 
ATOM   95  N N   . SER A 1 18  ? 2.348   -9.439  -2.919  1.00 21.75 ? 88  SER A N   1 
ATOM   96  C CA  . SER A 1 18  ? 2.183   -8.027  -3.240  1.00 25.64 ? 88  SER A CA  1 
ATOM   97  C C   . SER A 1 18  ? 1.128   -7.895  -4.343  1.00 27.07 ? 88  SER A C   1 
ATOM   98  O O   . SER A 1 18  ? 1.099   -6.912  -5.078  1.00 26.80 ? 88  SER A O   1 
ATOM   99  C CB  . SER A 1 18  ? 3.516   -7.421  -3.690  1.00 26.44 ? 88  SER A CB  1 
ATOM   100 O OG  . SER A 1 18  ? 4.077   -8.158  -4.759  1.00 30.79 ? 88  SER A OG  1 
ATOM   101 N N   . ASP A 1 19  ? 0.263   -8.902  -4.442  1.00 28.74 ? 89  ASP A N   1 
ATOM   102 C CA  . ASP A 1 19  ? -0.810  -8.922  -5.434  1.00 29.81 ? 89  ASP A CA  1 
ATOM   103 C C   . ASP A 1 19  ? -2.032  -8.170  -4.924  1.00 29.06 ? 89  ASP A C   1 
ATOM   104 O O   . ASP A 1 19  ? -2.399  -8.281  -3.756  1.00 28.18 ? 89  ASP A O   1 
ATOM   105 C CB  . ASP A 1 19  ? -1.212  -10.364 -5.752  1.00 32.96 ? 89  ASP A CB  1 
ATOM   106 C CG  . ASP A 1 19  ? -0.174  -11.097 -6.582  1.00 36.99 ? 89  ASP A CG  1 
ATOM   107 O OD1 . ASP A 1 19  ? -0.279  -12.337 -6.687  1.00 41.40 ? 89  ASP A OD1 1 
ATOM   108 O OD2 . ASP A 1 19  ? 0.738   -10.443 -7.137  1.00 37.86 ? 89  ASP A OD2 1 
ATOM   109 N N   . LEU A 1 20  ? -2.667  -7.408  -5.807  1.00 30.14 ? 90  LEU A N   1 
ATOM   110 C CA  . LEU A 1 20  ? -3.853  -6.642  -5.442  1.00 30.42 ? 90  LEU A CA  1 
ATOM   111 C C   . LEU A 1 20  ? -5.105  -7.376  -5.904  1.00 32.00 ? 90  LEU A C   1 
ATOM   112 O O   . LEU A 1 20  ? -5.083  -8.058  -6.929  1.00 31.91 ? 90  LEU A O   1 
ATOM   113 C CB  . LEU A 1 20  ? -3.790  -5.256  -6.086  1.00 29.63 ? 90  LEU A CB  1 
ATOM   114 C CG  . LEU A 1 20  ? -2.654  -4.369  -5.568  1.00 29.97 ? 90  LEU A CG  1 
ATOM   115 C CD1 . LEU A 1 20  ? -2.371  -3.244  -6.547  1.00 29.37 ? 90  LEU A CD1 1 
ATOM   116 C CD2 . LEU A 1 20  ? -3.029  -3.828  -4.200  1.00 31.42 ? 90  LEU A CD2 1 
ATOM   117 N N   . SER A 1 21  ? -6.192  -7.239  -5.152  1.00 32.84 ? 91  SER A N   1 
ATOM   118 C CA  . SER A 1 21  ? -7.444  -7.897  -5.508  1.00 36.08 ? 91  SER A CA  1 
ATOM   119 C C   . SER A 1 21  ? -8.327  -6.976  -6.342  1.00 37.38 ? 91  SER A C   1 
ATOM   120 O O   . SER A 1 21  ? -8.041  -5.784  -6.481  1.00 37.70 ? 91  SER A O   1 
ATOM   121 C CB  . SER A 1 21  ? -8.201  -8.321  -4.247  1.00 37.89 ? 91  SER A CB  1 
ATOM   122 O OG  . SER A 1 21  ? -8.596  -7.194  -3.484  1.00 40.20 ? 91  SER A OG  1 
ATOM   123 N N   . THR A 1 22  ? -9.400  -7.534  -6.893  1.00 38.85 ? 92  THR A N   1 
ATOM   124 C CA  . THR A 1 22  ? -10.335 -6.769  -7.709  1.00 40.62 ? 92  THR A CA  1 
ATOM   125 C C   . THR A 1 22  ? -10.918 -5.631  -6.883  1.00 40.80 ? 92  THR A C   1 
ATOM   126 O O   . THR A 1 22  ? -11.115 -4.524  -7.383  1.00 40.94 ? 92  THR A O   1 
ATOM   127 C CB  . THR A 1 22  ? -11.498 -7.651  -8.213  1.00 41.71 ? 92  THR A CB  1 
ATOM   128 O OG1 . THR A 1 22  ? -10.979 -8.734  -8.993  1.00 42.15 ? 92  THR A OG1 1 
ATOM   129 C CG2 . THR A 1 22  ? -12.455 -6.831  -9.069  1.00 41.86 ? 92  THR A CG2 1 
ATOM   130 N N   . GLU A 1 23  ? -11.195 -5.916  -5.616  1.00 41.60 ? 93  GLU A N   1 
ATOM   131 C CA  . GLU A 1 23  ? -11.752 -4.914  -4.716  1.00 42.39 ? 93  GLU A CA  1 
ATOM   132 C C   . GLU A 1 23  ? -10.781 -3.750  -4.564  1.00 40.68 ? 93  GLU A C   1 
ATOM   133 O O   . GLU A 1 23  ? -11.180 -2.586  -4.616  1.00 40.87 ? 93  GLU A O   1 
ATOM   134 C CB  . GLU A 1 23  ? -12.045 -5.533  -3.345  1.00 45.51 ? 93  GLU A CB  1 
ATOM   135 C CG  . GLU A 1 23  ? -13.208 -6.523  -3.345  1.00 50.81 ? 93  GLU A CG  1 
ATOM   136 C CD  . GLU A 1 23  ? -12.907 -7.801  -4.116  1.00 53.34 ? 93  GLU A CD  1 
ATOM   137 O OE1 . GLU A 1 23  ? -13.863 -8.548  -4.422  1.00 55.06 ? 93  GLU A OE1 1 
ATOM   138 O OE2 . GLU A 1 23  ? -11.720 -8.065  -4.408  1.00 53.96 ? 93  GLU A OE2 1 
ATOM   139 N N   . ASP A 1 24  ? -9.503  -4.068  -4.387  1.00 37.28 ? 94  ASP A N   1 
ATOM   140 C CA  . ASP A 1 24  ? -8.486  -3.038  -4.238  1.00 36.35 ? 94  ASP A CA  1 
ATOM   141 C C   . ASP A 1 24  ? -8.444  -2.139  -5.465  1.00 34.66 ? 94  ASP A C   1 
ATOM   142 O O   . ASP A 1 24  ? -8.294  -0.924  -5.345  1.00 34.93 ? 94  ASP A O   1 
ATOM   143 C CB  . ASP A 1 24  ? -7.112  -3.671  -4.016  1.00 37.42 ? 94  ASP A CB  1 
ATOM   144 C CG  . ASP A 1 24  ? -7.055  -4.498  -2.749  1.00 40.19 ? 94  ASP A CG  1 
ATOM   145 O OD1 . ASP A 1 24  ? -7.469  -3.980  -1.689  1.00 38.63 ? 94  ASP A OD1 1 
ATOM   146 O OD2 . ASP A 1 24  ? -6.595  -5.658  -2.813  1.00 41.31 ? 94  ASP A OD2 1 
ATOM   147 N N   . TYR A 1 25  ? -8.580  -2.735  -6.646  1.00 33.09 ? 95  TYR A N   1 
ATOM   148 C CA  . TYR A 1 25  ? -8.551  -1.955  -7.874  1.00 32.80 ? 95  TYR A CA  1 
ATOM   149 C C   . TYR A 1 25  ? -9.653  -0.898  -7.900  1.00 33.22 ? 95  TYR A C   1 
ATOM   150 O O   . TYR A 1 25  ? -9.441  0.212   -8.381  1.00 32.83 ? 95  TYR A O   1 
ATOM   151 C CB  . TYR A 1 25  ? -8.667  -2.869  -9.101  1.00 32.10 ? 95  TYR A CB  1 
ATOM   152 C CG  . TYR A 1 25  ? -7.462  -3.764  -9.313  1.00 31.72 ? 95  TYR A CG  1 
ATOM   153 C CD1 . TYR A 1 25  ? -6.184  -3.341  -8.950  1.00 31.06 ? 95  TYR A CD1 1 
ATOM   154 C CD2 . TYR A 1 25  ? -7.591  -5.016  -9.913  1.00 33.19 ? 95  TYR A CD2 1 
ATOM   155 C CE1 . TYR A 1 25  ? -5.065  -4.138  -9.177  1.00 33.07 ? 95  TYR A CE1 1 
ATOM   156 C CE2 . TYR A 1 25  ? -6.472  -5.825  -10.148 1.00 33.50 ? 95  TYR A CE2 1 
ATOM   157 C CZ  . TYR A 1 25  ? -5.214  -5.376  -9.777  1.00 32.39 ? 95  TYR A CZ  1 
ATOM   158 O OH  . TYR A 1 25  ? -4.103  -6.155  -10.006 1.00 33.64 ? 95  TYR A OH  1 
ATOM   159 N N   . GLN A 1 26  ? -10.825 -1.236  -7.375  1.00 34.68 ? 96  GLN A N   1 
ATOM   160 C CA  . GLN A 1 26  ? -11.931 -0.284  -7.346  1.00 35.18 ? 96  GLN A CA  1 
ATOM   161 C C   . GLN A 1 26  ? -11.564 0.910   -6.472  1.00 33.91 ? 96  GLN A C   1 
ATOM   162 O O   . GLN A 1 26  ? -11.810 2.062   -6.835  1.00 33.03 ? 96  GLN A O   1 
ATOM   163 C CB  . GLN A 1 26  ? -13.199 -0.947  -6.803  1.00 39.14 ? 96  GLN A CB  1 
ATOM   164 C CG  . GLN A 1 26  ? -14.403 -0.013  -6.765  1.00 43.69 ? 96  GLN A CG  1 
ATOM   165 C CD  . GLN A 1 26  ? -15.639 -0.660  -6.159  1.00 46.69 ? 96  GLN A CD  1 
ATOM   166 O OE1 . GLN A 1 26  ? -16.144 -1.663  -6.667  1.00 48.68 ? 96  GLN A OE1 1 
ATOM   167 N NE2 . GLN A 1 26  ? -16.131 -0.086  -5.067  1.00 47.31 ? 96  GLN A NE2 1 
ATOM   168 N N   . THR A 1 27  ? -10.975 0.628   -5.316  1.00 31.73 ? 97  THR A N   1 
ATOM   169 C CA  . THR A 1 27  ? -10.567 1.680   -4.395  1.00 30.44 ? 97  THR A CA  1 
ATOM   170 C C   . THR A 1 27  ? -9.508  2.563   -5.052  1.00 28.63 ? 97  THR A C   1 
ATOM   171 O O   . THR A 1 27  ? -9.596  3.787   -5.013  1.00 26.80 ? 97  THR A O   1 
ATOM   172 C CB  . THR A 1 27  ? -9.986  1.081   -3.094  1.00 31.88 ? 97  THR A CB  1 
ATOM   173 O OG1 . THR A 1 27  ? -10.999 0.316   -2.426  1.00 33.96 ? 97  THR A OG1 1 
ATOM   174 C CG2 . THR A 1 27  ? -9.499  2.180   -2.162  1.00 30.96 ? 97  THR A CG2 1 
ATOM   175 N N   . LEU A 1 28  ? -8.515  1.929   -5.669  1.00 26.80 ? 98  LEU A N   1 
ATOM   176 C CA  . LEU A 1 28  ? -7.432  2.652   -6.325  1.00 24.39 ? 98  LEU A CA  1 
ATOM   177 C C   . LEU A 1 28  ? -7.892  3.490   -7.512  1.00 25.01 ? 98  LEU A C   1 
ATOM   178 O O   . LEU A 1 28  ? -7.337  4.556   -7.771  1.00 23.14 ? 98  LEU A O   1 
ATOM   179 C CB  . LEU A 1 28  ? -6.347  1.667   -6.779  1.00 23.59 ? 98  LEU A CB  1 
ATOM   180 C CG  . LEU A 1 28  ? -5.637  0.934   -5.638  1.00 22.98 ? 98  LEU A CG  1 
ATOM   181 C CD1 . LEU A 1 28  ? -4.538  0.041   -6.192  1.00 24.68 ? 98  LEU A CD1 1 
ATOM   182 C CD2 . LEU A 1 28  ? -5.053  1.957   -4.670  1.00 23.65 ? 98  LEU A CD2 1 
ATOM   183 N N   . GLN A 1 29  ? -8.900  3.014   -8.239  1.00 25.46 ? 99  GLN A N   1 
ATOM   184 C CA  . GLN A 1 29  ? -9.393  3.760   -9.390  1.00 27.74 ? 99  GLN A CA  1 
ATOM   185 C C   . GLN A 1 29  ? -9.996  5.088   -8.952  1.00 27.95 ? 99  GLN A C   1 
ATOM   186 O O   . GLN A 1 29  ? -9.918  6.076   -9.675  1.00 28.24 ? 99  GLN A O   1 
ATOM   187 C CB  . GLN A 1 29  ? -10.426 2.929   -10.160 1.00 30.24 ? 99  GLN A CB  1 
ATOM   188 C CG  . GLN A 1 29  ? -9.798  1.753   -10.892 1.00 33.39 ? 99  GLN A CG  1 
ATOM   189 C CD  . GLN A 1 29  ? -10.813 0.757   -11.414 1.00 34.31 ? 99  GLN A CD  1 
ATOM   190 O OE1 . GLN A 1 29  ? -10.444 -0.298  -11.937 1.00 35.56 ? 99  GLN A OE1 1 
ATOM   191 N NE2 . GLN A 1 29  ? -12.094 1.083   -11.280 1.00 34.04 ? 99  GLN A NE2 1 
ATOM   192 N N   . ALA A 1 30  ? -10.583 5.107   -7.758  1.00 27.96 ? 100 ALA A N   1 
ATOM   193 C CA  . ALA A 1 30  ? -11.185 6.323   -7.224  1.00 28.33 ? 100 ALA A CA  1 
ATOM   194 C C   . ALA A 1 30  ? -10.100 7.350   -6.916  1.00 28.17 ? 100 ALA A C   1 
ATOM   195 O O   . ALA A 1 30  ? -10.256 8.536   -7.201  1.00 28.67 ? 100 ALA A O   1 
ATOM   196 C CB  . ALA A 1 30  ? -11.989 6.005   -5.968  1.00 28.49 ? 100 ALA A CB  1 
ATOM   197 N N   . HIS A 1 31  ? -8.993  6.893   -6.340  1.00 27.26 ? 101 HIS A N   1 
ATOM   198 C CA  . HIS A 1 31  ? -7.890  7.792   -6.023  1.00 27.33 ? 101 HIS A CA  1 
ATOM   199 C C   . HIS A 1 31  ? -7.224  8.284   -7.304  1.00 25.90 ? 101 HIS A C   1 
ATOM   200 O O   . HIS A 1 31  ? -6.795  9.433   -7.390  1.00 25.66 ? 101 HIS A O   1 
ATOM   201 C CB  . HIS A 1 31  ? -6.868  7.080   -5.132  1.00 26.41 ? 101 HIS A CB  1 
ATOM   202 C CG  . HIS A 1 31  ? -7.350  6.856   -3.733  1.00 27.08 ? 101 HIS A CG  1 
ATOM   203 N ND1 . HIS A 1 31  ? -7.473  7.880   -2.818  1.00 26.46 ? 101 HIS A ND1 1 
ATOM   204 C CD2 . HIS A 1 31  ? -7.779  5.736   -3.104  1.00 27.05 ? 101 HIS A CD2 1 
ATOM   205 C CE1 . HIS A 1 31  ? -7.960  7.401   -1.687  1.00 26.56 ? 101 HIS A CE1 1 
ATOM   206 N NE2 . HIS A 1 31  ? -8.155  6.103   -1.835  1.00 27.38 ? 101 HIS A NE2 1 
ATOM   207 N N   . ALA A 1 32  ? -7.142  7.410   -8.299  1.00 25.96 ? 102 ALA A N   1 
ATOM   208 C CA  . ALA A 1 32  ? -6.536  7.782   -9.574  1.00 26.23 ? 102 ALA A CA  1 
ATOM   209 C C   . ALA A 1 32  ? -7.323  8.936   -10.193 1.00 26.64 ? 102 ALA A C   1 
ATOM   210 O O   . ALA A 1 32  ? -6.738  9.896   -10.691 1.00 25.41 ? 102 ALA A O   1 
ATOM   211 C CB  . ALA A 1 32  ? -6.525  6.587   -10.519 1.00 24.02 ? 102 ALA A CB  1 
ATOM   212 N N   . GLN A 1 33  ? -8.648  8.836   -10.164 1.00 28.12 ? 103 GLN A N   1 
ATOM   213 C CA  . GLN A 1 33  ? -9.494  9.889   -10.724 1.00 30.36 ? 103 GLN A CA  1 
ATOM   214 C C   . GLN A 1 33  ? -9.284  11.201  -9.988  1.00 30.29 ? 103 GLN A C   1 
ATOM   215 O O   . GLN A 1 33  ? -9.111  12.248  -10.611 1.00 30.50 ? 103 GLN A O   1 
ATOM   216 C CB  . GLN A 1 33  ? -10.971 9.497   -10.653 1.00 31.93 ? 103 GLN A CB  1 
ATOM   217 C CG  . GLN A 1 33  ? -11.395 8.486   -11.703 1.00 36.12 ? 103 GLN A CG  1 
ATOM   218 C CD  . GLN A 1 33  ? -11.102 8.965   -13.111 1.00 38.60 ? 103 GLN A CD  1 
ATOM   219 O OE1 . GLN A 1 33  ? -11.500 10.064  -13.499 1.00 41.75 ? 103 GLN A OE1 1 
ATOM   220 N NE2 . GLN A 1 33  ? -10.404 8.140   -13.887 1.00 39.95 ? 103 GLN A NE2 1 
ATOM   221 N N   . PHE A 1 34  ? -9.298  11.145  -8.660  1.00 29.96 ? 104 PHE A N   1 
ATOM   222 C CA  . PHE A 1 34  ? -9.103  12.348  -7.860  1.00 29.29 ? 104 PHE A CA  1 
ATOM   223 C C   . PHE A 1 34  ? -7.750  12.971  -8.175  1.00 29.13 ? 104 PHE A C   1 
ATOM   224 O O   . PHE A 1 34  ? -7.645  14.178  -8.387  1.00 28.45 ? 104 PHE A O   1 
ATOM   225 C CB  . PHE A 1 34  ? -9.174  12.021  -6.367  1.00 30.20 ? 104 PHE A CB  1 
ATOM   226 C CG  . PHE A 1 34  ? -9.055  13.231  -5.482  1.00 32.03 ? 104 PHE A CG  1 
ATOM   227 C CD1 . PHE A 1 34  ? -10.117 14.127  -5.359  1.00 33.18 ? 104 PHE A CD1 1 
ATOM   228 C CD2 . PHE A 1 34  ? -7.876  13.493  -4.795  1.00 32.75 ? 104 PHE A CD2 1 
ATOM   229 C CE1 . PHE A 1 34  ? -10.002 15.267  -4.564  1.00 33.54 ? 104 PHE A CE1 1 
ATOM   230 C CE2 . PHE A 1 34  ? -7.751  14.632  -3.998  1.00 35.20 ? 104 PHE A CE2 1 
ATOM   231 C CZ  . PHE A 1 34  ? -8.817  15.521  -3.882  1.00 33.38 ? 104 PHE A CZ  1 
ATOM   232 N N   . LEU A 1 35  ? -6.712  12.141  -8.218  1.00 27.21 ? 105 LEU A N   1 
ATOM   233 C CA  . LEU A 1 35  ? -5.373  12.633  -8.505  1.00 26.64 ? 105 LEU A CA  1 
ATOM   234 C C   . LEU A 1 35  ? -5.254  13.265  -9.890  1.00 26.68 ? 105 LEU A C   1 
ATOM   235 O O   . LEU A 1 35  ? -4.663  14.333  -10.032 1.00 24.89 ? 105 LEU A O   1 
ATOM   236 C CB  . LEU A 1 35  ? -4.351  11.501  -8.344  1.00 27.31 ? 105 LEU A CB  1 
ATOM   237 C CG  . LEU A 1 35  ? -4.141  11.050  -6.893  1.00 25.65 ? 105 LEU A CG  1 
ATOM   238 C CD1 . LEU A 1 35  ? -3.298  9.787   -6.848  1.00 24.91 ? 105 LEU A CD1 1 
ATOM   239 C CD2 . LEU A 1 35  ? -3.471  12.173  -6.112  1.00 24.77 ? 105 LEU A CD2 1 
ATOM   240 N N   . MET A 1 36  ? -5.819  12.620  -10.905 1.00 27.35 ? 106 MET A N   1 
ATOM   241 C CA  . MET A 1 36  ? -5.750  13.160  -12.260 1.00 30.92 ? 106 MET A CA  1 
ATOM   242 C C   . MET A 1 36  ? -6.587  14.429  -12.410 1.00 33.27 ? 106 MET A C   1 
ATOM   243 O O   . MET A 1 36  ? -6.395  15.198  -13.351 1.00 35.43 ? 106 MET A O   1 
ATOM   244 C CB  . MET A 1 36  ? -6.214  12.114  -13.279 1.00 30.84 ? 106 MET A CB  1 
ATOM   245 C CG  . MET A 1 36  ? -5.300  10.905  -13.384 1.00 32.71 ? 106 MET A CG  1 
ATOM   246 S SD  . MET A 1 36  ? -5.790  9.760   -14.691 1.00 34.24 ? 106 MET A SD  1 
ATOM   247 C CE  . MET A 1 36  ? -7.058  8.805   -13.863 1.00 32.79 ? 106 MET A CE  1 
ATOM   248 N N   . ALA A 1 37  ? -7.511  14.643  -11.479 1.00 34.52 ? 107 ALA A N   1 
ATOM   249 C CA  . ALA A 1 37  ? -8.378  15.814  -11.512 1.00 36.09 ? 107 ALA A CA  1 
ATOM   250 C C   . ALA A 1 37  ? -7.826  16.951  -10.653 1.00 37.40 ? 107 ALA A C   1 
ATOM   251 O O   . ALA A 1 37  ? -8.243  18.101  -10.792 1.00 39.51 ? 107 ALA A O   1 
ATOM   252 C CB  . ALA A 1 37  ? -9.777  15.434  -11.038 1.00 35.11 ? 107 ALA A CB  1 
ATOM   253 N N   . ASN A 1 38  ? -6.890  16.629  -9.767  1.00 36.89 ? 108 ASN A N   1 
ATOM   254 C CA  . ASN A 1 38  ? -6.295  17.630  -8.890  1.00 36.01 ? 108 ASN A CA  1 
ATOM   255 C C   . ASN A 1 38  ? -4.772  17.560  -8.955  1.00 35.99 ? 108 ASN A C   1 
ATOM   256 O O   . ASN A 1 38  ? -4.132  16.913  -8.127  1.00 34.36 ? 108 ASN A O   1 
ATOM   257 C CB  . ASN A 1 38  ? -6.773  17.407  -7.454  1.00 36.25 ? 108 ASN A CB  1 
ATOM   258 C CG  . ASN A 1 38  ? -8.288  17.439  -7.333  1.00 37.46 ? 108 ASN A CG  1 
ATOM   259 O OD1 . ASN A 1 38  ? -8.985  16.543  -7.813  1.00 38.57 ? 108 ASN A OD1 1 
ATOM   260 N ND2 . ASN A 1 38  ? -8.804  18.483  -6.698  1.00 37.58 ? 108 ASN A ND2 1 
ATOM   261 N N   . ALA A 1 39  ? -4.203  18.247  -9.942  1.00 36.69 ? 109 ALA A N   1 
ATOM   262 C CA  . ALA A 1 39  ? -2.760  18.263  -10.162 1.00 38.07 ? 109 ALA A CA  1 
ATOM   263 C C   . ALA A 1 39  ? -1.901  18.692  -8.973  1.00 39.22 ? 109 ALA A C   1 
ATOM   264 O O   . ALA A 1 39  ? -0.704  18.408  -8.942  1.00 40.18 ? 109 ALA A O   1 
ATOM   265 C CB  . ALA A 1 39  ? -2.438  19.133  -11.369 1.00 38.65 ? 109 ALA A CB  1 
ATOM   266 N N   . ASN A 1 40  ? -2.494  19.377  -8.000  1.00 39.91 ? 110 ASN A N   1 
ATOM   267 C CA  . ASN A 1 40  ? -1.733  19.822  -6.835  1.00 40.62 ? 110 ASN A CA  1 
ATOM   268 C C   . ASN A 1 40  ? -1.723  18.800  -5.708  1.00 39.96 ? 110 ASN A C   1 
ATOM   269 O O   . ASN A 1 40  ? -0.966  18.932  -4.746  1.00 40.69 ? 110 ASN A O   1 
ATOM   270 C CB  . ASN A 1 40  ? -2.280  21.150  -6.308  1.00 43.19 ? 110 ASN A CB  1 
ATOM   271 C CG  . ASN A 1 40  ? -2.065  22.289  -7.279  1.00 45.41 ? 110 ASN A CG  1 
ATOM   272 O OD1 . ASN A 1 40  ? -0.964  22.470  -7.803  1.00 47.06 ? 110 ASN A OD1 1 
ATOM   273 N ND2 . ASN A 1 40  ? -3.114  23.071  -7.521  1.00 46.86 ? 110 ASN A ND2 1 
ATOM   274 N N   . SER A 1 41  ? -2.566  17.782  -5.821  1.00 37.74 ? 111 SER A N   1 
ATOM   275 C CA  . SER A 1 41  ? -2.627  16.751  -4.798  1.00 36.81 ? 111 SER A CA  1 
ATOM   276 C C   . SER A 1 41  ? -1.527  15.727  -5.015  1.00 35.39 ? 111 SER A C   1 
ATOM   277 O O   . SER A 1 41  ? -1.197  15.379  -6.147  1.00 34.44 ? 111 SER A O   1 
ATOM   278 C CB  . SER A 1 41  ? -3.986  16.051  -4.823  1.00 36.82 ? 111 SER A CB  1 
ATOM   279 O OG  . SER A 1 41  ? -5.021  16.945  -4.457  1.00 41.30 ? 111 SER A OG  1 
ATOM   280 N N   . LYS A 1 42  ? -0.948  15.258  -3.919  1.00 34.36 ? 112 LYS A N   1 
ATOM   281 C CA  . LYS A 1 42  ? 0.101   14.256  -3.986  1.00 33.82 ? 112 LYS A CA  1 
ATOM   282 C C   . LYS A 1 42  ? -0.151  13.265  -2.864  1.00 32.42 ? 112 LYS A C   1 
ATOM   283 O O   . LYS A 1 42  ? -0.645  13.637  -1.798  1.00 30.71 ? 112 LYS A O   1 
ATOM   284 C CB  . LYS A 1 42  ? 1.480   14.897  -3.818  1.00 34.75 ? 112 LYS A CB  1 
ATOM   285 C CG  . LYS A 1 42  ? 2.622   13.893  -3.899  1.00 37.78 ? 112 LYS A CG  1 
ATOM   286 C CD  . LYS A 1 42  ? 3.986   14.562  -3.831  1.00 41.17 ? 112 LYS A CD  1 
ATOM   287 C CE  . LYS A 1 42  ? 5.099   13.536  -4.024  1.00 43.37 ? 112 LYS A CE  1 
ATOM   288 N NZ  . LYS A 1 42  ? 6.456   14.151  -4.014  1.00 45.60 ? 112 LYS A NZ  1 
ATOM   289 N N   . VAL A 1 43  ? 0.168   12.000  -3.103  1.00 30.07 ? 113 VAL A N   1 
ATOM   290 C CA  . VAL A 1 43  ? -0.038  10.997  -2.079  1.00 28.25 ? 113 VAL A CA  1 
ATOM   291 C C   . VAL A 1 43  ? 1.222   10.208  -1.790  1.00 27.76 ? 113 VAL A C   1 
ATOM   292 O O   . VAL A 1 43  ? 2.047   9.975   -2.673  1.00 26.91 ? 113 VAL A O   1 
ATOM   293 C CB  . VAL A 1 43  ? -1.142  9.995   -2.471  1.00 30.28 ? 113 VAL A CB  1 
ATOM   294 C CG1 . VAL A 1 43  ? -2.424  10.730  -2.775  1.00 29.48 ? 113 VAL A CG1 1 
ATOM   295 C CG2 . VAL A 1 43  ? -0.698  9.170   -3.662  1.00 30.99 ? 113 VAL A CG2 1 
ATOM   296 N N   . ALA A 1 44  ? 1.366   9.814   -0.533  1.00 25.97 ? 114 ALA A N   1 
ATOM   297 C CA  . ALA A 1 44  ? 2.487   9.003   -0.113  1.00 25.54 ? 114 ALA A CA  1 
ATOM   298 C C   . ALA A 1 44  ? 1.891   7.615   0.054   1.00 24.87 ? 114 ALA A C   1 
ATOM   299 O O   . ALA A 1 44  ? 0.864   7.452   0.715   1.00 24.75 ? 114 ALA A O   1 
ATOM   300 C CB  . ALA A 1 44  ? 3.037   9.502   1.214   1.00 27.11 ? 114 ALA A CB  1 
ATOM   301 N N   . LEU A 1 45  ? 2.518   6.624   -0.566  1.00 22.43 ? 115 LEU A N   1 
ATOM   302 C CA  . LEU A 1 45  ? 2.058   5.244   -0.473  1.00 21.49 ? 115 LEU A CA  1 
ATOM   303 C C   . LEU A 1 45  ? 3.023   4.531   0.466   1.00 22.75 ? 115 LEU A C   1 
ATOM   304 O O   . LEU A 1 45  ? 4.196   4.371   0.145   1.00 23.42 ? 115 LEU A O   1 
ATOM   305 C CB  . LEU A 1 45  ? 2.092   4.593   -1.860  1.00 19.09 ? 115 LEU A CB  1 
ATOM   306 C CG  . LEU A 1 45  ? 1.310   5.349   -2.938  1.00 20.95 ? 115 LEU A CG  1 
ATOM   307 C CD1 . LEU A 1 45  ? 1.543   4.717   -4.305  1.00 22.47 ? 115 LEU A CD1 1 
ATOM   308 C CD2 . LEU A 1 45  ? -0.166  5.343   -2.588  1.00 20.83 ? 115 LEU A CD2 1 
ATOM   309 N N   . THR A 1 46  ? 2.543   4.107   1.629   1.00 21.28 ? 116 THR A N   1 
ATOM   310 C CA  . THR A 1 46  ? 3.428   3.435   2.575   1.00 19.62 ? 116 THR A CA  1 
ATOM   311 C C   . THR A 1 46  ? 3.113   1.951   2.667   1.00 19.32 ? 116 THR A C   1 
ATOM   312 O O   . THR A 1 46  ? 1.979   1.568   2.936   1.00 16.98 ? 116 THR A O   1 
ATOM   313 C CB  . THR A 1 46  ? 3.336   4.089   3.972   1.00 21.16 ? 116 THR A CB  1 
ATOM   314 O OG1 . THR A 1 46  ? 2.012   3.931   4.494   1.00 24.51 ? 116 THR A OG1 1 
ATOM   315 C CG2 . THR A 1 46  ? 3.639   5.585   3.871   1.00 21.93 ? 116 THR A CG2 1 
ATOM   316 N N   . GLY A 1 47  ? 4.127   1.122   2.424   1.00 17.62 ? 117 GLY A N   1 
ATOM   317 C CA  . GLY A 1 47  ? 3.949   -0.321  2.470   1.00 16.59 ? 117 GLY A CA  1 
ATOM   318 C C   . GLY A 1 47  ? 4.268   -0.906  3.831   1.00 17.57 ? 117 GLY A C   1 
ATOM   319 O O   . GLY A 1 47  ? 5.211   -0.464  4.503   1.00 17.17 ? 117 GLY A O   1 
ATOM   320 N N   . HIS A 1 48  ? 3.497   -1.915  4.226   1.00 15.83 ? 118 HIS A N   1 
ATOM   321 C CA  . HIS A 1 48  ? 3.655   -2.555  5.531   1.00 16.90 ? 118 HIS A CA  1 
ATOM   322 C C   . HIS A 1 48  ? 3.492   -4.067  5.437   1.00 15.85 ? 118 HIS A C   1 
ATOM   323 O O   . HIS A 1 48  ? 2.923   -4.579  4.478   1.00 14.73 ? 118 HIS A O   1 
ATOM   324 C CB  . HIS A 1 48  ? 2.601   -2.017  6.501   1.00 13.64 ? 118 HIS A CB  1 
ATOM   325 C CG  . HIS A 1 48  ? 2.631   -0.532  6.663   1.00 17.76 ? 118 HIS A CG  1 
ATOM   326 N ND1 . HIS A 1 48  ? 3.405   0.098   7.612   1.00 16.92 ? 118 HIS A ND1 1 
ATOM   327 C CD2 . HIS A 1 48  ? 2.004   0.452   5.975   1.00 19.22 ? 118 HIS A CD2 1 
ATOM   328 C CE1 . HIS A 1 48  ? 3.255   1.406   7.503   1.00 19.11 ? 118 HIS A CE1 1 
ATOM   329 N NE2 . HIS A 1 48  ? 2.411   1.647   6.517   1.00 21.53 ? 118 HIS A NE2 1 
ATOM   330 N N   . THR A 1 49  ? 3.970   -4.769  6.463   1.00 15.78 ? 119 THR A N   1 
ATOM   331 C CA  . THR A 1 49  ? 3.891   -6.221  6.513   1.00 14.82 ? 119 THR A CA  1 
ATOM   332 C C   . THR A 1 49  ? 3.496   -6.648  7.925   1.00 15.86 ? 119 THR A C   1 
ATOM   333 O O   . THR A 1 49  ? 3.448   -5.820  8.838   1.00 15.16 ? 119 THR A O   1 
ATOM   334 C CB  . THR A 1 49  ? 5.262   -6.856  6.240   1.00 15.81 ? 119 THR A CB  1 
ATOM   335 O OG1 . THR A 1 49  ? 6.119   -6.610  7.364   1.00 17.19 ? 119 THR A OG1 1 
ATOM   336 C CG2 . THR A 1 49  ? 5.908   -6.251  4.997   1.00 16.72 ? 119 THR A CG2 1 
ATOM   337 N N   . ASP A 1 50  ? 3.201   -7.933  8.104   1.00 15.33 ? 120 ASP A N   1 
ATOM   338 C CA  . ASP A 1 50  ? 2.911   -8.416  9.443   1.00 16.34 ? 120 ASP A CA  1 
ATOM   339 C C   . ASP A 1 50  ? 4.281   -8.859  9.959   1.00 17.28 ? 120 ASP A C   1 
ATOM   340 O O   . ASP A 1 50  ? 5.255   -8.850  9.203   1.00 16.64 ? 120 ASP A O   1 
ATOM   341 C CB  . ASP A 1 50  ? 1.855   -9.549  9.452   1.00 17.41 ? 120 ASP A CB  1 
ATOM   342 C CG  . ASP A 1 50  ? 2.261   -10.780 8.648   1.00 18.67 ? 120 ASP A CG  1 
ATOM   343 O OD1 . ASP A 1 50  ? 1.392   -11.296 7.915   1.00 17.84 ? 120 ASP A OD1 1 
ATOM   344 O OD2 . ASP A 1 50  ? 3.410   -11.252 8.760   1.00 18.54 ? 120 ASP A OD2 1 
ATOM   345 N N   . GLU A 1 51  ? 4.359   -9.224  11.233  1.00 17.36 ? 121 GLU A N   1 
ATOM   346 C CA  . GLU A 1 51  ? 5.616   -9.589  11.893  1.00 19.11 ? 121 GLU A CA  1 
ATOM   347 C C   . GLU A 1 51  ? 6.446   -10.781 11.424  1.00 18.47 ? 121 GLU A C   1 
ATOM   348 O O   . GLU A 1 51  ? 7.627   -10.875 11.769  1.00 18.50 ? 121 GLU A O   1 
ATOM   349 C CB  . GLU A 1 51  ? 5.347   -9.785  13.383  1.00 21.27 ? 121 GLU A CB  1 
ATOM   350 C CG  . GLU A 1 51  ? 4.318   -10.864 13.632  1.00 24.68 ? 121 GLU A CG  1 
ATOM   351 C CD  . GLU A 1 51  ? 4.075   -11.132 15.100  1.00 28.71 ? 121 GLU A CD  1 
ATOM   352 O OE1 . GLU A 1 51  ? 2.998   -11.671 15.422  1.00 29.50 ? 121 GLU A OE1 1 
ATOM   353 O OE2 . GLU A 1 51  ? 4.959   -10.818 15.928  1.00 32.78 ? 121 GLU A OE2 1 
ATOM   354 N N   . ARG A 1 52  ? 5.848   -11.692 10.664  1.00 17.79 ? 122 ARG A N   1 
ATOM   355 C CA  . ARG A 1 52  ? 6.555   -12.893 10.228  1.00 16.65 ? 122 ARG A CA  1 
ATOM   356 C C   . ARG A 1 52  ? 7.707   -12.658 9.255   1.00 15.68 ? 122 ARG A C   1 
ATOM   357 O O   . ARG A 1 52  ? 7.527   -12.065 8.196   1.00 15.42 ? 122 ARG A O   1 
ATOM   358 C CB  . ARG A 1 52  ? 5.546   -13.875 9.627   1.00 14.68 ? 122 ARG A CB  1 
ATOM   359 C CG  . ARG A 1 52  ? 4.501   -14.317 10.642  1.00 16.70 ? 122 ARG A CG  1 
ATOM   360 C CD  . ARG A 1 52  ? 3.425   -15.157 9.998   1.00 17.61 ? 122 ARG A CD  1 
ATOM   361 N NE  . ARG A 1 52  ? 2.540   -14.351 9.164   1.00 18.56 ? 122 ARG A NE  1 
ATOM   362 C CZ  . ARG A 1 52  ? 1.512   -14.845 8.485   1.00 18.13 ? 122 ARG A CZ  1 
ATOM   363 N NH1 . ARG A 1 52  ? 1.248   -16.144 8.543   1.00 19.14 ? 122 ARG A NH1 1 
ATOM   364 N NH2 . ARG A 1 52  ? 0.744   -14.043 7.763   1.00 18.35 ? 122 ARG A NH2 1 
ATOM   365 N N   . GLY A 1 53  ? 8.890   -13.139 9.624   1.00 15.81 ? 123 GLY A N   1 
ATOM   366 C CA  . GLY A 1 53  ? 10.049  -12.968 8.770   1.00 18.24 ? 123 GLY A CA  1 
ATOM   367 C C   . GLY A 1 53  ? 10.979  -11.891 9.288   1.00 18.99 ? 123 GLY A C   1 
ATOM   368 O O   . GLY A 1 53  ? 10.624  -11.131 10.187  1.00 18.24 ? 123 GLY A O   1 
ATOM   369 N N   . THR A 1 54  ? 12.173  -11.813 8.715   1.00 20.34 ? 124 THR A N   1 
ATOM   370 C CA  . THR A 1 54  ? 13.155  -10.829 9.148   1.00 20.55 ? 124 THR A CA  1 
ATOM   371 C C   . THR A 1 54  ? 12.756  -9.409  8.782   1.00 20.70 ? 124 THR A C   1 
ATOM   372 O O   . THR A 1 54  ? 11.873  -9.191  7.950   1.00 18.94 ? 124 THR A O   1 
ATOM   373 C CB  . THR A 1 54  ? 14.532  -11.120 8.532   1.00 22.85 ? 124 THR A CB  1 
ATOM   374 O OG1 . THR A 1 54  ? 14.460  -10.957 7.109   1.00 21.61 ? 124 THR A OG1 1 
ATOM   375 C CG2 . THR A 1 54  ? 14.965  -12.545 8.863   1.00 24.92 ? 124 THR A CG2 1 
ATOM   376 N N   . ARG A 1 55  ? 13.412  -8.443  9.416   1.00 20.50 ? 125 ARG A N   1 
ATOM   377 C CA  . ARG A 1 55  ? 13.140  -7.040  9.145   1.00 21.85 ? 125 ARG A CA  1 
ATOM   378 C C   . ARG A 1 55  ? 13.496  -6.703  7.705   1.00 21.28 ? 125 ARG A C   1 
ATOM   379 O O   . ARG A 1 55  ? 12.794  -5.936  7.050   1.00 20.16 ? 125 ARG A O   1 
ATOM   380 C CB  . ARG A 1 55  ? 13.958  -6.139  10.075  1.00 24.03 ? 125 ARG A CB  1 
ATOM   381 C CG  . ARG A 1 55  ? 13.469  -6.065  11.510  1.00 30.03 ? 125 ARG A CG  1 
ATOM   382 C CD  . ARG A 1 55  ? 14.410  -5.180  12.320  1.00 34.06 ? 125 ARG A CD  1 
ATOM   383 N NE  . ARG A 1 55  ? 14.596  -3.873  11.686  1.00 38.31 ? 125 ARG A NE  1 
ATOM   384 C CZ  . ARG A 1 55  ? 15.587  -3.032  11.971  1.00 41.08 ? 125 ARG A CZ  1 
ATOM   385 N NH1 . ARG A 1 55  ? 15.674  -1.864  11.345  1.00 40.42 ? 125 ARG A NH1 1 
ATOM   386 N NH2 . ARG A 1 55  ? 16.498  -3.361  12.877  1.00 41.19 ? 125 ARG A NH2 1 
ATOM   387 N N   . GLU A 1 56  ? 14.602  -7.264  7.223   1.00 21.30 ? 126 GLU A N   1 
ATOM   388 C CA  . GLU A 1 56  ? 15.053  -7.003  5.860   1.00 22.69 ? 126 GLU A CA  1 
ATOM   389 C C   . GLU A 1 56  ? 14.106  -7.603  4.830   1.00 19.85 ? 126 GLU A C   1 
ATOM   390 O O   . GLU A 1 56  ? 13.805  -6.973  3.824   1.00 17.83 ? 126 GLU A O   1 
ATOM   391 C CB  . GLU A 1 56  ? 16.476  -7.532  5.662   1.00 27.70 ? 126 GLU A CB  1 
ATOM   392 C CG  . GLU A 1 56  ? 17.517  -6.682  6.385   1.00 37.29 ? 126 GLU A CG  1 
ATOM   393 C CD  . GLU A 1 56  ? 18.917  -7.268  6.335   1.00 44.18 ? 126 GLU A CD  1 
ATOM   394 O OE1 . GLU A 1 56  ? 19.833  -6.656  6.932   1.00 47.27 ? 126 GLU A OE1 1 
ATOM   395 O OE2 . GLU A 1 56  ? 19.104  -8.335  5.707   1.00 48.23 ? 126 GLU A OE2 1 
ATOM   396 N N   . TYR A 1 57  ? 13.640  -8.820  5.083   1.00 18.91 ? 127 TYR A N   1 
ATOM   397 C CA  . TYR A 1 57  ? 12.702  -9.459  4.171   1.00 19.19 ? 127 TYR A CA  1 
ATOM   398 C C   . TYR A 1 57  ? 11.427  -8.613  4.109   1.00 17.13 ? 127 TYR A C   1 
ATOM   399 O O   . TYR A 1 57  ? 10.910  -8.326  3.028   1.00 17.96 ? 127 TYR A O   1 
ATOM   400 C CB  . TYR A 1 57  ? 12.367  -10.874 4.667   1.00 18.61 ? 127 TYR A CB  1 
ATOM   401 C CG  . TYR A 1 57  ? 10.980  -11.359 4.283   1.00 19.87 ? 127 TYR A CG  1 
ATOM   402 C CD1 . TYR A 1 57  ? 10.637  -11.598 2.951   1.00 20.58 ? 127 TYR A CD1 1 
ATOM   403 C CD2 . TYR A 1 57  ? 10.009  -11.574 5.258   1.00 18.34 ? 127 TYR A CD2 1 
ATOM   404 C CE1 . TYR A 1 57  ? 9.357   -12.040 2.606   1.00 19.98 ? 127 TYR A CE1 1 
ATOM   405 C CE2 . TYR A 1 57  ? 8.734   -12.016 4.926   1.00 18.02 ? 127 TYR A CE2 1 
ATOM   406 C CZ  . TYR A 1 57  ? 8.414   -12.250 3.602   1.00 19.75 ? 127 TYR A CZ  1 
ATOM   407 O OH  . TYR A 1 57  ? 7.153   -12.704 3.282   1.00 20.59 ? 127 TYR A OH  1 
ATOM   408 N N   . ASN A 1 58  ? 10.930  -8.201  5.269   1.00 16.59 ? 128 ASN A N   1 
ATOM   409 C CA  . ASN A 1 58  ? 9.706   -7.407  5.311   1.00 15.16 ? 128 ASN A CA  1 
ATOM   410 C C   . ASN A 1 58  ? 9.866   -5.993  4.764   1.00 17.25 ? 128 ASN A C   1 
ATOM   411 O O   . ASN A 1 58  ? 8.922   -5.421  4.214   1.00 15.53 ? 128 ASN A O   1 
ATOM   412 C CB  . ASN A 1 58  ? 9.149   -7.389  6.733   1.00 15.17 ? 128 ASN A CB  1 
ATOM   413 C CG  . ASN A 1 58  ? 8.419   -8.676  7.069   1.00 15.74 ? 128 ASN A CG  1 
ATOM   414 O OD1 . ASN A 1 58  ? 7.461   -9.041  6.391   1.00 14.90 ? 128 ASN A OD1 1 
ATOM   415 N ND2 . ASN A 1 58  ? 8.876   -9.379  8.101   1.00 16.73 ? 128 ASN A ND2 1 
ATOM   416 N N   . MET A 1 59  ? 11.055  -5.421  4.905   1.00 16.76 ? 129 MET A N   1 
ATOM   417 C CA  . MET A 1 59  ? 11.280  -4.083  4.376   1.00 18.92 ? 129 MET A CA  1 
ATOM   418 C C   . MET A 1 59  ? 11.119  -4.134  2.856   1.00 18.49 ? 129 MET A C   1 
ATOM   419 O O   . MET A 1 59  ? 10.493  -3.259  2.257   1.00 19.44 ? 129 MET A O   1 
ATOM   420 C CB  . MET A 1 59  ? 12.684  -3.590  4.742   1.00 22.61 ? 129 MET A CB  1 
ATOM   421 C CG  . MET A 1 59  ? 12.946  -2.132  4.375   1.00 28.61 ? 129 MET A CG  1 
ATOM   422 S SD  . MET A 1 59  ? 11.758  -0.985  5.130   1.00 33.67 ? 129 MET A SD  1 
ATOM   423 C CE  . MET A 1 59  ? 12.034  -1.291  6.847   1.00 29.99 ? 129 MET A CE  1 
ATOM   424 N N   . ALA A 1 60  ? 11.679  -5.173  2.237   1.00 18.76 ? 130 ALA A N   1 
ATOM   425 C CA  . ALA A 1 60  ? 11.599  -5.337  0.785   1.00 18.74 ? 130 ALA A CA  1 
ATOM   426 C C   . ALA A 1 60  ? 10.186  -5.686  0.334   1.00 18.15 ? 130 ALA A C   1 
ATOM   427 O O   . ALA A 1 60  ? 9.725   -5.211  -0.703  1.00 16.67 ? 130 ALA A O   1 
ATOM   428 C CB  . ALA A 1 60  ? 12.575  -6.422  0.319   1.00 19.37 ? 130 ALA A CB  1 
ATOM   429 N N   . LEU A 1 61  ? 9.506   -6.533  1.104   1.00 16.39 ? 131 LEU A N   1 
ATOM   430 C CA  . LEU A 1 61  ? 8.142   -6.928  0.776   1.00 16.04 ? 131 LEU A CA  1 
ATOM   431 C C   . LEU A 1 61  ? 7.241   -5.697  0.843   1.00 15.76 ? 131 LEU A C   1 
ATOM   432 O O   . LEU A 1 61  ? 6.392   -5.490  -0.024  1.00 16.73 ? 131 LEU A O   1 
ATOM   433 C CB  . LEU A 1 61  ? 7.646   -7.993  1.757   1.00 16.48 ? 131 LEU A CB  1 
ATOM   434 C CG  . LEU A 1 61  ? 6.181   -8.430  1.616   1.00 17.26 ? 131 LEU A CG  1 
ATOM   435 C CD1 . LEU A 1 61  ? 5.907   -8.961  0.213   1.00 15.90 ? 131 LEU A CD1 1 
ATOM   436 C CD2 . LEU A 1 61  ? 5.888   -9.495  2.658   1.00 16.62 ? 131 LEU A CD2 1 
ATOM   437 N N   . GLY A 1 62  ? 7.442   -4.878  1.871   1.00 15.13 ? 132 GLY A N   1 
ATOM   438 C CA  . GLY A 1 62  ? 6.649   -3.671  2.025   1.00 15.80 ? 132 GLY A CA  1 
ATOM   439 C C   . GLY A 1 62  ? 6.836   -2.755  0.829   1.00 17.53 ? 132 GLY A C   1 
ATOM   440 O O   . GLY A 1 62  ? 5.893   -2.103  0.376   1.00 15.84 ? 132 GLY A O   1 
ATOM   441 N N   . GLU A 1 63  ? 8.061   -2.711  0.314   1.00 17.42 ? 133 GLU A N   1 
ATOM   442 C CA  . GLU A 1 63  ? 8.375   -1.871  -0.837  1.00 20.04 ? 133 GLU A CA  1 
ATOM   443 C C   . GLU A 1 63  ? 7.689   -2.414  -2.096  1.00 19.39 ? 133 GLU A C   1 
ATOM   444 O O   . GLU A 1 63  ? 7.184   -1.646  -2.909  1.00 20.03 ? 133 GLU A O   1 
ATOM   445 C CB  . GLU A 1 63  ? 9.893   -1.805  -1.046  1.00 23.59 ? 133 GLU A CB  1 
ATOM   446 C CG  . GLU A 1 63  ? 10.327  -0.962  -2.244  1.00 30.75 ? 133 GLU A CG  1 
ATOM   447 C CD  . GLU A 1 63  ? 10.062  0.524   -2.060  1.00 37.30 ? 133 GLU A CD  1 
ATOM   448 O OE1 . GLU A 1 63  ? 10.261  1.288   -3.030  1.00 40.59 ? 133 GLU A OE1 1 
ATOM   449 O OE2 . GLU A 1 63  ? 9.659   0.934   -0.950  1.00 40.94 ? 133 GLU A OE2 1 
ATOM   450 N N   . ARG A 1 64  ? 7.667   -3.735  -2.258  1.00 18.23 ? 134 ARG A N   1 
ATOM   451 C CA  . ARG A 1 64  ? 7.008   -4.320  -3.422  1.00 18.64 ? 134 ARG A CA  1 
ATOM   452 C C   . ARG A 1 64  ? 5.516   -4.000  -3.369  1.00 18.40 ? 134 ARG A C   1 
ATOM   453 O O   . ARG A 1 64  ? 4.894   -3.723  -4.396  1.00 16.99 ? 134 ARG A O   1 
ATOM   454 C CB  . ARG A 1 64  ? 7.222   -5.838  -3.479  1.00 18.80 ? 134 ARG A CB  1 
ATOM   455 C CG  . ARG A 1 64  ? 8.658   -6.231  -3.825  1.00 22.36 ? 134 ARG A CG  1 
ATOM   456 C CD  . ARG A 1 64  ? 8.784   -7.702  -4.196  1.00 22.29 ? 134 ARG A CD  1 
ATOM   457 N NE  . ARG A 1 64  ? 8.596   -8.601  -3.059  1.00 23.76 ? 134 ARG A NE  1 
ATOM   458 C CZ  . ARG A 1 64  ? 9.514   -8.845  -2.127  1.00 24.17 ? 134 ARG A CZ  1 
ATOM   459 N NH1 . ARG A 1 64  ? 9.242   -9.680  -1.134  1.00 24.42 ? 134 ARG A NH1 1 
ATOM   460 N NH2 . ARG A 1 64  ? 10.703  -8.264  -2.189  1.00 23.89 ? 134 ARG A NH2 1 
ATOM   461 N N   . ARG A 1 65  ? 4.944   -4.028  -2.169  1.00 16.99 ? 135 ARG A N   1 
ATOM   462 C CA  . ARG A 1 65  ? 3.526   -3.715  -2.017  1.00 16.57 ? 135 ARG A CA  1 
ATOM   463 C C   . ARG A 1 65  ? 3.237   -2.266  -2.392  1.00 16.18 ? 135 ARG A C   1 
ATOM   464 O O   . ARG A 1 65  ? 2.308   -1.985  -3.151  1.00 16.73 ? 135 ARG A O   1 
ATOM   465 C CB  . ARG A 1 65  ? 3.069   -4.003  -0.581  1.00 15.47 ? 135 ARG A CB  1 
ATOM   466 C CG  . ARG A 1 65  ? 2.934   -5.494  -0.319  1.00 15.46 ? 135 ARG A CG  1 
ATOM   467 C CD  . ARG A 1 65  ? 2.653   -5.849  1.139   1.00 14.49 ? 135 ARG A CD  1 
ATOM   468 N NE  . ARG A 1 65  ? 2.339   -7.274  1.231   1.00 14.36 ? 135 ARG A NE  1 
ATOM   469 C CZ  . ARG A 1 65  ? 2.403   -8.002  2.339   1.00 13.13 ? 135 ARG A CZ  1 
ATOM   470 N NH1 . ARG A 1 65  ? 2.777   -7.451  3.491   1.00 11.00 ? 135 ARG A NH1 1 
ATOM   471 N NH2 . ARG A 1 65  ? 2.089   -9.289  2.289   1.00 14.10 ? 135 ARG A NH2 1 
ATOM   472 N N   . ALA A 1 66  ? 4.034   -1.342  -1.871  1.00 16.62 ? 136 ALA A N   1 
ATOM   473 C CA  . ALA A 1 66  ? 3.834   0.071   -2.179  1.00 16.53 ? 136 ALA A CA  1 
ATOM   474 C C   . ALA A 1 66  ? 4.025   0.322   -3.678  1.00 17.31 ? 136 ALA A C   1 
ATOM   475 O O   . ALA A 1 66  ? 3.310   1.133   -4.282  1.00 16.17 ? 136 ALA A O   1 
ATOM   476 C CB  . ALA A 1 66  ? 4.812   0.926   -1.374  1.00 16.13 ? 136 ALA A CB  1 
ATOM   477 N N   . LYS A 1 67  ? 4.986   -0.376  -4.276  1.00 14.74 ? 137 LYS A N   1 
ATOM   478 C CA  . LYS A 1 67  ? 5.264   -0.216  -5.702  1.00 17.16 ? 137 LYS A CA  1 
ATOM   479 C C   . LYS A 1 67  ? 4.187   -0.826  -6.587  1.00 17.61 ? 137 LYS A C   1 
ATOM   480 O O   . LYS A 1 67  ? 3.997   -0.388  -7.720  1.00 16.93 ? 137 LYS A O   1 
ATOM   481 C CB  . LYS A 1 67  ? 6.629   -0.818  -6.059  1.00 17.87 ? 137 LYS A CB  1 
ATOM   482 C CG  . LYS A 1 67  ? 7.818   0.008   -5.561  1.00 21.09 ? 137 LYS A CG  1 
ATOM   483 C CD  . LYS A 1 67  ? 7.794   1.404   -6.165  1.00 24.83 ? 137 LYS A CD  1 
ATOM   484 C CE  . LYS A 1 67  ? 8.983   2.245   -5.718  1.00 28.12 ? 137 LYS A CE  1 
ATOM   485 N NZ  . LYS A 1 67  ? 8.964   3.596   -6.365  1.00 28.36 ? 137 LYS A NZ  1 
ATOM   486 N N   . ALA A 1 68  ? 3.487   -1.838  -6.080  1.00 16.25 ? 138 ALA A N   1 
ATOM   487 C CA  . ALA A 1 68  ? 2.419   -2.458  -6.852  1.00 16.51 ? 138 ALA A CA  1 
ATOM   488 C C   . ALA A 1 68  ? 1.250   -1.466  -6.923  1.00 16.86 ? 138 ALA A C   1 
ATOM   489 O O   . ALA A 1 68  ? 0.597   -1.331  -7.958  1.00 16.78 ? 138 ALA A O   1 
ATOM   490 C CB  . ALA A 1 68  ? 1.974   -3.772  -6.191  1.00 15.77 ? 138 ALA A CB  1 
ATOM   491 N N   . VAL A 1 69  ? 0.990   -0.771  -5.819  1.00 16.65 ? 139 VAL A N   1 
ATOM   492 C CA  . VAL A 1 69  ? -0.086  0.215   -5.790  1.00 16.83 ? 139 VAL A CA  1 
ATOM   493 C C   . VAL A 1 69  ? 0.312   1.367   -6.711  1.00 18.60 ? 139 VAL A C   1 
ATOM   494 O O   . VAL A 1 69  ? -0.500  1.870   -7.493  1.00 18.08 ? 139 VAL A O   1 
ATOM   495 C CB  . VAL A 1 69  ? -0.322  0.744   -4.361  1.00 19.20 ? 139 VAL A CB  1 
ATOM   496 C CG1 . VAL A 1 69  ? -1.299  1.919   -4.387  1.00 17.33 ? 139 VAL A CG1 1 
ATOM   497 C CG2 . VAL A 1 69  ? -0.874  -0.374  -3.484  1.00 17.37 ? 139 VAL A CG2 1 
ATOM   498 N N   . GLN A 1 70  ? 1.575   1.766   -6.617  1.00 17.01 ? 140 GLN A N   1 
ATOM   499 C CA  . GLN A 1 70  ? 2.110   2.839   -7.445  1.00 18.00 ? 140 GLN A CA  1 
ATOM   500 C C   . GLN A 1 70  ? 1.942   2.487   -8.918  1.00 17.34 ? 140 GLN A C   1 
ATOM   501 O O   . GLN A 1 70  ? 1.507   3.315   -9.718  1.00 17.15 ? 140 GLN A O   1 
ATOM   502 C CB  . GLN A 1 70  ? 3.595   3.041   -7.149  1.00 19.12 ? 140 GLN A CB  1 
ATOM   503 C CG  . GLN A 1 70  ? 4.204   4.243   -7.850  1.00 21.19 ? 140 GLN A CG  1 
ATOM   504 C CD  . GLN A 1 70  ? 5.694   4.348   -7.601  1.00 24.25 ? 140 GLN A CD  1 
ATOM   505 O OE1 . GLN A 1 70  ? 6.487   3.616   -8.192  1.00 30.19 ? 140 GLN A OE1 1 
ATOM   506 N NE2 . GLN A 1 70  ? 6.081   5.251   -6.716  1.00 26.21 ? 140 GLN A NE2 1 
ATOM   507 N N   . ASN A 1 71  ? 2.292   1.252   -9.269  1.00 18.19 ? 141 ASN A N   1 
ATOM   508 C CA  . ASN A 1 71  ? 2.188   0.786   -10.647 1.00 18.97 ? 141 ASN A CA  1 
ATOM   509 C C   . ASN A 1 71  ? 0.764   0.867   -11.176 1.00 19.15 ? 141 ASN A C   1 
ATOM   510 O O   . ASN A 1 71  ? 0.542   1.273   -12.314 1.00 19.72 ? 141 ASN A O   1 
ATOM   511 C CB  . ASN A 1 71  ? 2.686   -0.656  -10.770 1.00 20.58 ? 141 ASN A CB  1 
ATOM   512 C CG  . ASN A 1 71  ? 2.439   -1.239  -12.148 1.00 23.94 ? 141 ASN A CG  1 
ATOM   513 O OD1 . ASN A 1 71  ? 1.562   -2.088  -12.332 1.00 27.84 ? 141 ASN A OD1 1 
ATOM   514 N ND2 . ASN A 1 71  ? 3.203   -0.778  -13.127 1.00 22.55 ? 141 ASN A ND2 1 
ATOM   515 N N   . TYR A 1 72  ? -0.201  0.474   -10.353 1.00 18.32 ? 142 TYR A N   1 
ATOM   516 C CA  . TYR A 1 72  ? -1.586  0.521   -10.779 1.00 17.84 ? 142 TYR A CA  1 
ATOM   517 C C   . TYR A 1 72  ? -2.004  1.955   -11.068 1.00 19.50 ? 142 TYR A C   1 
ATOM   518 O O   . TYR A 1 72  ? -2.646  2.235   -12.085 1.00 18.77 ? 142 TYR A O   1 
ATOM   519 C CB  . TYR A 1 72  ? -2.521  -0.059  -9.713  1.00 19.26 ? 142 TYR A CB  1 
ATOM   520 C CG  . TYR A 1 72  ? -3.926  -0.230  -10.248 1.00 21.58 ? 142 TYR A CG  1 
ATOM   521 C CD1 . TYR A 1 72  ? -4.255  -1.329  -11.039 1.00 23.69 ? 142 TYR A CD1 1 
ATOM   522 C CD2 . TYR A 1 72  ? -4.894  0.753   -10.054 1.00 23.85 ? 142 TYR A CD2 1 
ATOM   523 C CE1 . TYR A 1 72  ? -5.506  -1.444  -11.631 1.00 26.56 ? 142 TYR A CE1 1 
ATOM   524 C CE2 . TYR A 1 72  ? -6.155  0.649   -10.648 1.00 25.75 ? 142 TYR A CE2 1 
ATOM   525 C CZ  . TYR A 1 72  ? -6.450  -0.454  -11.437 1.00 27.09 ? 142 TYR A CZ  1 
ATOM   526 O OH  . TYR A 1 72  ? -7.682  -0.564  -12.047 1.00 30.76 ? 142 TYR A OH  1 
ATOM   527 N N   . LEU A 1 73  ? -1.639  2.864   -10.171 1.00 17.50 ? 143 LEU A N   1 
ATOM   528 C CA  . LEU A 1 73  ? -1.999  4.265   -10.331 1.00 18.73 ? 143 LEU A CA  1 
ATOM   529 C C   . LEU A 1 73  ? -1.340  4.877   -11.561 1.00 17.58 ? 143 LEU A C   1 
ATOM   530 O O   . LEU A 1 73  ? -1.996  5.551   -12.349 1.00 17.90 ? 143 LEU A O   1 
ATOM   531 C CB  . LEU A 1 73  ? -1.625  5.047   -9.068  1.00 17.75 ? 143 LEU A CB  1 
ATOM   532 C CG  . LEU A 1 73  ? -2.446  4.649   -7.835  1.00 20.63 ? 143 LEU A CG  1 
ATOM   533 C CD1 . LEU A 1 73  ? -1.868  5.295   -6.576  1.00 18.69 ? 143 LEU A CD1 1 
ATOM   534 C CD2 . LEU A 1 73  ? -3.901  5.061   -8.039  1.00 18.14 ? 143 LEU A CD2 1 
ATOM   535 N N   . ILE A 1 74  ? -0.046  4.633   -11.742 1.00 16.55 ? 144 ILE A N   1 
ATOM   536 C CA  . ILE A 1 74  ? 0.645   5.173   -12.904 1.00 17.41 ? 144 ILE A CA  1 
ATOM   537 C C   . ILE A 1 74  ? 0.099   4.572   -14.201 1.00 18.29 ? 144 ILE A C   1 
ATOM   538 O O   . ILE A 1 74  ? -0.127  5.288   -15.176 1.00 18.00 ? 144 ILE A O   1 
ATOM   539 C CB  . ILE A 1 74  ? 2.167   4.926   -12.817 1.00 17.26 ? 144 ILE A CB  1 
ATOM   540 C CG1 . ILE A 1 74  ? 2.760   5.781   -11.695 1.00 19.84 ? 144 ILE A CG1 1 
ATOM   541 C CG2 . ILE A 1 74  ? 2.830   5.263   -14.153 1.00 19.94 ? 144 ILE A CG2 1 
ATOM   542 C CD1 . ILE A 1 74  ? 4.257   5.570   -11.465 1.00 18.83 ? 144 ILE A CD1 1 
ATOM   543 N N   . THR A 1 75  ? -0.125  3.261   -14.210 1.00 17.28 ? 145 THR A N   1 
ATOM   544 C CA  . THR A 1 75  ? -0.646  2.596   -15.400 1.00 18.44 ? 145 THR A CA  1 
ATOM   545 C C   . THR A 1 75  ? -2.020  3.159   -15.778 1.00 19.82 ? 145 THR A C   1 
ATOM   546 O O   . THR A 1 75  ? -2.360  3.253   -16.961 1.00 19.88 ? 145 THR A O   1 
ATOM   547 C CB  . THR A 1 75  ? -0.746  1.068   -15.185 1.00 20.47 ? 145 THR A CB  1 
ATOM   548 O OG1 . THR A 1 75  ? 0.568   0.537   -14.966 1.00 20.60 ? 145 THR A OG1 1 
ATOM   549 C CG2 . THR A 1 75  ? -1.356  0.385   -16.409 1.00 19.99 ? 145 THR A CG2 1 
ATOM   550 N N   . SER A 1 76  ? -2.796  3.550   -14.772 1.00 18.16 ? 146 SER A N   1 
ATOM   551 C CA  . SER A 1 76  ? -4.119  4.117   -15.005 1.00 19.87 ? 146 SER A CA  1 
ATOM   552 C C   . SER A 1 76  ? -4.025  5.543   -15.538 1.00 21.62 ? 146 SER A C   1 
ATOM   553 O O   . SER A 1 76  ? -5.024  6.114   -15.976 1.00 22.50 ? 146 SER A O   1 
ATOM   554 C CB  . SER A 1 76  ? -4.935  4.112   -13.715 1.00 21.18 ? 146 SER A CB  1 
ATOM   555 O OG  . SER A 1 76  ? -5.233  2.785   -13.321 1.00 26.71 ? 146 SER A OG  1 
ATOM   556 N N   . GLY A 1 77  ? -2.827  6.122   -15.486 1.00 21.58 ? 147 GLY A N   1 
ATOM   557 C CA  . GLY A 1 77  ? -2.651  7.472   -15.995 1.00 22.37 ? 147 GLY A CA  1 
ATOM   558 C C   . GLY A 1 77  ? -2.212  8.546   -15.011 1.00 22.48 ? 147 GLY A C   1 
ATOM   559 O O   . GLY A 1 77  ? -2.100  9.716   -15.387 1.00 21.23 ? 147 GLY A O   1 
ATOM   560 N N   . VAL A 1 78  ? -1.955  8.174   -13.759 1.00 20.49 ? 148 VAL A N   1 
ATOM   561 C CA  . VAL A 1 78  ? -1.529  9.161   -12.763 1.00 19.72 ? 148 VAL A CA  1 
ATOM   562 C C   . VAL A 1 78  ? -0.084  9.639   -12.979 1.00 19.82 ? 148 VAL A C   1 
ATOM   563 O O   . VAL A 1 78  ? 0.820   8.842   -13.236 1.00 18.76 ? 148 VAL A O   1 
ATOM   564 C CB  . VAL A 1 78  ? -1.662  8.591   -11.320 1.00 18.83 ? 148 VAL A CB  1 
ATOM   565 C CG1 . VAL A 1 78  ? -1.167  9.607   -10.302 1.00 18.75 ? 148 VAL A CG1 1 
ATOM   566 C CG2 . VAL A 1 78  ? -3.113  8.227   -11.036 1.00 16.05 ? 148 VAL A CG2 1 
ATOM   567 N N   . ASN A 1 79  ? 0.118   10.953  -12.886 1.00 20.63 ? 149 ASN A N   1 
ATOM   568 C CA  . ASN A 1 79  ? 1.441   11.567  -13.035 1.00 19.87 ? 149 ASN A CA  1 
ATOM   569 C C   . ASN A 1 79  ? 2.346   11.047  -11.908 1.00 20.31 ? 149 ASN A C   1 
ATOM   570 O O   . ASN A 1 79  ? 2.008   11.169  -10.726 1.00 21.80 ? 149 ASN A O   1 
ATOM   571 C CB  . ASN A 1 79  ? 1.301   13.095  -12.932 1.00 24.04 ? 149 ASN A CB  1 
ATOM   572 C CG  . ASN A 1 79  ? 2.634   13.836  -13.038 1.00 25.44 ? 149 ASN A CG  1 
ATOM   573 O OD1 . ASN A 1 79  ? 2.678   15.056  -12.889 1.00 31.32 ? 149 ASN A OD1 1 
ATOM   574 N ND2 . ASN A 1 79  ? 3.712   13.112  -13.296 1.00 23.49 ? 149 ASN A ND2 1 
ATOM   575 N N   . PRO A 1 80  ? 3.502   10.458  -12.256 1.00 19.60 ? 150 PRO A N   1 
ATOM   576 C CA  . PRO A 1 80  ? 4.424   9.933   -11.243 1.00 20.34 ? 150 PRO A CA  1 
ATOM   577 C C   . PRO A 1 80  ? 4.793   10.962  -10.174 1.00 21.26 ? 150 PRO A C   1 
ATOM   578 O O   . PRO A 1 80  ? 5.068   10.605  -9.032  1.00 19.15 ? 150 PRO A O   1 
ATOM   579 C CB  . PRO A 1 80  ? 5.636   9.503   -12.067 1.00 19.00 ? 150 PRO A CB  1 
ATOM   580 C CG  . PRO A 1 80  ? 5.022   9.071   -13.354 1.00 18.88 ? 150 PRO A CG  1 
ATOM   581 C CD  . PRO A 1 80  ? 3.999   10.165  -13.615 1.00 19.13 ? 150 PRO A CD  1 
ATOM   582 N N   . GLN A 1 81  ? 4.794   12.237  -10.554 1.00 21.82 ? 151 GLN A N   1 
ATOM   583 C CA  . GLN A 1 81  ? 5.127   13.315  -9.626  1.00 23.70 ? 151 GLN A CA  1 
ATOM   584 C C   . GLN A 1 81  ? 4.159   13.420  -8.453  1.00 24.54 ? 151 GLN A C   1 
ATOM   585 O O   . GLN A 1 81  ? 4.488   13.998  -7.419  1.00 24.97 ? 151 GLN A O   1 
ATOM   586 C CB  . GLN A 1 81  ? 5.158   14.656  -10.363 1.00 25.87 ? 151 GLN A CB  1 
ATOM   587 C CG  . GLN A 1 81  ? 6.434   14.897  -11.137 1.00 30.70 ? 151 GLN A CG  1 
ATOM   588 C CD  . GLN A 1 81  ? 6.464   16.261  -11.800 1.00 32.99 ? 151 GLN A CD  1 
ATOM   589 O OE1 . GLN A 1 81  ? 7.535   16.820  -12.044 1.00 34.58 ? 151 GLN A OE1 1 
ATOM   590 N NE2 . GLN A 1 81  ? 5.288   16.798  -12.107 1.00 32.05 ? 151 GLN A NE2 1 
ATOM   591 N N   . GLN A 1 82  ? 2.965   12.865  -8.612  1.00 23.92 ? 152 GLN A N   1 
ATOM   592 C CA  . GLN A 1 82  ? 1.970   12.927  -7.548  1.00 23.91 ? 152 GLN A CA  1 
ATOM   593 C C   . GLN A 1 82  ? 2.001   11.699  -6.653  1.00 24.03 ? 152 GLN A C   1 
ATOM   594 O O   . GLN A 1 82  ? 1.131   11.528  -5.795  1.00 23.65 ? 152 GLN A O   1 
ATOM   595 C CB  . GLN A 1 82  ? 0.572   13.078  -8.145  1.00 24.17 ? 152 GLN A CB  1 
ATOM   596 C CG  . GLN A 1 82  ? 0.382   14.334  -8.973  1.00 25.18 ? 152 GLN A CG  1 
ATOM   597 C CD  . GLN A 1 82  ? -1.032  14.463  -9.503  1.00 27.74 ? 152 GLN A CD  1 
ATOM   598 O OE1 . GLN A 1 82  ? -1.975  14.712  -8.748  1.00 26.85 ? 152 GLN A OE1 1 
ATOM   599 N NE2 . GLN A 1 82  ? -1.189  14.284  -10.803 1.00 26.15 ? 152 GLN A NE2 1 
ATOM   600 N N   . LEU A 1 83  ? 3.003   10.848  -6.847  1.00 22.24 ? 153 LEU A N   1 
ATOM   601 C CA  . LEU A 1 83  ? 3.110   9.629   -6.056  1.00 23.78 ? 153 LEU A CA  1 
ATOM   602 C C   . LEU A 1 83  ? 4.508   9.391   -5.507  1.00 25.14 ? 153 LEU A C   1 
ATOM   603 O O   . LEU A 1 83  ? 5.503   9.615   -6.190  1.00 25.91 ? 153 LEU A O   1 
ATOM   604 C CB  . LEU A 1 83  ? 2.718   8.416   -6.907  1.00 23.49 ? 153 LEU A CB  1 
ATOM   605 C CG  . LEU A 1 83  ? 1.386   8.445   -7.655  1.00 22.92 ? 153 LEU A CG  1 
ATOM   606 C CD1 . LEU A 1 83  ? 1.333   7.281   -8.634  1.00 23.83 ? 153 LEU A CD1 1 
ATOM   607 C CD2 . LEU A 1 83  ? 0.241   8.373   -6.675  1.00 23.02 ? 153 LEU A CD2 1 
ATOM   608 N N   . GLU A 1 84  ? 4.568   8.938   -4.262  1.00 25.57 ? 154 GLU A N   1 
ATOM   609 C CA  . GLU A 1 84  ? 5.828   8.605   -3.613  1.00 28.53 ? 154 GLU A CA  1 
ATOM   610 C C   . GLU A 1 84  ? 5.568   7.320   -2.837  1.00 27.70 ? 154 GLU A C   1 
ATOM   611 O O   . GLU A 1 84  ? 4.574   7.212   -2.124  1.00 29.12 ? 154 GLU A O   1 
ATOM   612 C CB  . GLU A 1 84  ? 6.283   9.734   -2.676  1.00 31.71 ? 154 GLU A CB  1 
ATOM   613 C CG  . GLU A 1 84  ? 5.209   10.265  -1.744  1.00 37.15 ? 154 GLU A CG  1 
ATOM   614 C CD  . GLU A 1 84  ? 5.695   11.438  -0.903  1.00 42.75 ? 154 GLU A CD  1 
ATOM   615 O OE1 . GLU A 1 84  ? 4.848   12.092  -0.251  1.00 46.64 ? 154 GLU A OE1 1 
ATOM   616 O OE2 . GLU A 1 84  ? 6.919   11.701  -0.893  1.00 40.68 ? 154 GLU A OE2 1 
ATOM   617 N N   . ALA A 1 85  ? 6.446   6.337   -3.005  1.00 25.85 ? 155 ALA A N   1 
ATOM   618 C CA  . ALA A 1 85  ? 6.293   5.055   -2.331  1.00 25.36 ? 155 ALA A CA  1 
ATOM   619 C C   . ALA A 1 85  ? 7.409   4.840   -1.320  1.00 25.92 ? 155 ALA A C   1 
ATOM   620 O O   . ALA A 1 85  ? 8.577   5.097   -1.606  1.00 26.33 ? 155 ALA A O   1 
ATOM   621 C CB  . ALA A 1 85  ? 6.291   3.925   -3.360  1.00 25.42 ? 155 ALA A CB  1 
ATOM   622 N N   . VAL A 1 86  ? 7.038   4.368   -0.136  1.00 24.53 ? 156 VAL A N   1 
ATOM   623 C CA  . VAL A 1 86  ? 7.999   4.117   0.930   1.00 24.84 ? 156 VAL A CA  1 
ATOM   624 C C   . VAL A 1 86  ? 7.556   2.871   1.685   1.00 23.65 ? 156 VAL A C   1 
ATOM   625 O O   . VAL A 1 86  ? 6.372   2.550   1.712   1.00 24.78 ? 156 VAL A O   1 
ATOM   626 C CB  . VAL A 1 86  ? 8.072   5.323   1.905   1.00 26.94 ? 156 VAL A CB  1 
ATOM   627 C CG1 . VAL A 1 86  ? 6.695   5.632   2.453   1.00 28.76 ? 156 VAL A CG1 1 
ATOM   628 C CG2 . VAL A 1 86  ? 9.034   5.031   3.039   1.00 29.51 ? 156 VAL A CG2 1 
ATOM   629 N N   . SER A 1 87  ? 8.510   2.166   2.278   1.00 22.04 ? 157 SER A N   1 
ATOM   630 C CA  . SER A 1 87  ? 8.202   0.956   3.028   1.00 21.39 ? 157 SER A CA  1 
ATOM   631 C C   . SER A 1 87  ? 8.631   1.067   4.480   1.00 22.63 ? 157 SER A C   1 
ATOM   632 O O   . SER A 1 87  ? 9.727   1.557   4.780   1.00 19.84 ? 157 SER A O   1 
ATOM   633 C CB  . SER A 1 87  ? 8.904   -0.250  2.403   1.00 22.89 ? 157 SER A CB  1 
ATOM   634 O OG  . SER A 1 87  ? 8.731   -1.402  3.211   1.00 21.22 ? 157 SER A OG  1 
ATOM   635 N N   . TYR A 1 88  ? 7.759   0.614   5.376   1.00 19.87 ? 158 TYR A N   1 
ATOM   636 C CA  . TYR A 1 88  ? 8.046   0.610   6.801   1.00 20.50 ? 158 TYR A CA  1 
ATOM   637 C C   . TYR A 1 88  ? 8.251   -0.828  7.258   1.00 19.51 ? 158 TYR A C   1 
ATOM   638 O O   . TYR A 1 88  ? 8.465   -1.088  8.439   1.00 19.26 ? 158 TYR A O   1 
ATOM   639 C CB  . TYR A 1 88  ? 6.899   1.237   7.596   1.00 23.32 ? 158 TYR A CB  1 
ATOM   640 C CG  . TYR A 1 88  ? 6.872   2.741   7.527   1.00 28.59 ? 158 TYR A CG  1 
ATOM   641 C CD1 . TYR A 1 88  ? 6.509   3.398   6.357   1.00 31.00 ? 158 TYR A CD1 1 
ATOM   642 C CD2 . TYR A 1 88  ? 7.233   3.510   8.631   1.00 32.55 ? 158 TYR A CD2 1 
ATOM   643 C CE1 . TYR A 1 88  ? 6.505   4.787   6.283   1.00 34.21 ? 158 TYR A CE1 1 
ATOM   644 C CE2 . TYR A 1 88  ? 7.233   4.903   8.568   1.00 34.77 ? 158 TYR A CE2 1 
ATOM   645 C CZ  . TYR A 1 88  ? 6.868   5.531   7.390   1.00 33.65 ? 158 TYR A CZ  1 
ATOM   646 O OH  . TYR A 1 88  ? 6.859   6.903   7.317   1.00 38.64 ? 158 TYR A OH  1 
ATOM   647 N N   . GLY A 1 89  ? 8.187   -1.765  6.315   1.00 17.54 ? 159 GLY A N   1 
ATOM   648 C CA  . GLY A 1 89  ? 8.375   -3.159  6.672   1.00 16.22 ? 159 GLY A CA  1 
ATOM   649 C C   . GLY A 1 89  ? 7.406   -3.573  7.761   1.00 16.73 ? 159 GLY A C   1 
ATOM   650 O O   . GLY A 1 89  ? 6.220   -3.269  7.694   1.00 15.62 ? 159 GLY A O   1 
ATOM   651 N N   . LYS A 1 90  ? 7.914   -4.244  8.786   1.00 17.90 ? 160 LYS A N   1 
ATOM   652 C CA  . LYS A 1 90  ? 7.080   -4.722  9.887   1.00 19.11 ? 160 LYS A CA  1 
ATOM   653 C C   . LYS A 1 90  ? 7.112   -3.760  11.071  1.00 20.41 ? 160 LYS A C   1 
ATOM   654 O O   . LYS A 1 90  ? 6.519   -4.032  12.114  1.00 20.00 ? 160 LYS A O   1 
ATOM   655 C CB  . LYS A 1 90  ? 7.617   -6.075  10.352  1.00 20.72 ? 160 LYS A CB  1 
ATOM   656 C CG  . LYS A 1 90  ? 9.040   -5.960  10.908  1.00 23.85 ? 160 LYS A CG  1 
ATOM   657 C CD  . LYS A 1 90  ? 9.763   -7.295  11.014  1.00 27.70 ? 160 LYS A CD  1 
ATOM   658 C CE  . LYS A 1 90  ? 9.242   -8.134  12.145  1.00 27.66 ? 160 LYS A CE  1 
ATOM   659 N NZ  . LYS A 1 90  ? 10.081  -9.356  12.330  1.00 26.72 ? 160 LYS A NZ  1 
ATOM   660 N N   . GLU A 1 91  ? 7.772   -2.623  10.890  1.00 19.76 ? 161 GLU A N   1 
ATOM   661 C CA  . GLU A 1 91  ? 7.982   -1.673  11.977  1.00 20.79 ? 161 GLU A CA  1 
ATOM   662 C C   . GLU A 1 91  ? 6.879   -0.739  12.459  1.00 22.14 ? 161 GLU A C   1 
ATOM   663 O O   . GLU A 1 91  ? 7.062   -0.051  13.466  1.00 22.28 ? 161 GLU A O   1 
ATOM   664 C CB  . GLU A 1 91  ? 9.255   -0.883  11.650  1.00 23.64 ? 161 GLU A CB  1 
ATOM   665 C CG  . GLU A 1 91  ? 10.390  -1.842  11.287  1.00 25.91 ? 161 GLU A CG  1 
ATOM   666 C CD  . GLU A 1 91  ? 11.587  -1.187  10.619  1.00 30.18 ? 161 GLU A CD  1 
ATOM   667 O OE1 . GLU A 1 91  ? 12.415  -1.944  10.058  1.00 31.74 ? 161 GLU A OE1 1 
ATOM   668 O OE2 . GLU A 1 91  ? 11.709  0.057   10.653  1.00 29.20 ? 161 GLU A OE2 1 
ATOM   669 N N   . ALA A 1 92  ? 5.738   -0.719  11.779  1.00 19.79 ? 162 ALA A N   1 
ATOM   670 C CA  . ALA A 1 92  ? 4.644   0.158   12.191  1.00 21.44 ? 162 ALA A CA  1 
ATOM   671 C C   . ALA A 1 92  ? 3.303   -0.566  12.121  1.00 21.27 ? 162 ALA A C   1 
ATOM   672 O O   . ALA A 1 92  ? 2.398   -0.151  11.397  1.00 22.22 ? 162 ALA A O   1 
ATOM   673 C CB  . ALA A 1 92  ? 4.614   1.401   11.307  1.00 21.65 ? 162 ALA A CB  1 
ATOM   674 N N   . PRO A 1 93  ? 3.156   -1.660  12.879  1.00 21.55 ? 163 PRO A N   1 
ATOM   675 C CA  . PRO A 1 93  ? 1.898   -2.414  12.865  1.00 21.60 ? 163 PRO A CA  1 
ATOM   676 C C   . PRO A 1 93  ? 0.713   -1.652  13.455  1.00 22.94 ? 163 PRO A C   1 
ATOM   677 O O   . PRO A 1 93  ? 0.878   -0.821  14.349  1.00 22.35 ? 163 PRO A O   1 
ATOM   678 C CB  . PRO A 1 93  ? 2.239   -3.659  13.675  1.00 21.76 ? 163 PRO A CB  1 
ATOM   679 C CG  . PRO A 1 93  ? 3.226   -3.132  14.685  1.00 21.64 ? 163 PRO A CG  1 
ATOM   680 C CD  . PRO A 1 93  ? 4.119   -2.254  13.826  1.00 20.79 ? 163 PRO A CD  1 
ATOM   681 N N   . VAL A 1 94  ? -0.479  -1.927  12.935  1.00 22.88 ? 164 VAL A N   1 
ATOM   682 C CA  . VAL A 1 94  ? -1.686  -1.288  13.445  1.00 25.44 ? 164 VAL A CA  1 
ATOM   683 C C   . VAL A 1 94  ? -2.301  -2.183  14.517  1.00 24.85 ? 164 VAL A C   1 
ATOM   684 O O   . VAL A 1 94  ? -3.079  -1.724  15.346  1.00 26.36 ? 164 VAL A O   1 
ATOM   685 C CB  . VAL A 1 94  ? -2.730  -1.046  12.330  1.00 26.49 ? 164 VAL A CB  1 
ATOM   686 C CG1 . VAL A 1 94  ? -2.191  -0.040  11.325  1.00 29.54 ? 164 VAL A CG1 1 
ATOM   687 C CG2 . VAL A 1 94  ? -3.073  -2.350  11.642  1.00 27.51 ? 164 VAL A CG2 1 
ATOM   688 N N   . ASN A 1 95  ? -1.942  -3.464  14.498  1.00 24.12 ? 165 ASN A N   1 
ATOM   689 C CA  . ASN A 1 95  ? -2.443  -4.424  15.478  1.00 24.15 ? 165 ASN A CA  1 
ATOM   690 C C   . ASN A 1 95  ? -1.268  -5.302  15.910  1.00 24.49 ? 165 ASN A C   1 
ATOM   691 O O   . ASN A 1 95  ? -0.759  -6.102  15.126  1.00 25.17 ? 165 ASN A O   1 
ATOM   692 C CB  . ASN A 1 95  ? -3.557  -5.279  14.857  1.00 25.76 ? 165 ASN A CB  1 
ATOM   693 C CG  . ASN A 1 95  ? -4.211  -6.221  15.862  1.00 26.86 ? 165 ASN A CG  1 
ATOM   694 O OD1 . ASN A 1 95  ? -5.347  -6.656  15.669  1.00 30.19 ? 165 ASN A OD1 1 
ATOM   695 N ND2 . ASN A 1 95  ? -3.493  -6.548  16.926  1.00 24.34 ? 165 ASN A ND2 1 
ATOM   696 N N   . PRO A 1 96  ? -0.816  -5.153  17.164  1.00 24.35 ? 166 PRO A N   1 
ATOM   697 C CA  . PRO A 1 96  ? 0.305   -5.922  17.712  1.00 24.90 ? 166 PRO A CA  1 
ATOM   698 C C   . PRO A 1 96  ? -0.021  -7.365  18.102  1.00 26.09 ? 166 PRO A C   1 
ATOM   699 O O   . PRO A 1 96  ? 0.808   -8.046  18.710  1.00 25.55 ? 166 PRO A O   1 
ATOM   700 C CB  . PRO A 1 96  ? 0.728   -5.085  18.912  1.00 25.82 ? 166 PRO A CB  1 
ATOM   701 C CG  . PRO A 1 96  ? -0.589  -4.586  19.419  1.00 24.72 ? 166 PRO A CG  1 
ATOM   702 C CD  . PRO A 1 96  ? -1.281  -4.147  18.138  1.00 25.52 ? 166 PRO A CD  1 
ATOM   703 N N   . GLY A 1 97  ? -1.221  -7.824  17.755  1.00 25.16 ? 167 GLY A N   1 
ATOM   704 C CA  . GLY A 1 97  ? -1.622  -9.186  18.076  1.00 26.74 ? 167 GLY A CA  1 
ATOM   705 C C   . GLY A 1 97  ? -0.834  -10.217 17.288  1.00 25.98 ? 167 GLY A C   1 
ATOM   706 O O   . GLY A 1 97  ? -0.150  -9.878  16.325  1.00 26.03 ? 167 GLY A O   1 
ATOM   707 N N   . HIS A 1 98  ? -0.945  -11.485 17.676  1.00 26.38 ? 168 HIS A N   1 
ATOM   708 C CA  . HIS A 1 98  ? -0.199  -12.544 17.010  1.00 27.12 ? 168 HIS A CA  1 
ATOM   709 C C   . HIS A 1 98  ? -1.054  -13.659 16.411  1.00 29.29 ? 168 HIS A C   1 
ATOM   710 O O   . HIS A 1 98  ? -0.871  -14.834 16.722  1.00 30.09 ? 168 HIS A O   1 
ATOM   711 C CB  . HIS A 1 98  ? 0.811   -13.133 17.993  1.00 26.78 ? 168 HIS A CB  1 
ATOM   712 C CG  . HIS A 1 98  ? 1.665   -12.098 18.657  1.00 25.93 ? 168 HIS A CG  1 
ATOM   713 N ND1 . HIS A 1 98  ? 2.522   -11.279 17.955  1.00 25.31 ? 168 HIS A ND1 1 
ATOM   714 C CD2 . HIS A 1 98  ? 1.765   -11.723 19.954  1.00 25.56 ? 168 HIS A CD2 1 
ATOM   715 C CE1 . HIS A 1 98  ? 3.113   -10.444 18.790  1.00 25.65 ? 168 HIS A CE1 1 
ATOM   716 N NE2 . HIS A 1 98  ? 2.672   -10.693 20.009  1.00 25.09 ? 168 HIS A NE2 1 
ATOM   717 N N   . ASP A 1 99  ? -1.982  -13.276 15.543  1.00 29.70 ? 169 ASP A N   1 
ATOM   718 C CA  . ASP A 1 99  ? -2.864  -14.223 14.876  1.00 31.22 ? 169 ASP A CA  1 
ATOM   719 C C   . ASP A 1 99  ? -3.265  -13.622 13.533  1.00 29.53 ? 169 ASP A C   1 
ATOM   720 O O   . ASP A 1 99  ? -3.015  -12.442 13.283  1.00 27.20 ? 169 ASP A O   1 
ATOM   721 C CB  . ASP A 1 99  ? -4.109  -14.490 15.732  1.00 35.49 ? 169 ASP A CB  1 
ATOM   722 C CG  . ASP A 1 99  ? -4.818  -13.219 16.142  1.00 38.68 ? 169 ASP A CG  1 
ATOM   723 O OD1 . ASP A 1 99  ? -5.197  -12.433 15.251  1.00 41.08 ? 169 ASP A OD1 1 
ATOM   724 O OD2 . ASP A 1 99  ? -5.001  -13.004 17.359  1.00 44.76 ? 169 ASP A OD2 1 
ATOM   725 N N   . GLU A 1 100 ? -3.889  -14.429 12.680  1.00 29.58 ? 170 GLU A N   1 
ATOM   726 C CA  . GLU A 1 100 ? -4.308  -13.977 11.356  1.00 30.41 ? 170 GLU A CA  1 
ATOM   727 C C   . GLU A 1 100 ? -5.143  -12.704 11.426  1.00 29.97 ? 170 GLU A C   1 
ATOM   728 O O   . GLU A 1 100 ? -4.991  -11.812 10.593  1.00 28.81 ? 170 GLU A O   1 
ATOM   729 C CB  . GLU A 1 100 ? -5.121  -15.064 10.652  1.00 33.24 ? 170 GLU A CB  1 
ATOM   730 C CG  . GLU A 1 100 ? -4.738  -15.322 9.190   1.00 38.26 ? 170 GLU A CG  1 
ATOM   731 C CD  . GLU A 1 100 ? -4.364  -14.065 8.403   1.00 39.06 ? 170 GLU A CD  1 
ATOM   732 O OE1 . GLU A 1 100 ? -3.274  -13.503 8.647   1.00 35.45 ? 170 GLU A OE1 1 
ATOM   733 O OE2 . GLU A 1 100 ? -5.155  -13.644 7.529   1.00 42.21 ? 170 GLU A OE2 1 
ATOM   734 N N   . SER A 1 101 ? -6.028  -12.625 12.415  1.00 28.34 ? 171 SER A N   1 
ATOM   735 C CA  . SER A 1 101 ? -6.888  -11.457 12.577  1.00 29.61 ? 171 SER A CA  1 
ATOM   736 C C   . SER A 1 101 ? -6.050  -10.190 12.699  1.00 28.48 ? 171 SER A C   1 
ATOM   737 O O   . SER A 1 101 ? -6.378  -9.160  12.117  1.00 30.46 ? 171 SER A O   1 
ATOM   738 C CB  . SER A 1 101 ? -7.770  -11.618 13.816  1.00 31.77 ? 171 SER A CB  1 
ATOM   739 O OG  . SER A 1 101 ? -8.562  -12.788 13.708  1.00 37.50 ? 171 SER A OG  1 
ATOM   740 N N   . ALA A 1 102 ? -4.966  -10.274 13.460  1.00 25.93 ? 172 ALA A N   1 
ATOM   741 C CA  . ALA A 1 102 ? -4.080  -9.134  13.636  1.00 24.38 ? 172 ALA A CA  1 
ATOM   742 C C   . ALA A 1 102 ? -3.190  -8.956  12.407  1.00 23.02 ? 172 ALA A C   1 
ATOM   743 O O   . ALA A 1 102 ? -3.042  -7.850  11.894  1.00 22.90 ? 172 ALA A O   1 
ATOM   744 C CB  . ALA A 1 102 ? -3.221  -9.330  14.877  1.00 24.47 ? 172 ALA A CB  1 
ATOM   745 N N   . TRP A 1 103 ? -2.604  -10.051 11.929  1.00 21.72 ? 173 TRP A N   1 
ATOM   746 C CA  . TRP A 1 103 ? -1.708  -9.983  10.778  1.00 21.90 ? 173 TRP A CA  1 
ATOM   747 C C   . TRP A 1 103 ? -2.355  -9.446  9.511   1.00 22.81 ? 173 TRP A C   1 
ATOM   748 O O   . TRP A 1 103 ? -1.731  -8.687  8.768   1.00 21.08 ? 173 TRP A O   1 
ATOM   749 C CB  . TRP A 1 103 ? -1.102  -11.358 10.484  1.00 20.98 ? 173 TRP A CB  1 
ATOM   750 C CG  . TRP A 1 103 ? -0.315  -11.932 11.621  1.00 20.57 ? 173 TRP A CG  1 
ATOM   751 C CD1 . TRP A 1 103 ? 0.401   -11.244 12.557  1.00 19.33 ? 173 TRP A CD1 1 
ATOM   752 C CD2 . TRP A 1 103 ? -0.095  -13.321 11.888  1.00 21.81 ? 173 TRP A CD2 1 
ATOM   753 N NE1 . TRP A 1 103 ? 1.058   -12.118 13.388  1.00 21.61 ? 173 TRP A NE1 1 
ATOM   754 C CE2 . TRP A 1 103 ? 0.771   -13.401 12.999  1.00 21.28 ? 173 TRP A CE2 1 
ATOM   755 C CE3 . TRP A 1 103 ? -0.543  -14.509 11.292  1.00 22.12 ? 173 TRP A CE3 1 
ATOM   756 C CZ2 . TRP A 1 103 ? 1.199   -14.622 13.530  1.00 23.36 ? 173 TRP A CZ2 1 
ATOM   757 C CZ3 . TRP A 1 103 ? -0.117  -15.725 11.821  1.00 24.06 ? 173 TRP A CZ3 1 
ATOM   758 C CH2 . TRP A 1 103 ? 0.745   -15.771 12.930  1.00 23.64 ? 173 TRP A CH2 1 
ATOM   759 N N   . LYS A 1 104 ? -3.598  -9.842  9.258   1.00 22.12 ? 174 LYS A N   1 
ATOM   760 C CA  . LYS A 1 104 ? -4.305  -9.393  8.063   1.00 23.72 ? 174 LYS A CA  1 
ATOM   761 C C   . LYS A 1 104 ? -4.441  -7.879  8.041   1.00 22.63 ? 174 LYS A C   1 
ATOM   762 O O   . LYS A 1 104 ? -4.433  -7.258  6.977   1.00 22.72 ? 174 LYS A O   1 
ATOM   763 C CB  . LYS A 1 104 ? -5.692  -10.035 7.986   1.00 26.57 ? 174 LYS A CB  1 
ATOM   764 C CG  . LYS A 1 104 ? -6.696  -9.497  8.990   1.00 32.28 ? 174 LYS A CG  1 
ATOM   765 C CD  . LYS A 1 104 ? -7.970  -10.337 8.993   1.00 37.44 ? 174 LYS A CD  1 
ATOM   766 C CE  . LYS A 1 104 ? -8.592  -10.415 7.605   1.00 40.74 ? 174 LYS A CE  1 
ATOM   767 N NZ  . LYS A 1 104 ? -9.818  -11.269 7.590   1.00 45.60 ? 174 LYS A NZ  1 
ATOM   768 N N   . GLU A 1 105 ? -4.570  -7.284  9.221   1.00 21.99 ? 175 GLU A N   1 
ATOM   769 C CA  . GLU A 1 105 ? -4.691  -5.837  9.325   1.00 23.66 ? 175 GLU A CA  1 
ATOM   770 C C   . GLU A 1 105 ? -3.362  -5.144  9.030   1.00 21.49 ? 175 GLU A C   1 
ATOM   771 O O   . GLU A 1 105 ? -3.338  -3.995  8.589   1.00 22.03 ? 175 GLU A O   1 
ATOM   772 C CB  . GLU A 1 105 ? -5.140  -5.438  10.729  1.00 26.65 ? 175 GLU A CB  1 
ATOM   773 C CG  . GLU A 1 105 ? -6.564  -5.810  11.083  1.00 32.85 ? 175 GLU A CG  1 
ATOM   774 C CD  . GLU A 1 105 ? -6.911  -5.427  12.510  1.00 37.31 ? 175 GLU A CD  1 
ATOM   775 O OE1 . GLU A 1 105 ? -6.638  -4.272  12.903  1.00 39.82 ? 175 GLU A OE1 1 
ATOM   776 O OE2 . GLU A 1 105 ? -7.459  -6.278  13.240  1.00 43.33 ? 175 GLU A OE2 1 
ATOM   777 N N   . ASN A 1 106 ? -2.257  -5.846  9.262   1.00 19.47 ? 176 ASN A N   1 
ATOM   778 C CA  . ASN A 1 106 ? -0.942  -5.248  9.056   1.00 18.85 ? 176 ASN A CA  1 
ATOM   779 C C   . ASN A 1 106 ? -0.370  -5.313  7.639   1.00 18.40 ? 176 ASN A C   1 
ATOM   780 O O   . ASN A 1 106 ? 0.422   -4.449  7.255   1.00 20.01 ? 176 ASN A O   1 
ATOM   781 C CB  . ASN A 1 106 ? 0.056   -5.838  10.062  1.00 17.31 ? 176 ASN A CB  1 
ATOM   782 C CG  . ASN A 1 106 ? -0.340  -5.554  11.509  1.00 17.75 ? 176 ASN A CG  1 
ATOM   783 O OD1 . ASN A 1 106 ? -0.918  -4.508  11.814  1.00 20.39 ? 176 ASN A OD1 1 
ATOM   784 N ND2 . ASN A 1 106 ? -0.013  -6.474  12.406  1.00 17.50 ? 176 ASN A ND2 1 
ATOM   785 N N   . ARG A 1 107 ? -0.749  -6.329  6.868   1.00 16.74 ? 177 ARG A N   1 
ATOM   786 C CA  . ARG A 1 107 ? -0.279  -6.457  5.483   1.00 17.12 ? 177 ARG A CA  1 
ATOM   787 C C   . ARG A 1 107 ? -1.084  -5.442  4.673   1.00 18.13 ? 177 ARG A C   1 
ATOM   788 O O   . ARG A 1 107 ? -2.192  -5.733  4.216   1.00 20.56 ? 177 ARG A O   1 
ATOM   789 C CB  . ARG A 1 107 ? -0.529  -7.880  4.969   1.00 15.51 ? 177 ARG A CB  1 
ATOM   790 C CG  . ARG A 1 107 ? 0.158   -8.962  5.800   1.00 14.84 ? 177 ARG A CG  1 
ATOM   791 C CD  . ARG A 1 107 ? 0.050   -10.326 5.133   1.00 17.04 ? 177 ARG A CD  1 
ATOM   792 N NE  . ARG A 1 107 ? -1.337  -10.771 4.993   1.00 19.64 ? 177 ARG A NE  1 
ATOM   793 C CZ  . ARG A 1 107 ? -2.008  -11.433 5.930   1.00 20.48 ? 177 ARG A CZ  1 
ATOM   794 N NH1 . ARG A 1 107 ? -1.418  -11.734 7.079   1.00 16.80 ? 177 ARG A NH1 1 
ATOM   795 N NH2 . ARG A 1 107 ? -3.268  -11.799 5.715   1.00 20.51 ? 177 ARG A NH2 1 
ATOM   796 N N   . ARG A 1 108 ? -0.515  -4.258  4.469   1.00 17.57 ? 178 ARG A N   1 
ATOM   797 C CA  . ARG A 1 108 ? -1.261  -3.205  3.797   1.00 16.46 ? 178 ARG A CA  1 
ATOM   798 C C   . ARG A 1 108 ? -0.399  -2.120  3.181   1.00 17.07 ? 178 ARG A C   1 
ATOM   799 O O   . ARG A 1 108 ? 0.814   -2.053  3.387   1.00 16.43 ? 178 ARG A O   1 
ATOM   800 C CB  . ARG A 1 108 ? -2.149  -2.516  4.839   1.00 15.18 ? 178 ARG A CB  1 
ATOM   801 C CG  . ARG A 1 108 ? -1.298  -1.645  5.797   1.00 19.05 ? 178 ARG A CG  1 
ATOM   802 C CD  . ARG A 1 108 ? -1.977  -1.312  7.130   1.00 19.82 ? 178 ARG A CD  1 
ATOM   803 N NE  . ARG A 1 108 ? -1.210  -0.349  7.927   1.00 20.14 ? 178 ARG A NE  1 
ATOM   804 C CZ  . ARG A 1 108 ? -0.129  -0.635  8.654   1.00 20.08 ? 178 ARG A CZ  1 
ATOM   805 N NH1 . ARG A 1 108 ? 0.345   -1.871  8.708   1.00 19.71 ? 178 ARG A NH1 1 
ATOM   806 N NH2 . ARG A 1 108 ? 0.487   0.324   9.332   1.00 20.67 ? 178 ARG A NH2 1 
ATOM   807 N N   . VAL A 1 109 ? -1.060  -1.262  2.419   1.00 16.05 ? 179 VAL A N   1 
ATOM   808 C CA  . VAL A 1 109 ? -0.426  -0.088  1.853   1.00 17.20 ? 179 VAL A CA  1 
ATOM   809 C C   . VAL A 1 109 ? -1.417  1.009   2.212   1.00 20.37 ? 179 VAL A C   1 
ATOM   810 O O   . VAL A 1 109 ? -2.617  0.882   1.946   1.00 19.11 ? 179 VAL A O   1 
ATOM   811 C CB  . VAL A 1 109 ? -0.265  -0.142  0.326   1.00 17.80 ? 179 VAL A CB  1 
ATOM   812 C CG1 . VAL A 1 109 ? -0.073  1.264   -0.210  1.00 15.17 ? 179 VAL A CG1 1 
ATOM   813 C CG2 . VAL A 1 109 ? 0.954   -0.978  -0.040  1.00 17.10 ? 179 VAL A CG2 1 
ATOM   814 N N   . GLU A 1 110 ? -0.923  2.058   2.857   1.00 20.89 ? 180 GLU A N   1 
ATOM   815 C CA  . GLU A 1 110 ? -1.774  3.173   3.240   1.00 23.92 ? 180 GLU A CA  1 
ATOM   816 C C   . GLU A 1 110 ? -1.601  4.307   2.242   1.00 25.21 ? 180 GLU A C   1 
ATOM   817 O O   . GLU A 1 110 ? -0.491  4.585   1.789   1.00 24.59 ? 180 GLU A O   1 
ATOM   818 C CB  . GLU A 1 110 ? -1.411  3.651   4.646   1.00 26.22 ? 180 GLU A CB  1 
ATOM   819 C CG  . GLU A 1 110 ? -1.556  2.575   5.710   1.00 31.14 ? 180 GLU A CG  1 
ATOM   820 C CD  . GLU A 1 110 ? -1.300  3.097   7.110   1.00 36.30 ? 180 GLU A CD  1 
ATOM   821 O OE1 . GLU A 1 110 ? -1.447  2.317   8.075   1.00 39.76 ? 180 GLU A OE1 1 
ATOM   822 O OE2 . GLU A 1 110 ? -0.949  4.288   7.246   1.00 38.98 ? 180 GLU A OE2 1 
ATOM   823 N N   . ILE A 1 111 ? -2.708  4.947   1.894   1.00 25.42 ? 181 ILE A N   1 
ATOM   824 C CA  . ILE A 1 111 ? -2.703  6.057   0.951   1.00 27.27 ? 181 ILE A CA  1 
ATOM   825 C C   . ILE A 1 111 ? -2.847  7.342   1.758   1.00 29.11 ? 181 ILE A C   1 
ATOM   826 O O   . ILE A 1 111 ? -3.923  7.642   2.272   1.00 29.82 ? 181 ILE A O   1 
ATOM   827 C CB  . ILE A 1 111 ? -3.882  5.929   -0.035  1.00 28.62 ? 181 ILE A CB  1 
ATOM   828 C CG1 . ILE A 1 111 ? -3.836  4.555   -0.706  1.00 28.86 ? 181 ILE A CG1 1 
ATOM   829 C CG2 . ILE A 1 111 ? -3.818  7.035   -1.083  1.00 28.76 ? 181 ILE A CG2 1 
ATOM   830 C CD1 . ILE A 1 111 ? -5.038  4.256   -1.578  1.00 31.29 ? 181 ILE A CD1 1 
ATOM   831 N N   . ASN A 1 112 ? -1.758  8.093   1.872   1.00 29.55 ? 182 ASN A N   1 
ATOM   832 C CA  . ASN A 1 112 ? -1.761  9.327   2.646   1.00 32.37 ? 182 ASN A CA  1 
ATOM   833 C C   . ASN A 1 112 ? -1.593  10.564  1.772   1.00 32.39 ? 182 ASN A C   1 
ATOM   834 O O   . ASN A 1 112 ? -0.572  10.726  1.106   1.00 32.05 ? 182 ASN A O   1 
ATOM   835 C CB  . ASN A 1 112 ? -0.636  9.278   3.684   1.00 35.58 ? 182 ASN A CB  1 
ATOM   836 C CG  . ASN A 1 112 ? -0.739  8.073   4.605   1.00 39.89 ? 182 ASN A CG  1 
ATOM   837 O OD1 . ASN A 1 112 ? 0.207   7.745   5.321   1.00 44.67 ? 182 ASN A OD1 1 
ATOM   838 N ND2 . ASN A 1 112 ? -1.891  7.412   4.596   1.00 42.80 ? 182 ASN A ND2 1 
ATOM   839 N N   . TYR A 1 113 ? -2.594  11.438  1.778   1.00 34.32 ? 183 TYR A N   1 
ATOM   840 C CA  . TYR A 1 113 ? -2.531  12.659  0.984   1.00 35.74 ? 183 TYR A CA  1 
ATOM   841 C C   . TYR A 1 113 ? -1.590  13.690  1.598   1.00 38.62 ? 183 TYR A C   1 
ATOM   842 O O   . TYR A 1 113 ? -1.580  13.891  2.813   1.00 38.81 ? 183 TYR A O   1 
ATOM   843 C CB  . TYR A 1 113 ? -3.937  13.234  0.803   1.00 33.71 ? 183 TYR A CB  1 
ATOM   844 C CG  . TYR A 1 113 ? -4.714  12.520  -0.275  1.00 30.07 ? 183 TYR A CG  1 
ATOM   845 C CD1 . TYR A 1 113 ? -4.683  12.969  -1.596  1.00 30.20 ? 183 TYR A CD1 1 
ATOM   846 C CD2 . TYR A 1 113 ? -5.418  11.351  0.005   1.00 29.26 ? 183 TYR A CD2 1 
ATOM   847 C CE1 . TYR A 1 113 ? -5.331  12.268  -2.612  1.00 29.95 ? 183 TYR A CE1 1 
ATOM   848 C CE2 . TYR A 1 113 ? -6.069  10.641  -1.001  1.00 29.37 ? 183 TYR A CE2 1 
ATOM   849 C CZ  . TYR A 1 113 ? -6.020  11.106  -2.309  1.00 29.81 ? 183 TYR A CZ  1 
ATOM   850 O OH  . TYR A 1 113 ? -6.644  10.398  -3.313  1.00 29.25 ? 183 TYR A OH  1 
ATOM   851 N N   . GLU A 1 114 ? -0.799  14.323  0.733   1.00 42.36 ? 184 GLU A N   1 
ATOM   852 C CA  . GLU A 1 114 ? 0.192   15.333  1.105   1.00 46.23 ? 184 GLU A CA  1 
ATOM   853 C C   . GLU A 1 114 ? 1.487   14.678  1.567   1.00 47.18 ? 184 GLU A C   1 
ATOM   854 O O   . GLU A 1 114 ? 2.087   13.967  0.731   1.00 48.93 ? 184 GLU A O   1 
ATOM   855 C CB  . GLU A 1 114 ? -0.336  16.255  2.206   1.00 49.72 ? 184 GLU A CB  1 
ATOM   856 C CG  . GLU A 1 114 ? -1.431  17.205  1.758   1.00 54.93 ? 184 GLU A CG  1 
ATOM   857 C CD  . GLU A 1 114 ? -1.816  18.197  2.841   1.00 58.38 ? 184 GLU A CD  1 
ATOM   858 O OE1 . GLU A 1 114 ? -2.724  19.024  2.599   1.00 60.49 ? 184 GLU A OE1 1 
ATOM   859 O OE2 . GLU A 1 114 ? -1.210  18.153  3.936   1.00 59.00 ? 184 GLU A OE2 1 
HETATM 860 N N   . ALA B 2 .   ? 5.366   -10.861 6.916   1.00 16.31 ? 201 ALA A N   1 
HETATM 861 C CA  . ALA B 2 .   ? 4.888   -11.445 5.632   1.00 16.09 ? 201 ALA A CA  1 
HETATM 862 C C   . ALA B 2 .   ? 3.750   -10.602 5.066   1.00 16.58 ? 201 ALA A C   1 
HETATM 863 O O   . ALA B 2 .   ? 3.046   -11.083 4.148   1.00 18.26 ? 201 ALA A O   1 
HETATM 864 C CB  . ALA B 2 .   ? 4.420   -12.883 5.862   1.00 15.66 ? 201 ALA A CB  1 
HETATM 865 O OXT . ALA B 2 .   ? 3.576   -9.465  5.549   1.00 17.29 ? 201 ALA A OXT 1 
HETATM 866 S S   . SO4 C 3 .   ? 10.811  2.211   -8.936  1.00 44.56 ? 202 SO4 A S   1 
HETATM 867 O O1  . SO4 C 3 .   ? 10.623  0.752   -8.944  1.00 44.46 ? 202 SO4 A O1  1 
HETATM 868 O O2  . SO4 C 3 .   ? 11.520  2.622   -10.150 1.00 42.01 ? 202 SO4 A O2  1 
HETATM 869 O O3  . SO4 C 3 .   ? 9.491   2.850   -8.869  1.00 40.81 ? 202 SO4 A O3  1 
HETATM 870 O O4  . SO4 C 3 .   ? 11.633  2.592   -7.763  1.00 43.34 ? 202 SO4 A O4  1 
HETATM 871 S S   . SO4 D 3 .   ? -9.087  -4.943  1.133   1.00 60.14 ? 203 SO4 A S   1 
HETATM 872 O O1  . SO4 D 3 .   ? -9.392  -5.960  2.150   1.00 59.83 ? 203 SO4 A O1  1 
HETATM 873 O O2  . SO4 D 3 .   ? -10.188 -4.874  0.162   1.00 59.72 ? 203 SO4 A O2  1 
HETATM 874 O O3  . SO4 D 3 .   ? -8.913  -3.632  1.774   1.00 57.93 ? 203 SO4 A O3  1 
HETATM 875 O O4  . SO4 D 3 .   ? -7.856  -5.335  0.445   1.00 59.35 ? 203 SO4 A O4  1 
HETATM 876 C C1  . GOL E 4 .   ? 17.603  -8.105  11.642  1.00 46.35 ? 204 GOL A C1  1 
HETATM 877 O O1  . GOL E 4 .   ? 17.001  -7.220  12.584  1.00 48.63 ? 204 GOL A O1  1 
HETATM 878 C C2  . GOL E 4 .   ? 16.596  -9.076  11.061  1.00 45.46 ? 204 GOL A C2  1 
HETATM 879 O O2  . GOL E 4 .   ? 15.397  -9.083  11.844  1.00 44.50 ? 204 GOL A O2  1 
HETATM 880 C C3  . GOL E 4 .   ? 16.256  -8.815  9.611   1.00 45.84 ? 204 GOL A C3  1 
HETATM 881 O O3  . GOL E 4 .   ? 17.244  -8.028  8.970   1.00 45.79 ? 204 GOL A O3  1 
HETATM 882 O O   . HOH F 5 .   ? 2.810   -3.302  9.906   1.00 18.67 ? 301 HOH A O   1 
HETATM 883 O O   . HOH F 5 .   ? 10.909  -4.438  8.542   1.00 17.53 ? 302 HOH A O   1 
HETATM 884 O O   . HOH F 5 .   ? -2.109  -10.227 -2.046  1.00 22.82 ? 303 HOH A O   1 
HETATM 885 O O   . HOH F 5 .   ? -4.506  -8.582  4.584   1.00 24.03 ? 304 HOH A O   1 
HETATM 886 O O   . HOH F 5 .   ? 4.789   -1.666  9.277   1.00 19.40 ? 305 HOH A O   1 
HETATM 887 O O   . HOH F 5 .   ? 0.213   -3.083  -9.884  1.00 26.13 ? 306 HOH A O   1 
HETATM 888 O O   . HOH F 5 .   ? 12.113  -6.507  -3.798  1.00 32.47 ? 307 HOH A O   1 
HETATM 889 O O   . HOH F 5 .   ? 4.006   1.735   -13.621 1.00 21.69 ? 308 HOH A O   1 
HETATM 890 O O   . HOH F 5 .   ? -2.972  -14.596 3.499   1.00 28.30 ? 309 HOH A O   1 
HETATM 891 O O   . HOH F 5 .   ? 5.724   -4.564  -6.847  1.00 23.53 ? 310 HOH A O   1 
HETATM 892 O O   . HOH F 5 .   ? 5.138   -6.087  12.951  1.00 34.22 ? 311 HOH A O   1 
HETATM 893 O O   . HOH F 5 .   ? -0.502  4.543   -18.665 1.00 25.33 ? 312 HOH A O   1 
HETATM 894 O O   . HOH F 5 .   ? -5.428  -2.360  8.255   1.00 26.68 ? 313 HOH A O   1 
HETATM 895 O O   . HOH F 5 .   ? -2.235  12.565  -12.552 1.00 26.16 ? 314 HOH A O   1 
HETATM 896 O O   . HOH F 5 .   ? 2.337   -8.046  12.597  1.00 21.86 ? 315 HOH A O   1 
HETATM 897 O O   . HOH F 5 .   ? 5.530   -18.068 0.022   1.00 24.99 ? 316 HOH A O   1 
HETATM 898 O O   . HOH F 5 .   ? 1.254   -8.063  15.038  1.00 24.52 ? 317 HOH A O   1 
HETATM 899 O O   . HOH F 5 .   ? 12.552  -13.812 6.535   1.00 28.66 ? 318 HOH A O   1 
HETATM 900 O O   . HOH F 5 .   ? 8.278   -15.336 -2.408  1.00 47.57 ? 319 HOH A O   1 
HETATM 901 O O   . HOH F 5 .   ? 4.728   -3.738  -9.293  1.00 37.58 ? 320 HOH A O   1 
HETATM 902 O O   . HOH F 5 .   ? 6.180   -9.680  -3.469  1.00 37.79 ? 321 HOH A O   1 
HETATM 903 O O   . HOH F 5 .   ? 9.464   -14.359 12.127  1.00 31.82 ? 322 HOH A O   1 
HETATM 904 O O   . HOH F 5 .   ? -13.870 3.586   -8.052  1.00 40.86 ? 323 HOH A O   1 
HETATM 905 O O   . HOH F 5 .   ? 8.368   6.486   -4.980  1.00 42.57 ? 324 HOH A O   1 
HETATM 906 O O   . HOH F 5 .   ? 5.730   -7.274  -7.125  1.00 38.67 ? 325 HOH A O   1 
HETATM 907 O O   . HOH F 5 .   ? 8.627   -3.727  -7.351  1.00 31.49 ? 326 HOH A O   1 
HETATM 908 O O   . HOH F 5 .   ? 7.619   -11.061 16.051  1.00 49.35 ? 327 HOH A O   1 
HETATM 909 O O   . HOH F 5 .   ? 15.092  -13.630 5.110   1.00 32.06 ? 328 HOH A O   1 
HETATM 910 O O   . HOH F 5 .   ? 0.599   10.693  -16.842 1.00 48.81 ? 329 HOH A O   1 
HETATM 911 O O   . HOH F 5 .   ? 0.067   16.331  -12.230 1.00 43.98 ? 330 HOH A O   1 
HETATM 912 O O   . HOH F 5 .   ? -2.068  -13.744 -3.277  1.00 58.73 ? 331 HOH A O   1 
HETATM 913 O O   . HOH F 5 .   ? -0.386  -15.797 -0.095  1.00 36.06 ? 332 HOH A O   1 
HETATM 914 O O   . HOH F 5 .   ? 0.585   2.264   12.420  1.00 36.76 ? 333 HOH A O   1 
HETATM 915 O O   . HOH F 5 .   ? 12.988  -9.229  13.382  1.00 35.41 ? 334 HOH A O   1 
HETATM 916 O O   . HOH F 5 .   ? 6.087   -2.382  -11.058 1.00 45.05 ? 335 HOH A O   1 
HETATM 917 O O   . HOH F 5 .   ? 3.357   2.045   -16.166 1.00 35.20 ? 336 HOH A O   1 
HETATM 918 O O   . HOH F 5 .   ? -2.121  -11.898 20.590  1.00 41.11 ? 337 HOH A O   1 
HETATM 919 O O   . HOH F 5 .   ? 10.671  5.122   -4.886  1.00 37.41 ? 338 HOH A O   1 
HETATM 920 O O   . HOH F 5 .   ? -5.215  -8.955  -12.208 1.00 57.20 ? 339 HOH A O   1 
HETATM 921 O O   . HOH F 5 .   ? -3.524  -17.545 13.121  1.00 46.89 ? 340 HOH A O   1 
HETATM 922 O O   . HOH F 5 .   ? -5.104  -12.339 3.425   1.00 30.34 ? 341 HOH A O   1 
HETATM 923 O O   . HOH F 5 .   ? -1.806  -17.454 17.171  1.00 44.55 ? 342 HOH A O   1 
HETATM 924 O O   . HOH F 5 .   ? 15.298  -4.998  2.681   1.00 31.08 ? 343 HOH A O   1 
HETATM 925 O O   . HOH F 5 .   ? 10.898  3.754   -2.335  1.00 32.63 ? 344 HOH A O   1 
HETATM 926 O O   . HOH F 5 .   ? -6.699  -7.237  -0.819  1.00 35.33 ? 345 HOH A O   1 
HETATM 927 O O   . HOH F 5 .   ? -10.080 12.579  -13.266 1.00 41.67 ? 346 HOH A O   1 
HETATM 928 O O   . HOH F 5 .   ? 0.045   18.556  -1.927  1.00 63.11 ? 347 HOH A O   1 
HETATM 929 O O   . HOH F 5 .   ? -2.666  -16.503 1.357   1.00 44.11 ? 348 HOH A O   1 
HETATM 930 O O   . HOH F 5 .   ? 1.194   7.916   -15.789 1.00 34.05 ? 349 HOH A O   1 
HETATM 931 O O   . HOH F 5 .   ? -6.488  -9.509  17.125  1.00 59.11 ? 350 HOH A O   1 
HETATM 932 O O   . HOH F 5 .   ? -4.971  -8.581  -2.292  1.00 36.82 ? 351 HOH A O   1 
HETATM 933 O O   . HOH F 5 .   ? 3.227   -11.293 -5.024  1.00 37.06 ? 352 HOH A O   1 
HETATM 934 O O   . HOH F 5 .   ? -9.763  5.548   -12.717 1.00 43.55 ? 353 HOH A O   1 
HETATM 935 O O   . HOH F 5 .   ? -4.711  11.079  3.773   1.00 40.30 ? 354 HOH A O   1 
HETATM 936 O O   . HOH F 5 .   ? 13.724  -10.768 0.662   1.00 43.93 ? 355 HOH A O   1 
HETATM 937 O O   . HOH F 5 .   ? 5.419   2.171   -11.184 1.00 18.46 ? 356 HOH A O   1 
HETATM 938 O O   . HOH F 5 .   ? 5.992   -0.061  -9.799  1.00 25.71 ? 357 HOH A O   1 
HETATM 939 O O   . HOH F 5 .   ? 11.476  -9.614  0.501   1.00 24.62 ? 358 HOH A O   1 
HETATM 940 O O   . HOH F 5 .   ? -2.008  -7.298  -8.655  1.00 37.17 ? 359 HOH A O   1 
HETATM 941 O O   . HOH F 5 .   ? 8.019   -12.064 -1.105  1.00 35.12 ? 360 HOH A O   1 
HETATM 942 O O   . HOH F 5 .   ? 11.245  2.614   1.534   1.00 35.44 ? 361 HOH A O   1 
HETATM 943 O O   . HOH F 5 .   ? -12.410 5.318   -12.719 1.00 42.32 ? 362 HOH A O   1 
HETATM 944 O O   . HOH F 5 .   ? 1.088   -13.950 -4.814  1.00 62.26 ? 363 HOH A O   1 
HETATM 945 O O   . HOH F 5 .   ? 11.924  -0.667  -6.561  1.00 38.81 ? 364 HOH A O   1 
HETATM 946 O O   . HOH F 5 .   ? 1.386   5.314   6.724   1.00 55.54 ? 365 HOH A O   1 
HETATM 947 O O   . HOH F 5 .   ? -6.936  -9.441  3.730   1.00 41.69 ? 366 HOH A O   1 
HETATM 948 O O   . HOH F 5 .   ? -2.293  16.233  -1.479  1.00 40.36 ? 367 HOH A O   1 
HETATM 949 O O   . HOH F 5 .   ? -11.969 16.539  -7.903  1.00 47.05 ? 368 HOH A O   1 
HETATM 950 O O   . HOH F 5 .   ? 11.539  -4.235  -2.887  1.00 37.71 ? 369 HOH A O   1 
HETATM 951 O O   . HOH F 5 .   ? 0.541   3.630   10.199  1.00 48.21 ? 370 HOH A O   1 
HETATM 952 O O   . HOH F 5 .   ? -7.600  -14.479 6.620   1.00 49.57 ? 371 HOH A O   1 
HETATM 953 O O   . HOH F 5 .   ? -0.169  -5.636  -9.584  1.00 39.23 ? 372 HOH A O   1 
HETATM 954 O O   . HOH F 5 .   ? -9.943  8.897   0.551   1.00 47.37 ? 373 HOH A O   1 
HETATM 955 O O   . HOH F 5 .   ? 14.279  -3.018  1.026   1.00 46.87 ? 374 HOH A O   1 
HETATM 956 O O   . HOH F 5 .   ? -12.483 9.984   -7.345  1.00 37.68 ? 375 HOH A O   1 
HETATM 957 O O   . HOH F 5 .   ? 13.635  -3.152  -1.763  1.00 44.61 ? 376 HOH A O   1 
HETATM 958 O O   . HOH F 5 .   ? 10.437  7.592   -1.839  1.00 51.30 ? 377 HOH A O   1 
HETATM 959 O O   . HOH F 5 .   ? -4.866  16.889  -1.411  1.00 49.70 ? 378 HOH A O   1 
# 
